data_2C3G
# 
_entry.id   2C3G 
# 
_audit_conform.dict_name       mmcif_pdbx.dic 
_audit_conform.dict_version    5.391 
_audit_conform.dict_location   http://mmcif.pdb.org/dictionaries/ascii/mmcif_pdbx.dic 
# 
loop_
_database_2.database_id 
_database_2.database_code 
_database_2.pdbx_database_accession 
_database_2.pdbx_DOI 
PDB   2C3G         pdb_00002c3g 10.2210/pdb2c3g/pdb 
PDBE  EBI-25901    ?            ?                   
WWPDB D_1290025901 ?            ?                   
# 
loop_
_pdbx_audit_revision_history.ordinal 
_pdbx_audit_revision_history.data_content_type 
_pdbx_audit_revision_history.major_revision 
_pdbx_audit_revision_history.minor_revision 
_pdbx_audit_revision_history.revision_date 
1 'Structure model' 1 0 2005-10-17 
2 'Structure model' 1 1 2011-05-07 
3 'Structure model' 1 2 2011-07-13 
4 'Structure model' 1 3 2024-05-08 
# 
_pdbx_audit_revision_details.ordinal             1 
_pdbx_audit_revision_details.revision_ordinal    1 
_pdbx_audit_revision_details.data_content_type   'Structure model' 
_pdbx_audit_revision_details.provider            repository 
_pdbx_audit_revision_details.type                'Initial release' 
_pdbx_audit_revision_details.description         ? 
_pdbx_audit_revision_details.details             ? 
# 
loop_
_pdbx_audit_revision_group.ordinal 
_pdbx_audit_revision_group.revision_ordinal 
_pdbx_audit_revision_group.data_content_type 
_pdbx_audit_revision_group.group 
1 2 'Structure model' 'Version format compliance' 
2 3 'Structure model' 'Version format compliance' 
3 4 'Structure model' 'Data collection'           
4 4 'Structure model' 'Database references'       
5 4 'Structure model' 'Derived calculations'      
6 4 'Structure model' Other                       
# 
loop_
_pdbx_audit_revision_category.ordinal 
_pdbx_audit_revision_category.revision_ordinal 
_pdbx_audit_revision_category.data_content_type 
_pdbx_audit_revision_category.category 
1 4 'Structure model' chem_comp_atom         
2 4 'Structure model' chem_comp_bond         
3 4 'Structure model' database_2             
4 4 'Structure model' pdbx_database_status   
5 4 'Structure model' pdbx_struct_conn_angle 
6 4 'Structure model' struct_conn            
# 
loop_
_pdbx_audit_revision_item.ordinal 
_pdbx_audit_revision_item.revision_ordinal 
_pdbx_audit_revision_item.data_content_type 
_pdbx_audit_revision_item.item 
1  4 'Structure model' '_database_2.pdbx_DOI'                        
2  4 'Structure model' '_database_2.pdbx_database_accession'         
3  4 'Structure model' '_pdbx_database_status.status_code_sf'        
4  4 'Structure model' '_pdbx_struct_conn_angle.ptnr1_auth_comp_id'  
5  4 'Structure model' '_pdbx_struct_conn_angle.ptnr1_auth_seq_id'   
6  4 'Structure model' '_pdbx_struct_conn_angle.ptnr1_label_asym_id' 
7  4 'Structure model' '_pdbx_struct_conn_angle.ptnr1_label_atom_id' 
8  4 'Structure model' '_pdbx_struct_conn_angle.ptnr1_label_comp_id' 
9  4 'Structure model' '_pdbx_struct_conn_angle.ptnr1_label_seq_id'  
10 4 'Structure model' '_pdbx_struct_conn_angle.ptnr1_symmetry'      
11 4 'Structure model' '_pdbx_struct_conn_angle.ptnr2_auth_seq_id'   
12 4 'Structure model' '_pdbx_struct_conn_angle.ptnr2_label_asym_id' 
13 4 'Structure model' '_pdbx_struct_conn_angle.ptnr3_auth_comp_id'  
14 4 'Structure model' '_pdbx_struct_conn_angle.ptnr3_auth_seq_id'   
15 4 'Structure model' '_pdbx_struct_conn_angle.ptnr3_label_asym_id' 
16 4 'Structure model' '_pdbx_struct_conn_angle.ptnr3_label_atom_id' 
17 4 'Structure model' '_pdbx_struct_conn_angle.ptnr3_label_comp_id' 
18 4 'Structure model' '_pdbx_struct_conn_angle.ptnr3_label_seq_id'  
19 4 'Structure model' '_pdbx_struct_conn_angle.ptnr3_symmetry'      
20 4 'Structure model' '_pdbx_struct_conn_angle.value'               
21 4 'Structure model' '_struct_conn.pdbx_dist_value'                
22 4 'Structure model' '_struct_conn.ptnr1_auth_comp_id'             
23 4 'Structure model' '_struct_conn.ptnr1_auth_seq_id'              
24 4 'Structure model' '_struct_conn.ptnr1_label_asym_id'            
25 4 'Structure model' '_struct_conn.ptnr1_label_atom_id'            
26 4 'Structure model' '_struct_conn.ptnr1_label_comp_id'            
27 4 'Structure model' '_struct_conn.ptnr1_label_seq_id'             
28 4 'Structure model' '_struct_conn.ptnr1_symmetry'                 
29 4 'Structure model' '_struct_conn.ptnr2_auth_comp_id'             
30 4 'Structure model' '_struct_conn.ptnr2_auth_seq_id'              
31 4 'Structure model' '_struct_conn.ptnr2_label_asym_id'            
32 4 'Structure model' '_struct_conn.ptnr2_label_atom_id'            
33 4 'Structure model' '_struct_conn.ptnr2_label_comp_id'            
34 4 'Structure model' '_struct_conn.ptnr2_label_seq_id'             
35 4 'Structure model' '_struct_conn.ptnr2_symmetry'                 
# 
_pdbx_database_status.status_code                     REL 
_pdbx_database_status.entry_id                        2C3G 
_pdbx_database_status.deposit_site                    PDBE 
_pdbx_database_status.process_site                    PDBE 
_pdbx_database_status.SG_entry                        . 
_pdbx_database_status.recvd_initial_deposition_date   2005-10-07 
_pdbx_database_status.pdb_format_compatible           Y 
_pdbx_database_status.status_code_sf                  REL 
_pdbx_database_status.status_code_mr                  ? 
_pdbx_database_status.status_code_cs                  ? 
_pdbx_database_status.methods_development_category    ? 
_pdbx_database_status.status_code_nmr_data            ? 
# 
loop_
_pdbx_database_related.db_name 
_pdbx_database_related.db_id 
_pdbx_database_related.content_type 
_pdbx_database_related.details 
PDB 2C3H unspecified 'STRUCTURE OF CBM26 FROM BACILLUS HALODURANS AMYLASE IN COMPLEX WITH MALTOSE'                 
PDB 2C3V unspecified 'STRUCTURE OF IODINATED CBM25 FROM BACILLUS HALODURANS AMYLASE'                               
PDB 2C3W unspecified 'STRUCTURE OF CBM25 FROM BACILLUS HALODURANS AMYLASE IN COMPLEX WITH MALTOTETRAOSE'           
PDB 2C3X unspecified 'STRUCTURE OF IODINATED CBM25 FROM BACILLUS HALODURANS AMYLASE IN COMPLEX WITH MALTOTETRAOSE' 
# 
loop_
_audit_author.name 
_audit_author.pdbx_ordinal 
'Boraston, A.B.'          1 
'Healey, M.'              2 
'Klassen, J.'             3 
'Ficko-Blean, E.'         4 
'Lammerts Van Bueren, A.' 5 
'Law, V.'                 6 
# 
_citation.id                        primary 
_citation.title                     
;A Structural and Functional Analysis of Alpha-Glucan Recognition by Family 25 and 26 Carbohydrate-Binding Modules Reveals a Conserved Mode of Starch Recognition
;
_citation.journal_abbrev            J.Biol.Chem. 
_citation.journal_volume            281 
_citation.page_first                587 
_citation.page_last                 ? 
_citation.year                      2006 
_citation.journal_id_ASTM           JBCHA3 
_citation.country                   US 
_citation.journal_id_ISSN           0021-9258 
_citation.journal_id_CSD            0071 
_citation.book_publisher            ? 
_citation.pdbx_database_id_PubMed   16230347 
_citation.pdbx_database_id_DOI      10.1074/JBC.M509958200 
# 
loop_
_citation_author.citation_id 
_citation_author.name 
_citation_author.ordinal 
_citation_author.identifier_ORCID 
primary 'Boraston, A.B.'          1 ? 
primary 'Healey, M.'              2 ? 
primary 'Klassen, J.'             3 ? 
primary 'Ficko-Blean, E.'         4 ? 
primary 'Lammerts Van Bueren, A.' 5 ? 
primary 'Law, V.'                 6 ? 
# 
loop_
_entity.id 
_entity.type 
_entity.src_method 
_entity.pdbx_description 
_entity.formula_weight 
_entity.pdbx_number_of_molecules 
_entity.pdbx_ec 
_entity.pdbx_mutation 
_entity.pdbx_fragment 
_entity.details 
1 polymer     man 'ALPHA-AMYLASE G-6' 11463.400 1  ? ? 'CARBOHYDRATE-BINDING MODULE, RESIDUES 771-863' ? 
2 non-polymer syn 'CADMIUM ION'       112.411   4  ? ? ?                                               ? 
3 water       nat water               18.015    86 ? ? ?                                               ? 
# 
_entity_name_com.entity_id   1 
_entity_name_com.name        'FAMILY 26 CARBOHYDRATE-BINDING MODULE' 
# 
_entity_poly.entity_id                      1 
_entity_poly.type                           'polypeptide(L)' 
_entity_poly.nstd_linkage                   no 
_entity_poly.nstd_monomer                   no 
_entity_poly.pdbx_seq_one_letter_code       
;GHMASGLTIYFKKPDSWGTPHLYYYDTNPKVDEPTWSEAPEMEHYEGDWYTHTIEGVESVRLLFKDRGTNQWPGPGEPGF
FRDQDGWFDGEWHVDRPG
;
_entity_poly.pdbx_seq_one_letter_code_can   
;GHMASGLTIYFKKPDSWGTPHLYYYDTNPKVDEPTWSEAPEMEHYEGDWYTHTIEGVESVRLLFKDRGTNQWPGPGEPGF
FRDQDGWFDGEWHVDRPG
;
_entity_poly.pdbx_strand_id                 A 
_entity_poly.pdbx_target_identifier         ? 
# 
loop_
_pdbx_entity_nonpoly.entity_id 
_pdbx_entity_nonpoly.name 
_pdbx_entity_nonpoly.comp_id 
2 'CADMIUM ION' CD  
3 water         HOH 
# 
loop_
_entity_poly_seq.entity_id 
_entity_poly_seq.num 
_entity_poly_seq.mon_id 
_entity_poly_seq.hetero 
1 1  GLY n 
1 2  HIS n 
1 3  MET n 
1 4  ALA n 
1 5  SER n 
1 6  GLY n 
1 7  LEU n 
1 8  THR n 
1 9  ILE n 
1 10 TYR n 
1 11 PHE n 
1 12 LYS n 
1 13 LYS n 
1 14 PRO n 
1 15 ASP n 
1 16 SER n 
1 17 TRP n 
1 18 GLY n 
1 19 THR n 
1 20 PRO n 
1 21 HIS n 
1 22 LEU n 
1 23 TYR n 
1 24 TYR n 
1 25 TYR n 
1 26 ASP n 
1 27 THR n 
1 28 ASN n 
1 29 PRO n 
1 30 LYS n 
1 31 VAL n 
1 32 ASP n 
1 33 GLU n 
1 34 PRO n 
1 35 THR n 
1 36 TRP n 
1 37 SER n 
1 38 GLU n 
1 39 ALA n 
1 40 PRO n 
1 41 GLU n 
1 42 MET n 
1 43 GLU n 
1 44 HIS n 
1 45 TYR n 
1 46 GLU n 
1 47 GLY n 
1 48 ASP n 
1 49 TRP n 
1 50 TYR n 
1 51 THR n 
1 52 HIS n 
1 53 THR n 
1 54 ILE n 
1 55 GLU n 
1 56 GLY n 
1 57 VAL n 
1 58 GLU n 
1 59 SER n 
1 60 VAL n 
1 61 ARG n 
1 62 LEU n 
1 63 LEU n 
1 64 PHE n 
1 65 LYS n 
1 66 ASP n 
1 67 ARG n 
1 68 GLY n 
1 69 THR n 
1 70 ASN n 
1 71 GLN n 
1 72 TRP n 
1 73 PRO n 
1 74 GLY n 
1 75 PRO n 
1 76 GLY n 
1 77 GLU n 
1 78 PRO n 
1 79 GLY n 
1 80 PHE n 
1 81 PHE n 
1 82 ARG n 
1 83 ASP n 
1 84 GLN n 
1 85 ASP n 
1 86 GLY n 
1 87 TRP n 
1 88 PHE n 
1 89 ASP n 
1 90 GLY n 
1 91 GLU n 
1 92 TRP n 
1 93 HIS n 
1 94 VAL n 
1 95 ASP n 
1 96 ARG n 
1 97 PRO n 
1 98 GLY n 
# 
_entity_src_gen.entity_id                          1 
_entity_src_gen.pdbx_src_id                        1 
_entity_src_gen.pdbx_alt_source_flag               sample 
_entity_src_gen.pdbx_seq_type                      ? 
_entity_src_gen.pdbx_beg_seq_num                   ? 
_entity_src_gen.pdbx_end_seq_num                   ? 
_entity_src_gen.gene_src_common_name               ? 
_entity_src_gen.gene_src_genus                     ? 
_entity_src_gen.pdbx_gene_src_gene                 ? 
_entity_src_gen.gene_src_species                   ? 
_entity_src_gen.gene_src_strain                    C-125 
_entity_src_gen.gene_src_tissue                    ? 
_entity_src_gen.gene_src_tissue_fraction           ? 
_entity_src_gen.gene_src_details                   ? 
_entity_src_gen.pdbx_gene_src_fragment             ? 
_entity_src_gen.pdbx_gene_src_scientific_name      'BACILLUS HALODURANS' 
_entity_src_gen.pdbx_gene_src_ncbi_taxonomy_id     272558 
_entity_src_gen.pdbx_gene_src_variant              ? 
_entity_src_gen.pdbx_gene_src_cell_line            ? 
_entity_src_gen.pdbx_gene_src_atcc                 BAA-125 
_entity_src_gen.pdbx_gene_src_organ                ? 
_entity_src_gen.pdbx_gene_src_organelle            ? 
_entity_src_gen.pdbx_gene_src_cell                 ? 
_entity_src_gen.pdbx_gene_src_cellular_location    ? 
_entity_src_gen.host_org_common_name               ? 
_entity_src_gen.pdbx_host_org_scientific_name      'ESCHERICHIA COLI' 
_entity_src_gen.pdbx_host_org_ncbi_taxonomy_id     469008 
_entity_src_gen.host_org_genus                     ? 
_entity_src_gen.pdbx_host_org_gene                 ? 
_entity_src_gen.pdbx_host_org_organ                ? 
_entity_src_gen.host_org_species                   ? 
_entity_src_gen.pdbx_host_org_tissue               ? 
_entity_src_gen.pdbx_host_org_tissue_fraction      ? 
_entity_src_gen.pdbx_host_org_strain               'BL21(DE3)' 
_entity_src_gen.pdbx_host_org_variant              ? 
_entity_src_gen.pdbx_host_org_cell_line            ? 
_entity_src_gen.pdbx_host_org_atcc                 ? 
_entity_src_gen.pdbx_host_org_culture_collection   ? 
_entity_src_gen.pdbx_host_org_cell                 ? 
_entity_src_gen.pdbx_host_org_organelle            ? 
_entity_src_gen.pdbx_host_org_cellular_location    ? 
_entity_src_gen.pdbx_host_org_vector_type          ? 
_entity_src_gen.pdbx_host_org_vector               'PET 28A' 
_entity_src_gen.host_org_details                   ? 
_entity_src_gen.expression_system_id               ? 
_entity_src_gen.plasmid_name                       PET-BHCBM6 
_entity_src_gen.plasmid_details                    ? 
_entity_src_gen.pdbx_description                   ? 
# 
loop_
_chem_comp.id 
_chem_comp.type 
_chem_comp.mon_nstd_flag 
_chem_comp.name 
_chem_comp.pdbx_synonyms 
_chem_comp.formula 
_chem_comp.formula_weight 
ALA 'L-peptide linking' y ALANINE         ? 'C3 H7 N O2'     89.093  
ARG 'L-peptide linking' y ARGININE        ? 'C6 H15 N4 O2 1' 175.209 
ASN 'L-peptide linking' y ASPARAGINE      ? 'C4 H8 N2 O3'    132.118 
ASP 'L-peptide linking' y 'ASPARTIC ACID' ? 'C4 H7 N O4'     133.103 
CD  non-polymer         . 'CADMIUM ION'   ? 'Cd 2'           112.411 
GLN 'L-peptide linking' y GLUTAMINE       ? 'C5 H10 N2 O3'   146.144 
GLU 'L-peptide linking' y 'GLUTAMIC ACID' ? 'C5 H9 N O4'     147.129 
GLY 'peptide linking'   y GLYCINE         ? 'C2 H5 N O2'     75.067  
HIS 'L-peptide linking' y HISTIDINE       ? 'C6 H10 N3 O2 1' 156.162 
HOH non-polymer         . WATER           ? 'H2 O'           18.015  
ILE 'L-peptide linking' y ISOLEUCINE      ? 'C6 H13 N O2'    131.173 
LEU 'L-peptide linking' y LEUCINE         ? 'C6 H13 N O2'    131.173 
LYS 'L-peptide linking' y LYSINE          ? 'C6 H15 N2 O2 1' 147.195 
MET 'L-peptide linking' y METHIONINE      ? 'C5 H11 N O2 S'  149.211 
PHE 'L-peptide linking' y PHENYLALANINE   ? 'C9 H11 N O2'    165.189 
PRO 'L-peptide linking' y PROLINE         ? 'C5 H9 N O2'     115.130 
SER 'L-peptide linking' y SERINE          ? 'C3 H7 N O3'     105.093 
THR 'L-peptide linking' y THREONINE       ? 'C4 H9 N O3'     119.119 
TRP 'L-peptide linking' y TRYPTOPHAN      ? 'C11 H12 N2 O2'  204.225 
TYR 'L-peptide linking' y TYROSINE        ? 'C9 H11 N O3'    181.189 
VAL 'L-peptide linking' y VALINE          ? 'C5 H11 N O2'    117.146 
# 
loop_
_pdbx_poly_seq_scheme.asym_id 
_pdbx_poly_seq_scheme.entity_id 
_pdbx_poly_seq_scheme.seq_id 
_pdbx_poly_seq_scheme.mon_id 
_pdbx_poly_seq_scheme.ndb_seq_num 
_pdbx_poly_seq_scheme.pdb_seq_num 
_pdbx_poly_seq_scheme.auth_seq_num 
_pdbx_poly_seq_scheme.pdb_mon_id 
_pdbx_poly_seq_scheme.auth_mon_id 
_pdbx_poly_seq_scheme.pdb_strand_id 
_pdbx_poly_seq_scheme.pdb_ins_code 
_pdbx_poly_seq_scheme.hetero 
A 1 1  GLY 1  1  1  GLY GLY A . n 
A 1 2  HIS 2  2  2  HIS HIS A . n 
A 1 3  MET 3  3  3  MET MET A . n 
A 1 4  ALA 4  4  4  ALA ALA A . n 
A 1 5  SER 5  5  5  SER SER A . n 
A 1 6  GLY 6  6  6  GLY GLY A . n 
A 1 7  LEU 7  7  7  LEU LEU A . n 
A 1 8  THR 8  8  8  THR THR A . n 
A 1 9  ILE 9  9  9  ILE ILE A . n 
A 1 10 TYR 10 10 10 TYR TYR A . n 
A 1 11 PHE 11 11 11 PHE PHE A . n 
A 1 12 LYS 12 12 12 LYS LYS A . n 
A 1 13 LYS 13 13 13 LYS LYS A . n 
A 1 14 PRO 14 14 14 PRO PRO A . n 
A 1 15 ASP 15 15 15 ASP ASP A . n 
A 1 16 SER 16 16 16 SER SER A . n 
A 1 17 TRP 17 17 17 TRP TRP A . n 
A 1 18 GLY 18 18 18 GLY GLY A . n 
A 1 19 THR 19 19 19 THR THR A . n 
A 1 20 PRO 20 20 20 PRO PRO A . n 
A 1 21 HIS 21 21 21 HIS HIS A . n 
A 1 22 LEU 22 22 22 LEU LEU A . n 
A 1 23 TYR 23 23 23 TYR TYR A . n 
A 1 24 TYR 24 24 24 TYR TYR A . n 
A 1 25 TYR 25 25 25 TYR TYR A . n 
A 1 26 ASP 26 26 26 ASP ASP A . n 
A 1 27 THR 27 27 27 THR THR A . n 
A 1 28 ASN 28 28 28 ASN ASN A . n 
A 1 29 PRO 29 29 29 PRO PRO A . n 
A 1 30 LYS 30 30 30 LYS LYS A . n 
A 1 31 VAL 31 31 31 VAL VAL A . n 
A 1 32 ASP 32 32 32 ASP ASP A . n 
A 1 33 GLU 33 33 33 GLU GLU A . n 
A 1 34 PRO 34 34 34 PRO PRO A . n 
A 1 35 THR 35 35 35 THR THR A . n 
A 1 36 TRP 36 36 36 TRP TRP A . n 
A 1 37 SER 37 37 37 SER SER A . n 
A 1 38 GLU 38 38 38 GLU GLU A . n 
A 1 39 ALA 39 39 39 ALA ALA A . n 
A 1 40 PRO 40 40 40 PRO PRO A . n 
A 1 41 GLU 41 41 41 GLU GLU A . n 
A 1 42 MET 42 42 42 MET MET A . n 
A 1 43 GLU 43 43 43 GLU GLU A . n 
A 1 44 HIS 44 44 44 HIS HIS A . n 
A 1 45 TYR 45 45 45 TYR TYR A . n 
A 1 46 GLU 46 46 46 GLU GLU A . n 
A 1 47 GLY 47 47 47 GLY GLY A . n 
A 1 48 ASP 48 48 48 ASP ASP A . n 
A 1 49 TRP 49 49 49 TRP TRP A . n 
A 1 50 TYR 50 50 50 TYR TYR A . n 
A 1 51 THR 51 51 51 THR THR A . n 
A 1 52 HIS 52 52 52 HIS HIS A . n 
A 1 53 THR 53 53 53 THR THR A . n 
A 1 54 ILE 54 54 54 ILE ILE A . n 
A 1 55 GLU 55 55 55 GLU GLU A . n 
A 1 56 GLY 56 56 56 GLY GLY A . n 
A 1 57 VAL 57 57 57 VAL VAL A . n 
A 1 58 GLU 58 58 58 GLU GLU A . n 
A 1 59 SER 59 59 59 SER SER A . n 
A 1 60 VAL 60 60 60 VAL VAL A . n 
A 1 61 ARG 61 61 61 ARG ARG A . n 
A 1 62 LEU 62 62 62 LEU LEU A . n 
A 1 63 LEU 63 63 63 LEU LEU A . n 
A 1 64 PHE 64 64 64 PHE PHE A . n 
A 1 65 LYS 65 65 65 LYS LYS A . n 
A 1 66 ASP 66 66 66 ASP ASP A . n 
A 1 67 ARG 67 67 67 ARG ARG A . n 
A 1 68 GLY 68 68 68 GLY GLY A . n 
A 1 69 THR 69 69 69 THR THR A . n 
A 1 70 ASN 70 70 70 ASN ASN A . n 
A 1 71 GLN 71 71 71 GLN GLN A . n 
A 1 72 TRP 72 72 72 TRP TRP A . n 
A 1 73 PRO 73 73 73 PRO PRO A . n 
A 1 74 GLY 74 74 74 GLY GLY A . n 
A 1 75 PRO 75 75 75 PRO PRO A . n 
A 1 76 GLY 76 76 76 GLY GLY A . n 
A 1 77 GLU 77 77 77 GLU GLU A . n 
A 1 78 PRO 78 78 78 PRO PRO A . n 
A 1 79 GLY 79 79 79 GLY GLY A . n 
A 1 80 PHE 80 80 80 PHE PHE A . n 
A 1 81 PHE 81 81 81 PHE PHE A . n 
A 1 82 ARG 82 82 82 ARG ARG A . n 
A 1 83 ASP 83 83 83 ASP ASP A . n 
A 1 84 GLN 84 84 84 GLN GLN A . n 
A 1 85 ASP 85 85 85 ASP ASP A . n 
A 1 86 GLY 86 86 86 GLY GLY A . n 
A 1 87 TRP 87 87 87 TRP TRP A . n 
A 1 88 PHE 88 88 88 PHE PHE A . n 
A 1 89 ASP 89 89 89 ASP ASP A . n 
A 1 90 GLY 90 90 90 GLY GLY A . n 
A 1 91 GLU 91 91 91 GLU GLU A . n 
A 1 92 TRP 92 92 92 TRP TRP A . n 
A 1 93 HIS 93 93 93 HIS HIS A . n 
A 1 94 VAL 94 94 94 VAL VAL A . n 
A 1 95 ASP 95 95 95 ASP ASP A . n 
A 1 96 ARG 96 96 96 ARG ARG A . n 
A 1 97 PRO 97 97 97 PRO PRO A . n 
A 1 98 GLY 98 98 98 GLY GLY A . n 
# 
loop_
_pdbx_nonpoly_scheme.asym_id 
_pdbx_nonpoly_scheme.entity_id 
_pdbx_nonpoly_scheme.mon_id 
_pdbx_nonpoly_scheme.ndb_seq_num 
_pdbx_nonpoly_scheme.pdb_seq_num 
_pdbx_nonpoly_scheme.auth_seq_num 
_pdbx_nonpoly_scheme.pdb_mon_id 
_pdbx_nonpoly_scheme.auth_mon_id 
_pdbx_nonpoly_scheme.pdb_strand_id 
_pdbx_nonpoly_scheme.pdb_ins_code 
B 2 CD  1  1099 1099 CD  CD  A . 
C 2 CD  1  1100 1100 CD  CD  A . 
D 2 CD  1  1101 1101 CD  CD  A . 
E 2 CD  1  1102 1102 CD  CD  A . 
F 3 HOH 1  2001 2001 HOH HOH A . 
F 3 HOH 2  2002 2002 HOH HOH A . 
F 3 HOH 3  2003 2003 HOH HOH A . 
F 3 HOH 4  2004 2004 HOH HOH A . 
F 3 HOH 5  2005 2005 HOH HOH A . 
F 3 HOH 6  2006 2006 HOH HOH A . 
F 3 HOH 7  2007 2007 HOH HOH A . 
F 3 HOH 8  2008 2008 HOH HOH A . 
F 3 HOH 9  2009 2009 HOH HOH A . 
F 3 HOH 10 2010 2010 HOH HOH A . 
F 3 HOH 11 2011 2011 HOH HOH A . 
F 3 HOH 12 2012 2012 HOH HOH A . 
F 3 HOH 13 2013 2013 HOH HOH A . 
F 3 HOH 14 2014 2014 HOH HOH A . 
F 3 HOH 15 2015 2015 HOH HOH A . 
F 3 HOH 16 2016 2016 HOH HOH A . 
F 3 HOH 17 2017 2017 HOH HOH A . 
F 3 HOH 18 2018 2018 HOH HOH A . 
F 3 HOH 19 2019 2019 HOH HOH A . 
F 3 HOH 20 2020 2020 HOH HOH A . 
F 3 HOH 21 2021 2021 HOH HOH A . 
F 3 HOH 22 2022 2022 HOH HOH A . 
F 3 HOH 23 2023 2023 HOH HOH A . 
F 3 HOH 24 2024 2024 HOH HOH A . 
F 3 HOH 25 2025 2025 HOH HOH A . 
F 3 HOH 26 2026 2026 HOH HOH A . 
F 3 HOH 27 2027 2027 HOH HOH A . 
F 3 HOH 28 2028 2028 HOH HOH A . 
F 3 HOH 29 2029 2029 HOH HOH A . 
F 3 HOH 30 2030 2030 HOH HOH A . 
F 3 HOH 31 2031 2031 HOH HOH A . 
F 3 HOH 32 2032 2032 HOH HOH A . 
F 3 HOH 33 2033 2033 HOH HOH A . 
F 3 HOH 34 2034 2034 HOH HOH A . 
F 3 HOH 35 2035 2035 HOH HOH A . 
F 3 HOH 36 2036 2036 HOH HOH A . 
F 3 HOH 37 2037 2037 HOH HOH A . 
F 3 HOH 38 2038 2038 HOH HOH A . 
F 3 HOH 39 2039 2039 HOH HOH A . 
F 3 HOH 40 2040 2040 HOH HOH A . 
F 3 HOH 41 2041 2041 HOH HOH A . 
F 3 HOH 42 2042 2042 HOH HOH A . 
F 3 HOH 43 2043 2043 HOH HOH A . 
F 3 HOH 44 2044 2044 HOH HOH A . 
F 3 HOH 45 2045 2045 HOH HOH A . 
F 3 HOH 46 2046 2046 HOH HOH A . 
F 3 HOH 47 2047 2047 HOH HOH A . 
F 3 HOH 48 2048 2048 HOH HOH A . 
F 3 HOH 49 2049 2049 HOH HOH A . 
F 3 HOH 50 2050 2050 HOH HOH A . 
F 3 HOH 51 2051 2051 HOH HOH A . 
F 3 HOH 52 2052 2052 HOH HOH A . 
F 3 HOH 53 2053 2053 HOH HOH A . 
F 3 HOH 54 2054 2054 HOH HOH A . 
F 3 HOH 55 2055 2055 HOH HOH A . 
F 3 HOH 56 2056 2056 HOH HOH A . 
F 3 HOH 57 2057 2057 HOH HOH A . 
F 3 HOH 58 2058 2058 HOH HOH A . 
F 3 HOH 59 2059 2059 HOH HOH A . 
F 3 HOH 60 2060 2060 HOH HOH A . 
F 3 HOH 61 2061 2061 HOH HOH A . 
F 3 HOH 62 2062 2062 HOH HOH A . 
F 3 HOH 63 2063 2063 HOH HOH A . 
F 3 HOH 64 2064 2064 HOH HOH A . 
F 3 HOH 65 2065 2065 HOH HOH A . 
F 3 HOH 66 2066 2066 HOH HOH A . 
F 3 HOH 67 2067 2067 HOH HOH A . 
F 3 HOH 68 2068 2068 HOH HOH A . 
F 3 HOH 69 2069 2069 HOH HOH A . 
F 3 HOH 70 2070 2070 HOH HOH A . 
F 3 HOH 71 2071 2071 HOH HOH A . 
F 3 HOH 72 2072 2072 HOH HOH A . 
F 3 HOH 73 2073 2073 HOH HOH A . 
F 3 HOH 74 2074 2074 HOH HOH A . 
F 3 HOH 75 2075 2075 HOH HOH A . 
F 3 HOH 76 2076 2076 HOH HOH A . 
F 3 HOH 77 2077 2077 HOH HOH A . 
F 3 HOH 78 2078 2078 HOH HOH A . 
F 3 HOH 79 2079 2079 HOH HOH A . 
F 3 HOH 80 2080 2080 HOH HOH A . 
F 3 HOH 81 2081 2081 HOH HOH A . 
F 3 HOH 82 2082 2082 HOH HOH A . 
F 3 HOH 83 2083 2083 HOH HOH A . 
F 3 HOH 84 2084 2084 HOH HOH A . 
F 3 HOH 85 2085 2085 HOH HOH A . 
F 3 HOH 86 2086 2086 HOH HOH A . 
# 
_pdbx_unobs_or_zero_occ_atoms.id               1 
_pdbx_unobs_or_zero_occ_atoms.PDB_model_num    1 
_pdbx_unobs_or_zero_occ_atoms.polymer_flag     Y 
_pdbx_unobs_or_zero_occ_atoms.occupancy_flag   0 
_pdbx_unobs_or_zero_occ_atoms.auth_asym_id     A 
_pdbx_unobs_or_zero_occ_atoms.auth_comp_id     THR 
_pdbx_unobs_or_zero_occ_atoms.auth_seq_id      69 
_pdbx_unobs_or_zero_occ_atoms.PDB_ins_code     ? 
_pdbx_unobs_or_zero_occ_atoms.auth_atom_id     O 
_pdbx_unobs_or_zero_occ_atoms.label_alt_id     ? 
_pdbx_unobs_or_zero_occ_atoms.label_asym_id    A 
_pdbx_unobs_or_zero_occ_atoms.label_comp_id    THR 
_pdbx_unobs_or_zero_occ_atoms.label_seq_id     69 
_pdbx_unobs_or_zero_occ_atoms.label_atom_id    O 
# 
_software.name             REFMAC 
_software.classification   refinement 
_software.version          5.1.24 
_software.citation_id      ? 
_software.pdbx_ordinal     1 
# 
_cell.entry_id           2C3G 
_cell.length_a           49.286 
_cell.length_b           49.286 
_cell.length_c           86.760 
_cell.angle_alpha        90.00 
_cell.angle_beta         90.00 
_cell.angle_gamma        90.00 
_cell.Z_PDB              8 
_cell.pdbx_unique_axis   ? 
# 
_symmetry.entry_id                         2C3G 
_symmetry.space_group_name_H-M             'P 42 21 2' 
_symmetry.pdbx_full_space_group_name_H-M   ? 
_symmetry.cell_setting                     ? 
_symmetry.Int_Tables_number                94 
# 
_exptl.entry_id          2C3G 
_exptl.method            'X-RAY DIFFRACTION' 
_exptl.crystals_number   1 
# 
_exptl_crystal.id                    1 
_exptl_crystal.density_meas          ? 
_exptl_crystal.density_Matthews      2.07 
_exptl_crystal.density_percent_sol   40.12 
_exptl_crystal.description           ? 
# 
_diffrn.id                     1 
_diffrn.ambient_temp           113.0 
_diffrn.ambient_temp_details   ? 
_diffrn.crystal_id             1 
# 
_diffrn_radiation.diffrn_id                        1 
_diffrn_radiation.wavelength_id                    1 
_diffrn_radiation.pdbx_monochromatic_or_laue_m_l   M 
_diffrn_radiation.monochromator                    ? 
_diffrn_radiation.pdbx_diffrn_protocol             'SINGLE WAVELENGTH' 
_diffrn_radiation.pdbx_scattering_type             x-ray 
# 
_diffrn_radiation_wavelength.id           1 
_diffrn_radiation_wavelength.wavelength   1.5418 
_diffrn_radiation_wavelength.wt           1.0 
# 
_diffrn_source.diffrn_id                   1 
_diffrn_source.source                      'ROTATING ANODE' 
_diffrn_source.type                        ? 
_diffrn_source.pdbx_synchrotron_site       ? 
_diffrn_source.pdbx_synchrotron_beamline   ? 
_diffrn_source.pdbx_wavelength             1.5418 
_diffrn_source.pdbx_wavelength_list        ? 
# 
_reflns.pdbx_diffrn_id               1 
_reflns.pdbx_ordinal                 1 
_reflns.entry_id                     2C3G 
_reflns.observed_criterion_sigma_I   2.000 
_reflns.observed_criterion_sigma_F   ? 
_reflns.d_resolution_low             20.000 
_reflns.d_resolution_high            2.000 
_reflns.number_obs                   7536 
_reflns.number_all                   ? 
_reflns.percent_possible_obs         97.3 
_reflns.pdbx_Rmerge_I_obs            0.12000 
_reflns.pdbx_Rsym_value              ? 
_reflns.pdbx_netI_over_sigmaI        9.4000 
_reflns.B_iso_Wilson_estimate        ? 
_reflns.pdbx_redundancy              5.500 
# 
_refine.pdbx_refine_id                           'X-RAY DIFFRACTION' 
_refine.entry_id                                 2C3G 
_refine.pdbx_diffrn_id                           1 
_refine.pdbx_TLS_residual_ADP_flag               ? 
_refine.ls_number_reflns_obs                     7356 
_refine.ls_number_reflns_all                     ? 
_refine.pdbx_ls_sigma_I                          ? 
_refine.pdbx_ls_sigma_F                          ? 
_refine.pdbx_data_cutoff_high_absF               ? 
_refine.pdbx_data_cutoff_low_absF                ? 
_refine.pdbx_data_cutoff_high_rms_absF           ? 
_refine.ls_d_res_low                             20.00 
_refine.ls_d_res_high                            2.00 
_refine.ls_percent_reflns_obs                    100.0 
_refine.ls_R_factor_obs                          0.230 
_refine.ls_R_factor_all                          ? 
_refine.ls_R_factor_R_work                       0.226 
_refine.ls_R_factor_R_free                       0.302 
_refine.ls_R_factor_R_free_error                 ? 
_refine.ls_R_factor_R_free_error_details         ? 
_refine.ls_percent_reflns_R_free                 4.600 
_refine.ls_number_reflns_R_free                  354 
_refine.ls_number_parameters                     ? 
_refine.ls_number_restraints                     ? 
_refine.occupancy_min                            ? 
_refine.occupancy_max                            ? 
_refine.correlation_coeff_Fo_to_Fc               0.928 
_refine.correlation_coeff_Fo_to_Fc_free          0.871 
_refine.B_iso_mean                               26.30 
_refine.aniso_B[1][1]                            -0.99000 
_refine.aniso_B[2][2]                            -0.99000 
_refine.aniso_B[3][3]                            1.97000 
_refine.aniso_B[1][2]                            0.00000 
_refine.aniso_B[1][3]                            0.00000 
_refine.aniso_B[2][3]                            0.00000 
_refine.solvent_model_details                    'BABINET MODEL WITH MASK' 
_refine.solvent_model_param_ksol                 ? 
_refine.solvent_model_param_bsol                 ? 
_refine.pdbx_solvent_vdw_probe_radii             1.40 
_refine.pdbx_solvent_ion_probe_radii             0.80 
_refine.pdbx_solvent_shrinkage_radii             0.80 
_refine.pdbx_ls_cross_valid_method               THROUGHOUT 
_refine.details                                  'HYDROGENS HAVE BEEN ADDED IN THE RIDING POSITIONS.' 
_refine.pdbx_starting_model                      ? 
_refine.pdbx_method_to_determine_struct          OTHER 
_refine.pdbx_isotropic_thermal_model             ? 
_refine.pdbx_stereochemistry_target_values       'MAXIMUM LIKELIHOOD' 
_refine.pdbx_stereochem_target_val_spec_case     ? 
_refine.pdbx_R_Free_selection_details            RANDOM 
_refine.pdbx_overall_ESU_R                       0.227 
_refine.pdbx_overall_ESU_R_Free                  0.215 
_refine.overall_SU_ML                            0.185 
_refine.pdbx_overall_phase_error                 ? 
_refine.overall_SU_B                             7.016 
_refine.overall_SU_R_Cruickshank_DPI             ? 
_refine.pdbx_overall_SU_R_free_Cruickshank_DPI   ? 
_refine.pdbx_overall_SU_R_Blow_DPI               ? 
_refine.pdbx_overall_SU_R_free_Blow_DPI          ? 
# 
_refine_hist.pdbx_refine_id                   'X-RAY DIFFRACTION' 
_refine_hist.cycle_id                         LAST 
_refine_hist.pdbx_number_atoms_protein        814 
_refine_hist.pdbx_number_atoms_nucleic_acid   0 
_refine_hist.pdbx_number_atoms_ligand         4 
_refine_hist.number_atoms_solvent             86 
_refine_hist.number_atoms_total               904 
_refine_hist.d_res_high                       2.00 
_refine_hist.d_res_low                        20.00 
# 
loop_
_refine_ls_restr.type 
_refine_ls_restr.dev_ideal 
_refine_ls_restr.dev_ideal_target 
_refine_ls_restr.weight 
_refine_ls_restr.number 
_refine_ls_restr.pdbx_refine_id 
_refine_ls_restr.pdbx_restraint_function 
r_bond_refined_d             0.013  0.021 ? 855  'X-RAY DIFFRACTION' ? 
r_bond_other_d               ?      ?     ? ?    'X-RAY DIFFRACTION' ? 
r_angle_refined_deg          1.870  1.901 ? 1169 'X-RAY DIFFRACTION' ? 
r_angle_other_deg            ?      ?     ? ?    'X-RAY DIFFRACTION' ? 
r_dihedral_angle_1_deg       10.690 5.000 ? 99   'X-RAY DIFFRACTION' ? 
r_dihedral_angle_2_deg       ?      ?     ? ?    'X-RAY DIFFRACTION' ? 
r_dihedral_angle_3_deg       ?      ?     ? ?    'X-RAY DIFFRACTION' ? 
r_dihedral_angle_4_deg       ?      ?     ? ?    'X-RAY DIFFRACTION' ? 
r_chiral_restr               0.195  0.200 ? 104  'X-RAY DIFFRACTION' ? 
r_gen_planes_refined         0.006  0.020 ? 709  'X-RAY DIFFRACTION' ? 
r_gen_planes_other           ?      ?     ? ?    'X-RAY DIFFRACTION' ? 
r_nbd_refined                0.227  0.200 ? 401  'X-RAY DIFFRACTION' ? 
r_nbd_other                  ?      ?     ? ?    'X-RAY DIFFRACTION' ? 
r_nbtor_refined              ?      ?     ? ?    'X-RAY DIFFRACTION' ? 
r_nbtor_other                ?      ?     ? ?    'X-RAY DIFFRACTION' ? 
r_xyhbond_nbd_refined        0.239  0.200 ? 61   'X-RAY DIFFRACTION' ? 
r_xyhbond_nbd_other          ?      ?     ? ?    'X-RAY DIFFRACTION' ? 
r_metal_ion_refined          ?      ?     ? ?    'X-RAY DIFFRACTION' ? 
r_metal_ion_other            ?      ?     ? ?    'X-RAY DIFFRACTION' ? 
r_symmetry_vdw_refined       0.329  0.200 ? 28   'X-RAY DIFFRACTION' ? 
r_symmetry_vdw_other         ?      ?     ? ?    'X-RAY DIFFRACTION' ? 
r_symmetry_hbond_refined     0.222  0.200 ? 11   'X-RAY DIFFRACTION' ? 
r_symmetry_hbond_other       ?      ?     ? ?    'X-RAY DIFFRACTION' ? 
r_symmetry_metal_ion_refined ?      ?     ? ?    'X-RAY DIFFRACTION' ? 
r_symmetry_metal_ion_other   ?      ?     ? ?    'X-RAY DIFFRACTION' ? 
r_mcbond_it                  0.748  1.500 ? 488  'X-RAY DIFFRACTION' ? 
r_mcbond_other               ?      ?     ? ?    'X-RAY DIFFRACTION' ? 
r_mcangle_it                 1.323  2.000 ? 787  'X-RAY DIFFRACTION' ? 
r_mcangle_other              ?      ?     ? ?    'X-RAY DIFFRACTION' ? 
r_scbond_it                  1.863  3.000 ? 367  'X-RAY DIFFRACTION' ? 
r_scbond_other               ?      ?     ? ?    'X-RAY DIFFRACTION' ? 
r_scangle_it                 2.688  4.500 ? 381  'X-RAY DIFFRACTION' ? 
r_scangle_other              ?      ?     ? ?    'X-RAY DIFFRACTION' ? 
r_long_range_B_refined       ?      ?     ? ?    'X-RAY DIFFRACTION' ? 
r_long_range_B_other         ?      ?     ? ?    'X-RAY DIFFRACTION' ? 
r_rigid_bond_restr           ?      ?     ? ?    'X-RAY DIFFRACTION' ? 
r_sphericity_free            ?      ?     ? ?    'X-RAY DIFFRACTION' ? 
r_sphericity_bonded          ?      ?     ? ?    'X-RAY DIFFRACTION' ? 
# 
_refine_ls_shell.pdbx_refine_id                   'X-RAY DIFFRACTION' 
_refine_ls_shell.pdbx_total_number_of_bins_used   20 
_refine_ls_shell.d_res_high                       2.00 
_refine_ls_shell.d_res_low                        2.05 
_refine_ls_shell.number_reflns_R_work             543 
_refine_ls_shell.R_factor_R_work                  0.2750 
_refine_ls_shell.percent_reflns_obs               ? 
_refine_ls_shell.R_factor_R_free                  0.2860 
_refine_ls_shell.R_factor_R_free_error            ? 
_refine_ls_shell.percent_reflns_R_free            ? 
_refine_ls_shell.number_reflns_R_free             19 
_refine_ls_shell.number_reflns_all                ? 
_refine_ls_shell.R_factor_all                     ? 
# 
_struct.entry_id                  2C3G 
_struct.title                     'Structure of CBM26 from Bacillus halodurans amylase' 
_struct.pdbx_model_details        ? 
_struct.pdbx_CASP_flag            ? 
_struct.pdbx_model_type_details   ? 
# 
_struct_keywords.entry_id        2C3G 
_struct_keywords.pdbx_keywords   'CARBOHYDRATE-BINDING MODULE' 
_struct_keywords.text            
'CARBOHYDRATE-BINDING MODULE, STARCH BINDING, CARBOHYDRATE BINDING, GLYCOSIDE HYDROLASE, AMYLOSE, AMYLOPECTIN, MALTO-OLIGOSACCHARIDE' 
# 
loop_
_struct_asym.id 
_struct_asym.pdbx_blank_PDB_chainid_flag 
_struct_asym.pdbx_modified 
_struct_asym.entity_id 
_struct_asym.details 
A N N 1 ? 
B N N 2 ? 
C N N 2 ? 
D N N 2 ? 
E N N 2 ? 
F N N 3 ? 
# 
loop_
_struct_ref.id 
_struct_ref.db_name 
_struct_ref.db_code 
_struct_ref.entity_id 
_struct_ref.pdbx_seq_one_letter_code 
_struct_ref.pdbx_align_begin 
_struct_ref.pdbx_db_accession 
_struct_ref.pdbx_db_isoform 
1 PDB 2C3G         1 ? ? 2C3G   ? 
2 UNP Q9KFR4_BACHD 1 ? ? Q9KFR4 ? 
# 
loop_
_struct_ref_seq.align_id 
_struct_ref_seq.ref_id 
_struct_ref_seq.pdbx_PDB_id_code 
_struct_ref_seq.pdbx_strand_id 
_struct_ref_seq.seq_align_beg 
_struct_ref_seq.pdbx_seq_align_beg_ins_code 
_struct_ref_seq.seq_align_end 
_struct_ref_seq.pdbx_seq_align_end_ins_code 
_struct_ref_seq.pdbx_db_accession 
_struct_ref_seq.db_align_beg 
_struct_ref_seq.pdbx_db_align_beg_ins_code 
_struct_ref_seq.db_align_end 
_struct_ref_seq.pdbx_db_align_end_ins_code 
_struct_ref_seq.pdbx_auth_seq_align_beg 
_struct_ref_seq.pdbx_auth_seq_align_end 
1 1 2C3G A 1 ? 5  ? 2C3G   1   ? 5   ? 1 5  
2 2 2C3G A 6 ? 98 ? Q9KFR4 771 ? 863 ? 6 98 
# 
_pdbx_struct_assembly.id                   1 
_pdbx_struct_assembly.details              author_and_software_defined_assembly 
_pdbx_struct_assembly.method_details       PQS 
_pdbx_struct_assembly.oligomeric_details   monomeric 
_pdbx_struct_assembly.oligomeric_count     1 
# 
_pdbx_struct_assembly_gen.assembly_id       1 
_pdbx_struct_assembly_gen.oper_expression   1 
_pdbx_struct_assembly_gen.asym_id_list      A,B,C,D,E,F 
# 
_pdbx_struct_oper_list.id                   1 
_pdbx_struct_oper_list.type                 'identity operation' 
_pdbx_struct_oper_list.name                 1_555 
_pdbx_struct_oper_list.symmetry_operation   x,y,z 
_pdbx_struct_oper_list.matrix[1][1]         1.0000000000 
_pdbx_struct_oper_list.matrix[1][2]         0.0000000000 
_pdbx_struct_oper_list.matrix[1][3]         0.0000000000 
_pdbx_struct_oper_list.vector[1]            0.0000000000 
_pdbx_struct_oper_list.matrix[2][1]         0.0000000000 
_pdbx_struct_oper_list.matrix[2][2]         1.0000000000 
_pdbx_struct_oper_list.matrix[2][3]         0.0000000000 
_pdbx_struct_oper_list.vector[2]            0.0000000000 
_pdbx_struct_oper_list.matrix[3][1]         0.0000000000 
_pdbx_struct_oper_list.matrix[3][2]         0.0000000000 
_pdbx_struct_oper_list.matrix[3][3]         1.0000000000 
_pdbx_struct_oper_list.vector[3]            0.0000000000 
# 
_struct_biol.id   1 
# 
loop_
_struct_conn.id 
_struct_conn.conn_type_id 
_struct_conn.pdbx_leaving_atom_flag 
_struct_conn.pdbx_PDB_id 
_struct_conn.ptnr1_label_asym_id 
_struct_conn.ptnr1_label_comp_id 
_struct_conn.ptnr1_label_seq_id 
_struct_conn.ptnr1_label_atom_id 
_struct_conn.pdbx_ptnr1_label_alt_id 
_struct_conn.pdbx_ptnr1_PDB_ins_code 
_struct_conn.pdbx_ptnr1_standard_comp_id 
_struct_conn.ptnr1_symmetry 
_struct_conn.ptnr2_label_asym_id 
_struct_conn.ptnr2_label_comp_id 
_struct_conn.ptnr2_label_seq_id 
_struct_conn.ptnr2_label_atom_id 
_struct_conn.pdbx_ptnr2_label_alt_id 
_struct_conn.pdbx_ptnr2_PDB_ins_code 
_struct_conn.ptnr1_auth_asym_id 
_struct_conn.ptnr1_auth_comp_id 
_struct_conn.ptnr1_auth_seq_id 
_struct_conn.ptnr2_auth_asym_id 
_struct_conn.ptnr2_auth_comp_id 
_struct_conn.ptnr2_auth_seq_id 
_struct_conn.ptnr2_symmetry 
_struct_conn.pdbx_ptnr3_label_atom_id 
_struct_conn.pdbx_ptnr3_label_seq_id 
_struct_conn.pdbx_ptnr3_label_comp_id 
_struct_conn.pdbx_ptnr3_label_asym_id 
_struct_conn.pdbx_ptnr3_label_alt_id 
_struct_conn.pdbx_ptnr3_PDB_ins_code 
_struct_conn.details 
_struct_conn.pdbx_dist_value 
_struct_conn.pdbx_value_order 
_struct_conn.pdbx_role 
metalc1  metalc ? ? A GLY 1  O   ? ? ? 2_655 E CD  . CD ? ? A GLY 1    A CD  1102 1_555 ? ? ? ? ? ? ? 2.105 ? ? 
metalc2  metalc ? ? A GLY 6  O   ? ? ? 5_555 B CD  . CD ? ? A GLY 6    A CD  1099 1_555 ? ? ? ? ? ? ? 2.436 ? ? 
metalc3  metalc ? ? A ASP 15 OD2 ? ? ? 1_555 B CD  . CD ? ? A ASP 15   A CD  1099 1_555 ? ? ? ? ? ? ? 2.214 ? ? 
metalc4  metalc ? ? A HIS 44 ND1 ? ? ? 1_555 E CD  . CD ? ? A HIS 44   A CD  1102 1_555 ? ? ? ? ? ? ? 2.402 ? ? 
metalc5  metalc ? ? A ASP 48 OD1 ? ? ? 1_555 B CD  . CD ? ? A ASP 48   A CD  1099 1_555 ? ? ? ? ? ? ? 2.329 ? ? 
metalc6  metalc ? ? A ASP 48 OD2 ? ? ? 1_555 B CD  . CD ? ? A ASP 48   A CD  1099 1_555 ? ? ? ? ? ? ? 2.528 ? ? 
metalc7  metalc ? ? A HIS 52 ND1 ? ? ? 1_555 D CD  . CD ? ? A HIS 52   A CD  1101 1_555 ? ? ? ? ? ? ? 2.425 ? ? 
metalc8  metalc ? ? A GLU 55 OE1 ? ? ? 2_655 D CD  . CD ? ? A GLU 55   A CD  1101 1_555 ? ? ? ? ? ? ? 2.862 ? ? 
metalc9  metalc ? ? A GLU 55 OE2 ? ? ? 2_655 D CD  . CD ? ? A GLU 55   A CD  1101 1_555 ? ? ? ? ? ? ? 2.420 ? ? 
metalc10 metalc ? ? A ASP 85 OD2 ? ? ? 5_555 B CD  . CD ? ? A ASP 85   A CD  1099 1_555 ? ? ? ? ? ? ? 2.490 ? ? 
metalc11 metalc ? ? A ASP 85 OD1 ? ? ? 5_555 B CD  . CD ? ? A ASP 85   A CD  1099 1_555 ? ? ? ? ? ? ? 2.685 ? ? 
metalc12 metalc ? ? A ASP 89 OD1 ? ? ? 1_555 C CD  . CD ? ? A ASP 89   A CD  1100 1_555 ? ? ? ? ? ? ? 2.127 ? ? 
metalc13 metalc ? ? A ASP 89 OD2 ? ? ? 1_555 C CD  . CD ? ? A ASP 89   A CD  1100 1_555 ? ? ? ? ? ? ? 2.363 ? ? 
metalc14 metalc ? ? A HIS 93 NE2 ? ? ? 1_555 C CD  . CD ? ? A HIS 93   A CD  1100 1_555 ? ? ? ? ? ? ? 2.334 ? ? 
metalc15 metalc ? ? B CD  .  CD  ? ? ? 1_555 F HOH . O  ? ? A CD  1099 A HOH 2015 1_555 ? ? ? ? ? ? ? 1.972 ? ? 
metalc16 metalc ? ? C CD  .  CD  ? ? ? 1_555 F HOH . O  ? ? A CD  1100 A HOH 2001 5_555 ? ? ? ? ? ? ? 2.345 ? ? 
metalc17 metalc ? ? C CD  .  CD  ? ? ? 1_555 F HOH . O  ? ? A CD  1100 A HOH 2004 5_555 ? ? ? ? ? ? ? 2.836 ? ? 
metalc18 metalc ? ? C CD  .  CD  ? ? ? 1_555 F HOH . O  ? ? A CD  1100 A HOH 2079 1_555 ? ? ? ? ? ? ? 2.282 ? ? 
metalc19 metalc ? ? D CD  .  CD  ? ? ? 1_555 F HOH . O  ? ? A CD  1101 A HOH 2043 1_555 ? ? ? ? ? ? ? 2.325 ? ? 
metalc20 metalc ? ? E CD  .  CD  ? ? ? 1_555 F HOH . O  ? ? A CD  1102 A HOH 2002 2_655 ? ? ? ? ? ? ? 2.241 ? ? 
metalc21 metalc ? ? E CD  .  CD  ? ? ? 1_555 F HOH . O  ? ? A CD  1102 A HOH 2003 2_655 ? ? ? ? ? ? ? 2.229 ? ? 
metalc22 metalc ? ? E CD  .  CD  ? ? ? 1_555 F HOH . O  ? ? A CD  1102 A HOH 2070 5_555 ? ? ? ? ? ? ? 2.310 ? ? 
metalc23 metalc ? ? E CD  .  CD  ? ? ? 1_555 F HOH . O  ? ? A CD  1102 A HOH 2071 5_555 ? ? ? ? ? ? ? 2.330 ? ? 
# 
_struct_conn_type.id          metalc 
_struct_conn_type.criteria    ? 
_struct_conn_type.reference   ? 
# 
loop_
_pdbx_struct_conn_angle.id 
_pdbx_struct_conn_angle.ptnr1_label_atom_id 
_pdbx_struct_conn_angle.ptnr1_label_alt_id 
_pdbx_struct_conn_angle.ptnr1_label_asym_id 
_pdbx_struct_conn_angle.ptnr1_label_comp_id 
_pdbx_struct_conn_angle.ptnr1_label_seq_id 
_pdbx_struct_conn_angle.ptnr1_auth_atom_id 
_pdbx_struct_conn_angle.ptnr1_auth_asym_id 
_pdbx_struct_conn_angle.ptnr1_auth_comp_id 
_pdbx_struct_conn_angle.ptnr1_auth_seq_id 
_pdbx_struct_conn_angle.ptnr1_PDB_ins_code 
_pdbx_struct_conn_angle.ptnr1_symmetry 
_pdbx_struct_conn_angle.ptnr2_label_atom_id 
_pdbx_struct_conn_angle.ptnr2_label_alt_id 
_pdbx_struct_conn_angle.ptnr2_label_asym_id 
_pdbx_struct_conn_angle.ptnr2_label_comp_id 
_pdbx_struct_conn_angle.ptnr2_label_seq_id 
_pdbx_struct_conn_angle.ptnr2_auth_atom_id 
_pdbx_struct_conn_angle.ptnr2_auth_asym_id 
_pdbx_struct_conn_angle.ptnr2_auth_comp_id 
_pdbx_struct_conn_angle.ptnr2_auth_seq_id 
_pdbx_struct_conn_angle.ptnr2_PDB_ins_code 
_pdbx_struct_conn_angle.ptnr2_symmetry 
_pdbx_struct_conn_angle.ptnr3_label_atom_id 
_pdbx_struct_conn_angle.ptnr3_label_alt_id 
_pdbx_struct_conn_angle.ptnr3_label_asym_id 
_pdbx_struct_conn_angle.ptnr3_label_comp_id 
_pdbx_struct_conn_angle.ptnr3_label_seq_id 
_pdbx_struct_conn_angle.ptnr3_auth_atom_id 
_pdbx_struct_conn_angle.ptnr3_auth_asym_id 
_pdbx_struct_conn_angle.ptnr3_auth_comp_id 
_pdbx_struct_conn_angle.ptnr3_auth_seq_id 
_pdbx_struct_conn_angle.ptnr3_PDB_ins_code 
_pdbx_struct_conn_angle.ptnr3_symmetry 
_pdbx_struct_conn_angle.value 
_pdbx_struct_conn_angle.value_esd 
1  O   ? A GLY 1  ? A GLY 1    ? 2_655 CD ? E CD . ? A CD 1102 ? 1_555 ND1 ? A HIS 44 ? A HIS 44   ? 1_555 88.9  ? 
2  O   ? A GLY 1  ? A GLY 1    ? 2_655 CD ? E CD . ? A CD 1102 ? 1_555 O   ? F HOH .  ? A HOH 2002 ? 2_655 92.5  ? 
3  ND1 ? A HIS 44 ? A HIS 44   ? 1_555 CD ? E CD . ? A CD 1102 ? 1_555 O   ? F HOH .  ? A HOH 2002 ? 2_655 172.4 ? 
4  O   ? A GLY 1  ? A GLY 1    ? 2_655 CD ? E CD . ? A CD 1102 ? 1_555 O   ? F HOH .  ? A HOH 2003 ? 2_655 79.9  ? 
5  ND1 ? A HIS 44 ? A HIS 44   ? 1_555 CD ? E CD . ? A CD 1102 ? 1_555 O   ? F HOH .  ? A HOH 2003 ? 2_655 100.5 ? 
6  O   ? F HOH .  ? A HOH 2002 ? 2_655 CD ? E CD . ? A CD 1102 ? 1_555 O   ? F HOH .  ? A HOH 2003 ? 2_655 72.5  ? 
7  O   ? A GLY 1  ? A GLY 1    ? 2_655 CD ? E CD . ? A CD 1102 ? 1_555 O   ? F HOH .  ? A HOH 2070 ? 5_555 111.8 ? 
8  ND1 ? A HIS 44 ? A HIS 44   ? 1_555 CD ? E CD . ? A CD 1102 ? 1_555 O   ? F HOH .  ? A HOH 2070 ? 5_555 89.4  ? 
9  O   ? F HOH .  ? A HOH 2002 ? 2_655 CD ? E CD . ? A CD 1102 ? 1_555 O   ? F HOH .  ? A HOH 2070 ? 5_555 97.0  ? 
10 O   ? F HOH .  ? A HOH 2003 ? 2_655 CD ? E CD . ? A CD 1102 ? 1_555 O   ? F HOH .  ? A HOH 2070 ? 5_555 165.0 ? 
11 O   ? A GLY 1  ? A GLY 1    ? 2_655 CD ? E CD . ? A CD 1102 ? 1_555 O   ? F HOH .  ? A HOH 2071 ? 5_555 163.6 ? 
12 ND1 ? A HIS 44 ? A HIS 44   ? 1_555 CD ? E CD . ? A CD 1102 ? 1_555 O   ? F HOH .  ? A HOH 2071 ? 5_555 95.7  ? 
13 O   ? F HOH .  ? A HOH 2002 ? 2_655 CD ? E CD . ? A CD 1102 ? 1_555 O   ? F HOH .  ? A HOH 2071 ? 5_555 80.9  ? 
14 O   ? F HOH .  ? A HOH 2003 ? 2_655 CD ? E CD . ? A CD 1102 ? 1_555 O   ? F HOH .  ? A HOH 2071 ? 5_555 83.7  ? 
15 O   ? F HOH .  ? A HOH 2070 ? 5_555 CD ? E CD . ? A CD 1102 ? 1_555 O   ? F HOH .  ? A HOH 2071 ? 5_555 84.1  ? 
16 O   ? A GLY 6  ? A GLY 6    ? 5_555 CD ? B CD . ? A CD 1099 ? 1_555 OD2 ? A ASP 15 ? A ASP 15   ? 1_555 161.3 ? 
17 O   ? A GLY 6  ? A GLY 6    ? 5_555 CD ? B CD . ? A CD 1099 ? 1_555 OD1 ? A ASP 48 ? A ASP 48   ? 1_555 83.7  ? 
18 OD2 ? A ASP 15 ? A ASP 15   ? 1_555 CD ? B CD . ? A CD 1099 ? 1_555 OD1 ? A ASP 48 ? A ASP 48   ? 1_555 102.5 ? 
19 O   ? A GLY 6  ? A GLY 6    ? 5_555 CD ? B CD . ? A CD 1099 ? 1_555 OD2 ? A ASP 48 ? A ASP 48   ? 1_555 77.3  ? 
20 OD2 ? A ASP 15 ? A ASP 15   ? 1_555 CD ? B CD . ? A CD 1099 ? 1_555 OD2 ? A ASP 48 ? A ASP 48   ? 1_555 92.7  ? 
21 OD1 ? A ASP 48 ? A ASP 48   ? 1_555 CD ? B CD . ? A CD 1099 ? 1_555 OD2 ? A ASP 48 ? A ASP 48   ? 1_555 51.2  ? 
22 O   ? A GLY 6  ? A GLY 6    ? 5_555 CD ? B CD . ? A CD 1099 ? 1_555 OD2 ? A ASP 85 ? A ASP 85   ? 5_555 84.6  ? 
23 OD2 ? A ASP 15 ? A ASP 15   ? 1_555 CD ? B CD . ? A CD 1099 ? 1_555 OD2 ? A ASP 85 ? A ASP 85   ? 5_555 112.4 ? 
24 OD1 ? A ASP 48 ? A ASP 48   ? 1_555 CD ? B CD . ? A CD 1099 ? 1_555 OD2 ? A ASP 85 ? A ASP 85   ? 5_555 92.6  ? 
25 OD2 ? A ASP 48 ? A ASP 48   ? 1_555 CD ? B CD . ? A CD 1099 ? 1_555 OD2 ? A ASP 85 ? A ASP 85   ? 5_555 140.6 ? 
26 O   ? A GLY 6  ? A GLY 6    ? 5_555 CD ? B CD . ? A CD 1099 ? 1_555 OD1 ? A ASP 85 ? A ASP 85   ? 5_555 127.9 ? 
27 OD2 ? A ASP 15 ? A ASP 15   ? 1_555 CD ? B CD . ? A CD 1099 ? 1_555 OD1 ? A ASP 85 ? A ASP 85   ? 5_555 70.8  ? 
28 OD1 ? A ASP 48 ? A ASP 48   ? 1_555 CD ? B CD . ? A CD 1099 ? 1_555 OD1 ? A ASP 85 ? A ASP 85   ? 5_555 78.9  ? 
29 OD2 ? A ASP 48 ? A ASP 48   ? 1_555 CD ? B CD . ? A CD 1099 ? 1_555 OD1 ? A ASP 85 ? A ASP 85   ? 5_555 123.0 ? 
30 OD2 ? A ASP 85 ? A ASP 85   ? 5_555 CD ? B CD . ? A CD 1099 ? 1_555 OD1 ? A ASP 85 ? A ASP 85   ? 5_555 48.1  ? 
31 O   ? A GLY 6  ? A GLY 6    ? 5_555 CD ? B CD . ? A CD 1099 ? 1_555 O   ? F HOH .  ? A HOH 2015 ? 1_555 83.2  ? 
32 OD2 ? A ASP 15 ? A ASP 15   ? 1_555 CD ? B CD . ? A CD 1099 ? 1_555 O   ? F HOH .  ? A HOH 2015 ? 1_555 86.6  ? 
33 OD1 ? A ASP 48 ? A ASP 48   ? 1_555 CD ? B CD . ? A CD 1099 ? 1_555 O   ? F HOH .  ? A HOH 2015 ? 1_555 162.4 ? 
34 OD2 ? A ASP 48 ? A ASP 48   ? 1_555 CD ? B CD . ? A CD 1099 ? 1_555 O   ? F HOH .  ? A HOH 2015 ? 1_555 114.0 ? 
35 OD2 ? A ASP 85 ? A ASP 85   ? 5_555 CD ? B CD . ? A CD 1099 ? 1_555 O   ? F HOH .  ? A HOH 2015 ? 1_555 97.9  ? 
36 OD1 ? A ASP 85 ? A ASP 85   ? 5_555 CD ? B CD . ? A CD 1099 ? 1_555 O   ? F HOH .  ? A HOH 2015 ? 1_555 118.6 ? 
37 ND1 ? A HIS 52 ? A HIS 52   ? 1_555 CD ? D CD . ? A CD 1101 ? 1_555 OE1 ? A GLU 55 ? A GLU 55   ? 2_655 90.0  ? 
38 ND1 ? A HIS 52 ? A HIS 52   ? 1_555 CD ? D CD . ? A CD 1101 ? 1_555 OE2 ? A GLU 55 ? A GLU 55   ? 2_655 131.3 ? 
39 OE1 ? A GLU 55 ? A GLU 55   ? 2_655 CD ? D CD . ? A CD 1101 ? 1_555 OE2 ? A GLU 55 ? A GLU 55   ? 2_655 47.8  ? 
40 ND1 ? A HIS 52 ? A HIS 52   ? 1_555 CD ? D CD . ? A CD 1101 ? 1_555 O   ? F HOH .  ? A HOH 2043 ? 1_555 93.0  ? 
41 OE1 ? A GLU 55 ? A GLU 55   ? 2_655 CD ? D CD . ? A CD 1101 ? 1_555 O   ? F HOH .  ? A HOH 2043 ? 1_555 82.9  ? 
42 OE2 ? A GLU 55 ? A GLU 55   ? 2_655 CD ? D CD . ? A CD 1101 ? 1_555 O   ? F HOH .  ? A HOH 2043 ? 1_555 102.5 ? 
43 OD1 ? A ASP 89 ? A ASP 89   ? 1_555 CD ? C CD . ? A CD 1100 ? 1_555 OD2 ? A ASP 89 ? A ASP 89   ? 1_555 58.7  ? 
44 OD1 ? A ASP 89 ? A ASP 89   ? 1_555 CD ? C CD . ? A CD 1100 ? 1_555 NE2 ? A HIS 93 ? A HIS 93   ? 1_555 98.1  ? 
45 OD2 ? A ASP 89 ? A ASP 89   ? 1_555 CD ? C CD . ? A CD 1100 ? 1_555 NE2 ? A HIS 93 ? A HIS 93   ? 1_555 101.1 ? 
46 OD1 ? A ASP 89 ? A ASP 89   ? 1_555 CD ? C CD . ? A CD 1100 ? 1_555 O   ? F HOH .  ? A HOH 2001 ? 5_555 157.4 ? 
47 OD2 ? A ASP 89 ? A ASP 89   ? 1_555 CD ? C CD . ? A CD 1100 ? 1_555 O   ? F HOH .  ? A HOH 2001 ? 5_555 100.5 ? 
48 NE2 ? A HIS 93 ? A HIS 93   ? 1_555 CD ? C CD . ? A CD 1100 ? 1_555 O   ? F HOH .  ? A HOH 2001 ? 5_555 94.5  ? 
49 OD1 ? A ASP 89 ? A ASP 89   ? 1_555 CD ? C CD . ? A CD 1100 ? 1_555 O   ? F HOH .  ? A HOH 2004 ? 5_555 96.4  ? 
50 OD2 ? A ASP 89 ? A ASP 89   ? 1_555 CD ? C CD . ? A CD 1100 ? 1_555 O   ? F HOH .  ? A HOH 2004 ? 5_555 109.2 ? 
51 NE2 ? A HIS 93 ? A HIS 93   ? 1_555 CD ? C CD . ? A CD 1100 ? 1_555 O   ? F HOH .  ? A HOH 2004 ? 5_555 149.7 ? 
52 O   ? F HOH .  ? A HOH 2001 ? 5_555 CD ? C CD . ? A CD 1100 ? 1_555 O   ? F HOH .  ? A HOH 2004 ? 5_555 81.6  ? 
53 OD1 ? A ASP 89 ? A ASP 89   ? 1_555 CD ? C CD . ? A CD 1100 ? 1_555 O   ? F HOH .  ? A HOH 2079 ? 1_555 100.5 ? 
54 OD2 ? A ASP 89 ? A ASP 89   ? 1_555 CD ? C CD . ? A CD 1100 ? 1_555 O   ? F HOH .  ? A HOH 2079 ? 1_555 157.5 ? 
55 NE2 ? A HIS 93 ? A HIS 93   ? 1_555 CD ? C CD . ? A CD 1100 ? 1_555 O   ? F HOH .  ? A HOH 2079 ? 1_555 89.6  ? 
56 O   ? F HOH .  ? A HOH 2001 ? 5_555 CD ? C CD . ? A CD 1100 ? 1_555 O   ? F HOH .  ? A HOH 2079 ? 1_555 98.3  ? 
57 O   ? F HOH .  ? A HOH 2004 ? 5_555 CD ? C CD . ? A CD 1100 ? 1_555 O   ? F HOH .  ? A HOH 2079 ? 1_555 61.6  ? 
# 
loop_
_struct_mon_prot_cis.pdbx_id 
_struct_mon_prot_cis.label_comp_id 
_struct_mon_prot_cis.label_seq_id 
_struct_mon_prot_cis.label_asym_id 
_struct_mon_prot_cis.label_alt_id 
_struct_mon_prot_cis.pdbx_PDB_ins_code 
_struct_mon_prot_cis.auth_comp_id 
_struct_mon_prot_cis.auth_seq_id 
_struct_mon_prot_cis.auth_asym_id 
_struct_mon_prot_cis.pdbx_label_comp_id_2 
_struct_mon_prot_cis.pdbx_label_seq_id_2 
_struct_mon_prot_cis.pdbx_label_asym_id_2 
_struct_mon_prot_cis.pdbx_PDB_ins_code_2 
_struct_mon_prot_cis.pdbx_auth_comp_id_2 
_struct_mon_prot_cis.pdbx_auth_seq_id_2 
_struct_mon_prot_cis.pdbx_auth_asym_id_2 
_struct_mon_prot_cis.pdbx_PDB_model_num 
_struct_mon_prot_cis.pdbx_omega_angle 
1 ASN 28 A . ? ASN 28 A PRO 29 A ? PRO 29 A 1 -1.44  
2 TRP 72 A . ? TRP 72 A PRO 73 A ? PRO 73 A 1 -8.84  
3 ASP 85 A . ? ASP 85 A GLY 86 A ? GLY 86 A 1 -23.40 
# 
loop_
_struct_sheet.id 
_struct_sheet.type 
_struct_sheet.number_strands 
_struct_sheet.details 
AA ? 5 ? 
AB ? 3 ? 
AC ? 3 ? 
# 
loop_
_struct_sheet_order.sheet_id 
_struct_sheet_order.range_id_1 
_struct_sheet_order.range_id_2 
_struct_sheet_order.offset 
_struct_sheet_order.sense 
AA 1 2 ? anti-parallel 
AA 2 3 ? anti-parallel 
AA 3 4 ? parallel      
AA 4 5 ? anti-parallel 
AB 1 2 ? anti-parallel 
AB 2 3 ? anti-parallel 
AC 1 2 ? anti-parallel 
AC 2 3 ? anti-parallel 
# 
loop_
_struct_sheet_range.sheet_id 
_struct_sheet_range.id 
_struct_sheet_range.beg_label_comp_id 
_struct_sheet_range.beg_label_asym_id 
_struct_sheet_range.beg_label_seq_id 
_struct_sheet_range.pdbx_beg_PDB_ins_code 
_struct_sheet_range.end_label_comp_id 
_struct_sheet_range.end_label_asym_id 
_struct_sheet_range.end_label_seq_id 
_struct_sheet_range.pdbx_end_PDB_ins_code 
_struct_sheet_range.beg_auth_comp_id 
_struct_sheet_range.beg_auth_asym_id 
_struct_sheet_range.beg_auth_seq_id 
_struct_sheet_range.end_auth_comp_id 
_struct_sheet_range.end_auth_asym_id 
_struct_sheet_range.end_auth_seq_id 
AA 1 GLU A 43 ? GLU A 46 ? GLU A 43 GLU A 46 
AA 2 TRP A 49 ? GLU A 55 ? TRP A 49 GLU A 55 
AA 3 GLY A 6  ? LYS A 12 ? GLY A 6  LYS A 12 
AA 4 GLY A 86 ? PHE A 88 ? GLY A 86 PHE A 88 
AA 5 TRP A 92 ? HIS A 93 ? TRP A 92 HIS A 93 
AB 1 PRO A 20 ? ASN A 28 ? PRO A 20 ASN A 28 
AB 2 SER A 59 ? ASP A 66 ? SER A 59 ASP A 66 
AB 3 PHE A 80 ? ARG A 82 ? PHE A 80 ARG A 82 
AC 1 PRO A 20 ? ASN A 28 ? PRO A 20 ASN A 28 
AC 2 SER A 59 ? ASP A 66 ? SER A 59 ASP A 66 
AC 3 GLN A 71 ? TRP A 72 ? GLN A 71 TRP A 72 
# 
loop_
_pdbx_struct_sheet_hbond.sheet_id 
_pdbx_struct_sheet_hbond.range_id_1 
_pdbx_struct_sheet_hbond.range_id_2 
_pdbx_struct_sheet_hbond.range_1_label_atom_id 
_pdbx_struct_sheet_hbond.range_1_label_comp_id 
_pdbx_struct_sheet_hbond.range_1_label_asym_id 
_pdbx_struct_sheet_hbond.range_1_label_seq_id 
_pdbx_struct_sheet_hbond.range_1_PDB_ins_code 
_pdbx_struct_sheet_hbond.range_1_auth_atom_id 
_pdbx_struct_sheet_hbond.range_1_auth_comp_id 
_pdbx_struct_sheet_hbond.range_1_auth_asym_id 
_pdbx_struct_sheet_hbond.range_1_auth_seq_id 
_pdbx_struct_sheet_hbond.range_2_label_atom_id 
_pdbx_struct_sheet_hbond.range_2_label_comp_id 
_pdbx_struct_sheet_hbond.range_2_label_asym_id 
_pdbx_struct_sheet_hbond.range_2_label_seq_id 
_pdbx_struct_sheet_hbond.range_2_PDB_ins_code 
_pdbx_struct_sheet_hbond.range_2_auth_atom_id 
_pdbx_struct_sheet_hbond.range_2_auth_comp_id 
_pdbx_struct_sheet_hbond.range_2_auth_asym_id 
_pdbx_struct_sheet_hbond.range_2_auth_seq_id 
AA 1 2 N TYR A 45 ? N TYR A 45 O TRP A 49 ? O TRP A 49 
AA 2 3 N ILE A 54 ? N ILE A 54 O LEU A 7  ? O LEU A 7  
AA 3 4 N TYR A 10 ? N TYR A 10 O GLY A 86 ? O GLY A 86 
AA 4 5 N TRP A 87 ? N TRP A 87 O HIS A 93 ? O HIS A 93 
AB 1 2 N ASN A 28 ? N ASN A 28 O SER A 59 ? O SER A 59 
AB 2 3 N LEU A 62 ? N LEU A 62 O PHE A 80 ? O PHE A 80 
AC 1 2 N ASN A 28 ? N ASN A 28 O SER A 59 ? O SER A 59 
AC 2 3 N PHE A 64 ? N PHE A 64 O TRP A 72 ? O TRP A 72 
# 
loop_
_struct_site.id 
_struct_site.pdbx_evidence_code 
_struct_site.pdbx_auth_asym_id 
_struct_site.pdbx_auth_comp_id 
_struct_site.pdbx_auth_seq_id 
_struct_site.pdbx_auth_ins_code 
_struct_site.pdbx_num_residues 
_struct_site.details 
AC1 Software ? ? ? ? 5 'BINDING SITE FOR RESIDUE CD A1099' 
AC2 Software ? ? ? ? 5 'BINDING SITE FOR RESIDUE CD A1100' 
AC3 Software ? ? ? ? 4 'BINDING SITE FOR RESIDUE CD A1101' 
AC4 Software ? ? ? ? 6 'BINDING SITE FOR RESIDUE CD A1102' 
# 
loop_
_struct_site_gen.id 
_struct_site_gen.site_id 
_struct_site_gen.pdbx_num_res 
_struct_site_gen.label_comp_id 
_struct_site_gen.label_asym_id 
_struct_site_gen.label_seq_id 
_struct_site_gen.pdbx_auth_ins_code 
_struct_site_gen.auth_comp_id 
_struct_site_gen.auth_asym_id 
_struct_site_gen.auth_seq_id 
_struct_site_gen.label_atom_id 
_struct_site_gen.label_alt_id 
_struct_site_gen.symmetry 
_struct_site_gen.details 
1  AC1 5 GLY A 6  ? GLY A 6    . ? 1_555 ? 
2  AC1 5 ASP A 15 ? ASP A 15   . ? 1_555 ? 
3  AC1 5 ASP A 48 ? ASP A 48   . ? 1_555 ? 
4  AC1 5 ASP A 85 ? ASP A 85   . ? 1_555 ? 
5  AC1 5 HOH F .  ? HOH A 2015 . ? 1_555 ? 
6  AC2 5 ASP A 89 ? ASP A 89   . ? 1_555 ? 
7  AC2 5 HIS A 93 ? HIS A 93   . ? 1_555 ? 
8  AC2 5 HOH F .  ? HOH A 2001 . ? 1_555 ? 
9  AC2 5 HOH F .  ? HOH A 2004 . ? 1_555 ? 
10 AC2 5 HOH F .  ? HOH A 2079 . ? 1_555 ? 
11 AC3 4 GLU A 43 ? GLU A 43   . ? 1_555 ? 
12 AC3 4 HIS A 52 ? HIS A 52   . ? 1_555 ? 
13 AC3 4 GLU A 55 ? GLU A 55   . ? 1_555 ? 
14 AC3 4 HOH F .  ? HOH A 2043 . ? 1_555 ? 
15 AC4 6 GLY A 1  ? GLY A 1    . ? 1_555 ? 
16 AC4 6 HIS A 44 ? HIS A 44   . ? 1_555 ? 
17 AC4 6 HOH F .  ? HOH A 2002 . ? 1_555 ? 
18 AC4 6 HOH F .  ? HOH A 2003 . ? 1_555 ? 
19 AC4 6 HOH F .  ? HOH A 2070 . ? 1_555 ? 
20 AC4 6 HOH F .  ? HOH A 2071 . ? 1_555 ? 
# 
loop_
_pdbx_validate_close_contact.id 
_pdbx_validate_close_contact.PDB_model_num 
_pdbx_validate_close_contact.auth_atom_id_1 
_pdbx_validate_close_contact.auth_asym_id_1 
_pdbx_validate_close_contact.auth_comp_id_1 
_pdbx_validate_close_contact.auth_seq_id_1 
_pdbx_validate_close_contact.PDB_ins_code_1 
_pdbx_validate_close_contact.label_alt_id_1 
_pdbx_validate_close_contact.auth_atom_id_2 
_pdbx_validate_close_contact.auth_asym_id_2 
_pdbx_validate_close_contact.auth_comp_id_2 
_pdbx_validate_close_contact.auth_seq_id_2 
_pdbx_validate_close_contact.PDB_ins_code_2 
_pdbx_validate_close_contact.label_alt_id_2 
_pdbx_validate_close_contact.dist 
1 1 OE1 A GLU 43 ? ? O A HOH 2041 ? ? 1.93 
2 1 CD2 A HIS 2  ? ? O A HOH 2004 ? ? 2.10 
# 
loop_
_pdbx_validate_rmsd_angle.id 
_pdbx_validate_rmsd_angle.PDB_model_num 
_pdbx_validate_rmsd_angle.auth_atom_id_1 
_pdbx_validate_rmsd_angle.auth_asym_id_1 
_pdbx_validate_rmsd_angle.auth_comp_id_1 
_pdbx_validate_rmsd_angle.auth_seq_id_1 
_pdbx_validate_rmsd_angle.PDB_ins_code_1 
_pdbx_validate_rmsd_angle.label_alt_id_1 
_pdbx_validate_rmsd_angle.auth_atom_id_2 
_pdbx_validate_rmsd_angle.auth_asym_id_2 
_pdbx_validate_rmsd_angle.auth_comp_id_2 
_pdbx_validate_rmsd_angle.auth_seq_id_2 
_pdbx_validate_rmsd_angle.PDB_ins_code_2 
_pdbx_validate_rmsd_angle.label_alt_id_2 
_pdbx_validate_rmsd_angle.auth_atom_id_3 
_pdbx_validate_rmsd_angle.auth_asym_id_3 
_pdbx_validate_rmsd_angle.auth_comp_id_3 
_pdbx_validate_rmsd_angle.auth_seq_id_3 
_pdbx_validate_rmsd_angle.PDB_ins_code_3 
_pdbx_validate_rmsd_angle.label_alt_id_3 
_pdbx_validate_rmsd_angle.angle_value 
_pdbx_validate_rmsd_angle.angle_target_value 
_pdbx_validate_rmsd_angle.angle_deviation 
_pdbx_validate_rmsd_angle.angle_standard_deviation 
_pdbx_validate_rmsd_angle.linker_flag 
1 1 CB A ASP 15 ? ? CG A ASP 15 ? ? OD2 A ASP 15 ? ? 124.27 118.30 5.97   0.90 N 
2 1 N  A GLY 74 ? ? CA A GLY 74 ? ? C   A GLY 74 ? ? 98.02  113.10 -15.08 2.50 N 
3 1 CB A ASP 85 ? ? CG A ASP 85 ? ? OD2 A ASP 85 ? ? 125.37 118.30 7.07   0.90 N 
4 1 CB A ASP 89 ? ? CG A ASP 89 ? ? OD2 A ASP 89 ? ? 126.62 118.30 8.32   0.90 N 
# 
loop_
_pdbx_validate_torsion.id 
_pdbx_validate_torsion.PDB_model_num 
_pdbx_validate_torsion.auth_comp_id 
_pdbx_validate_torsion.auth_asym_id 
_pdbx_validate_torsion.auth_seq_id 
_pdbx_validate_torsion.PDB_ins_code 
_pdbx_validate_torsion.label_alt_id 
_pdbx_validate_torsion.phi 
_pdbx_validate_torsion.psi 
1 1 HIS A 2  ? ? 112.90  137.02 
2 1 ASP A 26 ? ? 4.83    74.89  
3 1 TYR A 45 ? ? -108.73 -62.19 
4 1 GLU A 46 ? ? -178.35 131.93 
5 1 ASP A 83 ? ? 117.49  -32.02 
# 
loop_
_pdbx_validate_peptide_omega.id 
_pdbx_validate_peptide_omega.PDB_model_num 
_pdbx_validate_peptide_omega.auth_comp_id_1 
_pdbx_validate_peptide_omega.auth_asym_id_1 
_pdbx_validate_peptide_omega.auth_seq_id_1 
_pdbx_validate_peptide_omega.PDB_ins_code_1 
_pdbx_validate_peptide_omega.label_alt_id_1 
_pdbx_validate_peptide_omega.auth_comp_id_2 
_pdbx_validate_peptide_omega.auth_asym_id_2 
_pdbx_validate_peptide_omega.auth_seq_id_2 
_pdbx_validate_peptide_omega.PDB_ins_code_2 
_pdbx_validate_peptide_omega.label_alt_id_2 
_pdbx_validate_peptide_omega.omega 
1 1 GLY A 1  ? ? HIS A 2  ? ? 132.38 
2 1 PRO A 73 ? ? GLY A 74 ? ? 40.56  
3 1 ARG A 82 ? ? ASP A 83 ? ? -44.85 
# 
_pdbx_validate_main_chain_plane.id                       1 
_pdbx_validate_main_chain_plane.PDB_model_num            1 
_pdbx_validate_main_chain_plane.auth_comp_id             THR 
_pdbx_validate_main_chain_plane.auth_asym_id             A 
_pdbx_validate_main_chain_plane.auth_seq_id              69 
_pdbx_validate_main_chain_plane.PDB_ins_code             ? 
_pdbx_validate_main_chain_plane.label_alt_id             ? 
_pdbx_validate_main_chain_plane.improper_torsion_angle   -25.55 
# 
_pdbx_struct_special_symmetry.id              1 
_pdbx_struct_special_symmetry.PDB_model_num   1 
_pdbx_struct_special_symmetry.auth_asym_id    A 
_pdbx_struct_special_symmetry.auth_comp_id    HOH 
_pdbx_struct_special_symmetry.auth_seq_id     2025 
_pdbx_struct_special_symmetry.PDB_ins_code    ? 
_pdbx_struct_special_symmetry.label_asym_id   F 
_pdbx_struct_special_symmetry.label_comp_id   HOH 
_pdbx_struct_special_symmetry.label_seq_id    . 
# 
_pdbx_database_remark.id     700 
_pdbx_database_remark.text   
;
SHEET
THE SHEET STRUCTURE OF THIS MOLECULE IS BIFURCATED. IN
ORDER TO REPRESENT THIS FEATURE IN THE SHEET RECORDS BELOW,
TWO SHEETS ARE DEFINED.
;
# 
loop_
_chem_comp_atom.comp_id 
_chem_comp_atom.atom_id 
_chem_comp_atom.type_symbol 
_chem_comp_atom.pdbx_aromatic_flag 
_chem_comp_atom.pdbx_stereo_config 
_chem_comp_atom.pdbx_ordinal 
ALA N    N  N N 1   
ALA CA   C  N S 2   
ALA C    C  N N 3   
ALA O    O  N N 4   
ALA CB   C  N N 5   
ALA OXT  O  N N 6   
ALA H    H  N N 7   
ALA H2   H  N N 8   
ALA HA   H  N N 9   
ALA HB1  H  N N 10  
ALA HB2  H  N N 11  
ALA HB3  H  N N 12  
ALA HXT  H  N N 13  
ARG N    N  N N 14  
ARG CA   C  N S 15  
ARG C    C  N N 16  
ARG O    O  N N 17  
ARG CB   C  N N 18  
ARG CG   C  N N 19  
ARG CD   C  N N 20  
ARG NE   N  N N 21  
ARG CZ   C  N N 22  
ARG NH1  N  N N 23  
ARG NH2  N  N N 24  
ARG OXT  O  N N 25  
ARG H    H  N N 26  
ARG H2   H  N N 27  
ARG HA   H  N N 28  
ARG HB2  H  N N 29  
ARG HB3  H  N N 30  
ARG HG2  H  N N 31  
ARG HG3  H  N N 32  
ARG HD2  H  N N 33  
ARG HD3  H  N N 34  
ARG HE   H  N N 35  
ARG HH11 H  N N 36  
ARG HH12 H  N N 37  
ARG HH21 H  N N 38  
ARG HH22 H  N N 39  
ARG HXT  H  N N 40  
ASN N    N  N N 41  
ASN CA   C  N S 42  
ASN C    C  N N 43  
ASN O    O  N N 44  
ASN CB   C  N N 45  
ASN CG   C  N N 46  
ASN OD1  O  N N 47  
ASN ND2  N  N N 48  
ASN OXT  O  N N 49  
ASN H    H  N N 50  
ASN H2   H  N N 51  
ASN HA   H  N N 52  
ASN HB2  H  N N 53  
ASN HB3  H  N N 54  
ASN HD21 H  N N 55  
ASN HD22 H  N N 56  
ASN HXT  H  N N 57  
ASP N    N  N N 58  
ASP CA   C  N S 59  
ASP C    C  N N 60  
ASP O    O  N N 61  
ASP CB   C  N N 62  
ASP CG   C  N N 63  
ASP OD1  O  N N 64  
ASP OD2  O  N N 65  
ASP OXT  O  N N 66  
ASP H    H  N N 67  
ASP H2   H  N N 68  
ASP HA   H  N N 69  
ASP HB2  H  N N 70  
ASP HB3  H  N N 71  
ASP HD2  H  N N 72  
ASP HXT  H  N N 73  
CD  CD   CD N N 74  
GLN N    N  N N 75  
GLN CA   C  N S 76  
GLN C    C  N N 77  
GLN O    O  N N 78  
GLN CB   C  N N 79  
GLN CG   C  N N 80  
GLN CD   C  N N 81  
GLN OE1  O  N N 82  
GLN NE2  N  N N 83  
GLN OXT  O  N N 84  
GLN H    H  N N 85  
GLN H2   H  N N 86  
GLN HA   H  N N 87  
GLN HB2  H  N N 88  
GLN HB3  H  N N 89  
GLN HG2  H  N N 90  
GLN HG3  H  N N 91  
GLN HE21 H  N N 92  
GLN HE22 H  N N 93  
GLN HXT  H  N N 94  
GLU N    N  N N 95  
GLU CA   C  N S 96  
GLU C    C  N N 97  
GLU O    O  N N 98  
GLU CB   C  N N 99  
GLU CG   C  N N 100 
GLU CD   C  N N 101 
GLU OE1  O  N N 102 
GLU OE2  O  N N 103 
GLU OXT  O  N N 104 
GLU H    H  N N 105 
GLU H2   H  N N 106 
GLU HA   H  N N 107 
GLU HB2  H  N N 108 
GLU HB3  H  N N 109 
GLU HG2  H  N N 110 
GLU HG3  H  N N 111 
GLU HE2  H  N N 112 
GLU HXT  H  N N 113 
GLY N    N  N N 114 
GLY CA   C  N N 115 
GLY C    C  N N 116 
GLY O    O  N N 117 
GLY OXT  O  N N 118 
GLY H    H  N N 119 
GLY H2   H  N N 120 
GLY HA2  H  N N 121 
GLY HA3  H  N N 122 
GLY HXT  H  N N 123 
HIS N    N  N N 124 
HIS CA   C  N S 125 
HIS C    C  N N 126 
HIS O    O  N N 127 
HIS CB   C  N N 128 
HIS CG   C  Y N 129 
HIS ND1  N  Y N 130 
HIS CD2  C  Y N 131 
HIS CE1  C  Y N 132 
HIS NE2  N  Y N 133 
HIS OXT  O  N N 134 
HIS H    H  N N 135 
HIS H2   H  N N 136 
HIS HA   H  N N 137 
HIS HB2  H  N N 138 
HIS HB3  H  N N 139 
HIS HD1  H  N N 140 
HIS HD2  H  N N 141 
HIS HE1  H  N N 142 
HIS HE2  H  N N 143 
HIS HXT  H  N N 144 
HOH O    O  N N 145 
HOH H1   H  N N 146 
HOH H2   H  N N 147 
ILE N    N  N N 148 
ILE CA   C  N S 149 
ILE C    C  N N 150 
ILE O    O  N N 151 
ILE CB   C  N S 152 
ILE CG1  C  N N 153 
ILE CG2  C  N N 154 
ILE CD1  C  N N 155 
ILE OXT  O  N N 156 
ILE H    H  N N 157 
ILE H2   H  N N 158 
ILE HA   H  N N 159 
ILE HB   H  N N 160 
ILE HG12 H  N N 161 
ILE HG13 H  N N 162 
ILE HG21 H  N N 163 
ILE HG22 H  N N 164 
ILE HG23 H  N N 165 
ILE HD11 H  N N 166 
ILE HD12 H  N N 167 
ILE HD13 H  N N 168 
ILE HXT  H  N N 169 
LEU N    N  N N 170 
LEU CA   C  N S 171 
LEU C    C  N N 172 
LEU O    O  N N 173 
LEU CB   C  N N 174 
LEU CG   C  N N 175 
LEU CD1  C  N N 176 
LEU CD2  C  N N 177 
LEU OXT  O  N N 178 
LEU H    H  N N 179 
LEU H2   H  N N 180 
LEU HA   H  N N 181 
LEU HB2  H  N N 182 
LEU HB3  H  N N 183 
LEU HG   H  N N 184 
LEU HD11 H  N N 185 
LEU HD12 H  N N 186 
LEU HD13 H  N N 187 
LEU HD21 H  N N 188 
LEU HD22 H  N N 189 
LEU HD23 H  N N 190 
LEU HXT  H  N N 191 
LYS N    N  N N 192 
LYS CA   C  N S 193 
LYS C    C  N N 194 
LYS O    O  N N 195 
LYS CB   C  N N 196 
LYS CG   C  N N 197 
LYS CD   C  N N 198 
LYS CE   C  N N 199 
LYS NZ   N  N N 200 
LYS OXT  O  N N 201 
LYS H    H  N N 202 
LYS H2   H  N N 203 
LYS HA   H  N N 204 
LYS HB2  H  N N 205 
LYS HB3  H  N N 206 
LYS HG2  H  N N 207 
LYS HG3  H  N N 208 
LYS HD2  H  N N 209 
LYS HD3  H  N N 210 
LYS HE2  H  N N 211 
LYS HE3  H  N N 212 
LYS HZ1  H  N N 213 
LYS HZ2  H  N N 214 
LYS HZ3  H  N N 215 
LYS HXT  H  N N 216 
MET N    N  N N 217 
MET CA   C  N S 218 
MET C    C  N N 219 
MET O    O  N N 220 
MET CB   C  N N 221 
MET CG   C  N N 222 
MET SD   S  N N 223 
MET CE   C  N N 224 
MET OXT  O  N N 225 
MET H    H  N N 226 
MET H2   H  N N 227 
MET HA   H  N N 228 
MET HB2  H  N N 229 
MET HB3  H  N N 230 
MET HG2  H  N N 231 
MET HG3  H  N N 232 
MET HE1  H  N N 233 
MET HE2  H  N N 234 
MET HE3  H  N N 235 
MET HXT  H  N N 236 
PHE N    N  N N 237 
PHE CA   C  N S 238 
PHE C    C  N N 239 
PHE O    O  N N 240 
PHE CB   C  N N 241 
PHE CG   C  Y N 242 
PHE CD1  C  Y N 243 
PHE CD2  C  Y N 244 
PHE CE1  C  Y N 245 
PHE CE2  C  Y N 246 
PHE CZ   C  Y N 247 
PHE OXT  O  N N 248 
PHE H    H  N N 249 
PHE H2   H  N N 250 
PHE HA   H  N N 251 
PHE HB2  H  N N 252 
PHE HB3  H  N N 253 
PHE HD1  H  N N 254 
PHE HD2  H  N N 255 
PHE HE1  H  N N 256 
PHE HE2  H  N N 257 
PHE HZ   H  N N 258 
PHE HXT  H  N N 259 
PRO N    N  N N 260 
PRO CA   C  N S 261 
PRO C    C  N N 262 
PRO O    O  N N 263 
PRO CB   C  N N 264 
PRO CG   C  N N 265 
PRO CD   C  N N 266 
PRO OXT  O  N N 267 
PRO H    H  N N 268 
PRO HA   H  N N 269 
PRO HB2  H  N N 270 
PRO HB3  H  N N 271 
PRO HG2  H  N N 272 
PRO HG3  H  N N 273 
PRO HD2  H  N N 274 
PRO HD3  H  N N 275 
PRO HXT  H  N N 276 
SER N    N  N N 277 
SER CA   C  N S 278 
SER C    C  N N 279 
SER O    O  N N 280 
SER CB   C  N N 281 
SER OG   O  N N 282 
SER OXT  O  N N 283 
SER H    H  N N 284 
SER H2   H  N N 285 
SER HA   H  N N 286 
SER HB2  H  N N 287 
SER HB3  H  N N 288 
SER HG   H  N N 289 
SER HXT  H  N N 290 
THR N    N  N N 291 
THR CA   C  N S 292 
THR C    C  N N 293 
THR O    O  N N 294 
THR CB   C  N R 295 
THR OG1  O  N N 296 
THR CG2  C  N N 297 
THR OXT  O  N N 298 
THR H    H  N N 299 
THR H2   H  N N 300 
THR HA   H  N N 301 
THR HB   H  N N 302 
THR HG1  H  N N 303 
THR HG21 H  N N 304 
THR HG22 H  N N 305 
THR HG23 H  N N 306 
THR HXT  H  N N 307 
TRP N    N  N N 308 
TRP CA   C  N S 309 
TRP C    C  N N 310 
TRP O    O  N N 311 
TRP CB   C  N N 312 
TRP CG   C  Y N 313 
TRP CD1  C  Y N 314 
TRP CD2  C  Y N 315 
TRP NE1  N  Y N 316 
TRP CE2  C  Y N 317 
TRP CE3  C  Y N 318 
TRP CZ2  C  Y N 319 
TRP CZ3  C  Y N 320 
TRP CH2  C  Y N 321 
TRP OXT  O  N N 322 
TRP H    H  N N 323 
TRP H2   H  N N 324 
TRP HA   H  N N 325 
TRP HB2  H  N N 326 
TRP HB3  H  N N 327 
TRP HD1  H  N N 328 
TRP HE1  H  N N 329 
TRP HE3  H  N N 330 
TRP HZ2  H  N N 331 
TRP HZ3  H  N N 332 
TRP HH2  H  N N 333 
TRP HXT  H  N N 334 
TYR N    N  N N 335 
TYR CA   C  N S 336 
TYR C    C  N N 337 
TYR O    O  N N 338 
TYR CB   C  N N 339 
TYR CG   C  Y N 340 
TYR CD1  C  Y N 341 
TYR CD2  C  Y N 342 
TYR CE1  C  Y N 343 
TYR CE2  C  Y N 344 
TYR CZ   C  Y N 345 
TYR OH   O  N N 346 
TYR OXT  O  N N 347 
TYR H    H  N N 348 
TYR H2   H  N N 349 
TYR HA   H  N N 350 
TYR HB2  H  N N 351 
TYR HB3  H  N N 352 
TYR HD1  H  N N 353 
TYR HD2  H  N N 354 
TYR HE1  H  N N 355 
TYR HE2  H  N N 356 
TYR HH   H  N N 357 
TYR HXT  H  N N 358 
VAL N    N  N N 359 
VAL CA   C  N S 360 
VAL C    C  N N 361 
VAL O    O  N N 362 
VAL CB   C  N N 363 
VAL CG1  C  N N 364 
VAL CG2  C  N N 365 
VAL OXT  O  N N 366 
VAL H    H  N N 367 
VAL H2   H  N N 368 
VAL HA   H  N N 369 
VAL HB   H  N N 370 
VAL HG11 H  N N 371 
VAL HG12 H  N N 372 
VAL HG13 H  N N 373 
VAL HG21 H  N N 374 
VAL HG22 H  N N 375 
VAL HG23 H  N N 376 
VAL HXT  H  N N 377 
# 
loop_
_chem_comp_bond.comp_id 
_chem_comp_bond.atom_id_1 
_chem_comp_bond.atom_id_2 
_chem_comp_bond.value_order 
_chem_comp_bond.pdbx_aromatic_flag 
_chem_comp_bond.pdbx_stereo_config 
_chem_comp_bond.pdbx_ordinal 
ALA N   CA   sing N N 1   
ALA N   H    sing N N 2   
ALA N   H2   sing N N 3   
ALA CA  C    sing N N 4   
ALA CA  CB   sing N N 5   
ALA CA  HA   sing N N 6   
ALA C   O    doub N N 7   
ALA C   OXT  sing N N 8   
ALA CB  HB1  sing N N 9   
ALA CB  HB2  sing N N 10  
ALA CB  HB3  sing N N 11  
ALA OXT HXT  sing N N 12  
ARG N   CA   sing N N 13  
ARG N   H    sing N N 14  
ARG N   H2   sing N N 15  
ARG CA  C    sing N N 16  
ARG CA  CB   sing N N 17  
ARG CA  HA   sing N N 18  
ARG C   O    doub N N 19  
ARG C   OXT  sing N N 20  
ARG CB  CG   sing N N 21  
ARG CB  HB2  sing N N 22  
ARG CB  HB3  sing N N 23  
ARG CG  CD   sing N N 24  
ARG CG  HG2  sing N N 25  
ARG CG  HG3  sing N N 26  
ARG CD  NE   sing N N 27  
ARG CD  HD2  sing N N 28  
ARG CD  HD3  sing N N 29  
ARG NE  CZ   sing N N 30  
ARG NE  HE   sing N N 31  
ARG CZ  NH1  sing N N 32  
ARG CZ  NH2  doub N N 33  
ARG NH1 HH11 sing N N 34  
ARG NH1 HH12 sing N N 35  
ARG NH2 HH21 sing N N 36  
ARG NH2 HH22 sing N N 37  
ARG OXT HXT  sing N N 38  
ASN N   CA   sing N N 39  
ASN N   H    sing N N 40  
ASN N   H2   sing N N 41  
ASN CA  C    sing N N 42  
ASN CA  CB   sing N N 43  
ASN CA  HA   sing N N 44  
ASN C   O    doub N N 45  
ASN C   OXT  sing N N 46  
ASN CB  CG   sing N N 47  
ASN CB  HB2  sing N N 48  
ASN CB  HB3  sing N N 49  
ASN CG  OD1  doub N N 50  
ASN CG  ND2  sing N N 51  
ASN ND2 HD21 sing N N 52  
ASN ND2 HD22 sing N N 53  
ASN OXT HXT  sing N N 54  
ASP N   CA   sing N N 55  
ASP N   H    sing N N 56  
ASP N   H2   sing N N 57  
ASP CA  C    sing N N 58  
ASP CA  CB   sing N N 59  
ASP CA  HA   sing N N 60  
ASP C   O    doub N N 61  
ASP C   OXT  sing N N 62  
ASP CB  CG   sing N N 63  
ASP CB  HB2  sing N N 64  
ASP CB  HB3  sing N N 65  
ASP CG  OD1  doub N N 66  
ASP CG  OD2  sing N N 67  
ASP OD2 HD2  sing N N 68  
ASP OXT HXT  sing N N 69  
GLN N   CA   sing N N 70  
GLN N   H    sing N N 71  
GLN N   H2   sing N N 72  
GLN CA  C    sing N N 73  
GLN CA  CB   sing N N 74  
GLN CA  HA   sing N N 75  
GLN C   O    doub N N 76  
GLN C   OXT  sing N N 77  
GLN CB  CG   sing N N 78  
GLN CB  HB2  sing N N 79  
GLN CB  HB3  sing N N 80  
GLN CG  CD   sing N N 81  
GLN CG  HG2  sing N N 82  
GLN CG  HG3  sing N N 83  
GLN CD  OE1  doub N N 84  
GLN CD  NE2  sing N N 85  
GLN NE2 HE21 sing N N 86  
GLN NE2 HE22 sing N N 87  
GLN OXT HXT  sing N N 88  
GLU N   CA   sing N N 89  
GLU N   H    sing N N 90  
GLU N   H2   sing N N 91  
GLU CA  C    sing N N 92  
GLU CA  CB   sing N N 93  
GLU CA  HA   sing N N 94  
GLU C   O    doub N N 95  
GLU C   OXT  sing N N 96  
GLU CB  CG   sing N N 97  
GLU CB  HB2  sing N N 98  
GLU CB  HB3  sing N N 99  
GLU CG  CD   sing N N 100 
GLU CG  HG2  sing N N 101 
GLU CG  HG3  sing N N 102 
GLU CD  OE1  doub N N 103 
GLU CD  OE2  sing N N 104 
GLU OE2 HE2  sing N N 105 
GLU OXT HXT  sing N N 106 
GLY N   CA   sing N N 107 
GLY N   H    sing N N 108 
GLY N   H2   sing N N 109 
GLY CA  C    sing N N 110 
GLY CA  HA2  sing N N 111 
GLY CA  HA3  sing N N 112 
GLY C   O    doub N N 113 
GLY C   OXT  sing N N 114 
GLY OXT HXT  sing N N 115 
HIS N   CA   sing N N 116 
HIS N   H    sing N N 117 
HIS N   H2   sing N N 118 
HIS CA  C    sing N N 119 
HIS CA  CB   sing N N 120 
HIS CA  HA   sing N N 121 
HIS C   O    doub N N 122 
HIS C   OXT  sing N N 123 
HIS CB  CG   sing N N 124 
HIS CB  HB2  sing N N 125 
HIS CB  HB3  sing N N 126 
HIS CG  ND1  sing Y N 127 
HIS CG  CD2  doub Y N 128 
HIS ND1 CE1  doub Y N 129 
HIS ND1 HD1  sing N N 130 
HIS CD2 NE2  sing Y N 131 
HIS CD2 HD2  sing N N 132 
HIS CE1 NE2  sing Y N 133 
HIS CE1 HE1  sing N N 134 
HIS NE2 HE2  sing N N 135 
HIS OXT HXT  sing N N 136 
HOH O   H1   sing N N 137 
HOH O   H2   sing N N 138 
ILE N   CA   sing N N 139 
ILE N   H    sing N N 140 
ILE N   H2   sing N N 141 
ILE CA  C    sing N N 142 
ILE CA  CB   sing N N 143 
ILE CA  HA   sing N N 144 
ILE C   O    doub N N 145 
ILE C   OXT  sing N N 146 
ILE CB  CG1  sing N N 147 
ILE CB  CG2  sing N N 148 
ILE CB  HB   sing N N 149 
ILE CG1 CD1  sing N N 150 
ILE CG1 HG12 sing N N 151 
ILE CG1 HG13 sing N N 152 
ILE CG2 HG21 sing N N 153 
ILE CG2 HG22 sing N N 154 
ILE CG2 HG23 sing N N 155 
ILE CD1 HD11 sing N N 156 
ILE CD1 HD12 sing N N 157 
ILE CD1 HD13 sing N N 158 
ILE OXT HXT  sing N N 159 
LEU N   CA   sing N N 160 
LEU N   H    sing N N 161 
LEU N   H2   sing N N 162 
LEU CA  C    sing N N 163 
LEU CA  CB   sing N N 164 
LEU CA  HA   sing N N 165 
LEU C   O    doub N N 166 
LEU C   OXT  sing N N 167 
LEU CB  CG   sing N N 168 
LEU CB  HB2  sing N N 169 
LEU CB  HB3  sing N N 170 
LEU CG  CD1  sing N N 171 
LEU CG  CD2  sing N N 172 
LEU CG  HG   sing N N 173 
LEU CD1 HD11 sing N N 174 
LEU CD1 HD12 sing N N 175 
LEU CD1 HD13 sing N N 176 
LEU CD2 HD21 sing N N 177 
LEU CD2 HD22 sing N N 178 
LEU CD2 HD23 sing N N 179 
LEU OXT HXT  sing N N 180 
LYS N   CA   sing N N 181 
LYS N   H    sing N N 182 
LYS N   H2   sing N N 183 
LYS CA  C    sing N N 184 
LYS CA  CB   sing N N 185 
LYS CA  HA   sing N N 186 
LYS C   O    doub N N 187 
LYS C   OXT  sing N N 188 
LYS CB  CG   sing N N 189 
LYS CB  HB2  sing N N 190 
LYS CB  HB3  sing N N 191 
LYS CG  CD   sing N N 192 
LYS CG  HG2  sing N N 193 
LYS CG  HG3  sing N N 194 
LYS CD  CE   sing N N 195 
LYS CD  HD2  sing N N 196 
LYS CD  HD3  sing N N 197 
LYS CE  NZ   sing N N 198 
LYS CE  HE2  sing N N 199 
LYS CE  HE3  sing N N 200 
LYS NZ  HZ1  sing N N 201 
LYS NZ  HZ2  sing N N 202 
LYS NZ  HZ3  sing N N 203 
LYS OXT HXT  sing N N 204 
MET N   CA   sing N N 205 
MET N   H    sing N N 206 
MET N   H2   sing N N 207 
MET CA  C    sing N N 208 
MET CA  CB   sing N N 209 
MET CA  HA   sing N N 210 
MET C   O    doub N N 211 
MET C   OXT  sing N N 212 
MET CB  CG   sing N N 213 
MET CB  HB2  sing N N 214 
MET CB  HB3  sing N N 215 
MET CG  SD   sing N N 216 
MET CG  HG2  sing N N 217 
MET CG  HG3  sing N N 218 
MET SD  CE   sing N N 219 
MET CE  HE1  sing N N 220 
MET CE  HE2  sing N N 221 
MET CE  HE3  sing N N 222 
MET OXT HXT  sing N N 223 
PHE N   CA   sing N N 224 
PHE N   H    sing N N 225 
PHE N   H2   sing N N 226 
PHE CA  C    sing N N 227 
PHE CA  CB   sing N N 228 
PHE CA  HA   sing N N 229 
PHE C   O    doub N N 230 
PHE C   OXT  sing N N 231 
PHE CB  CG   sing N N 232 
PHE CB  HB2  sing N N 233 
PHE CB  HB3  sing N N 234 
PHE CG  CD1  doub Y N 235 
PHE CG  CD2  sing Y N 236 
PHE CD1 CE1  sing Y N 237 
PHE CD1 HD1  sing N N 238 
PHE CD2 CE2  doub Y N 239 
PHE CD2 HD2  sing N N 240 
PHE CE1 CZ   doub Y N 241 
PHE CE1 HE1  sing N N 242 
PHE CE2 CZ   sing Y N 243 
PHE CE2 HE2  sing N N 244 
PHE CZ  HZ   sing N N 245 
PHE OXT HXT  sing N N 246 
PRO N   CA   sing N N 247 
PRO N   CD   sing N N 248 
PRO N   H    sing N N 249 
PRO CA  C    sing N N 250 
PRO CA  CB   sing N N 251 
PRO CA  HA   sing N N 252 
PRO C   O    doub N N 253 
PRO C   OXT  sing N N 254 
PRO CB  CG   sing N N 255 
PRO CB  HB2  sing N N 256 
PRO CB  HB3  sing N N 257 
PRO CG  CD   sing N N 258 
PRO CG  HG2  sing N N 259 
PRO CG  HG3  sing N N 260 
PRO CD  HD2  sing N N 261 
PRO CD  HD3  sing N N 262 
PRO OXT HXT  sing N N 263 
SER N   CA   sing N N 264 
SER N   H    sing N N 265 
SER N   H2   sing N N 266 
SER CA  C    sing N N 267 
SER CA  CB   sing N N 268 
SER CA  HA   sing N N 269 
SER C   O    doub N N 270 
SER C   OXT  sing N N 271 
SER CB  OG   sing N N 272 
SER CB  HB2  sing N N 273 
SER CB  HB3  sing N N 274 
SER OG  HG   sing N N 275 
SER OXT HXT  sing N N 276 
THR N   CA   sing N N 277 
THR N   H    sing N N 278 
THR N   H2   sing N N 279 
THR CA  C    sing N N 280 
THR CA  CB   sing N N 281 
THR CA  HA   sing N N 282 
THR C   O    doub N N 283 
THR C   OXT  sing N N 284 
THR CB  OG1  sing N N 285 
THR CB  CG2  sing N N 286 
THR CB  HB   sing N N 287 
THR OG1 HG1  sing N N 288 
THR CG2 HG21 sing N N 289 
THR CG2 HG22 sing N N 290 
THR CG2 HG23 sing N N 291 
THR OXT HXT  sing N N 292 
TRP N   CA   sing N N 293 
TRP N   H    sing N N 294 
TRP N   H2   sing N N 295 
TRP CA  C    sing N N 296 
TRP CA  CB   sing N N 297 
TRP CA  HA   sing N N 298 
TRP C   O    doub N N 299 
TRP C   OXT  sing N N 300 
TRP CB  CG   sing N N 301 
TRP CB  HB2  sing N N 302 
TRP CB  HB3  sing N N 303 
TRP CG  CD1  doub Y N 304 
TRP CG  CD2  sing Y N 305 
TRP CD1 NE1  sing Y N 306 
TRP CD1 HD1  sing N N 307 
TRP CD2 CE2  doub Y N 308 
TRP CD2 CE3  sing Y N 309 
TRP NE1 CE2  sing Y N 310 
TRP NE1 HE1  sing N N 311 
TRP CE2 CZ2  sing Y N 312 
TRP CE3 CZ3  doub Y N 313 
TRP CE3 HE3  sing N N 314 
TRP CZ2 CH2  doub Y N 315 
TRP CZ2 HZ2  sing N N 316 
TRP CZ3 CH2  sing Y N 317 
TRP CZ3 HZ3  sing N N 318 
TRP CH2 HH2  sing N N 319 
TRP OXT HXT  sing N N 320 
TYR N   CA   sing N N 321 
TYR N   H    sing N N 322 
TYR N   H2   sing N N 323 
TYR CA  C    sing N N 324 
TYR CA  CB   sing N N 325 
TYR CA  HA   sing N N 326 
TYR C   O    doub N N 327 
TYR C   OXT  sing N N 328 
TYR CB  CG   sing N N 329 
TYR CB  HB2  sing N N 330 
TYR CB  HB3  sing N N 331 
TYR CG  CD1  doub Y N 332 
TYR CG  CD2  sing Y N 333 
TYR CD1 CE1  sing Y N 334 
TYR CD1 HD1  sing N N 335 
TYR CD2 CE2  doub Y N 336 
TYR CD2 HD2  sing N N 337 
TYR CE1 CZ   doub Y N 338 
TYR CE1 HE1  sing N N 339 
TYR CE2 CZ   sing Y N 340 
TYR CE2 HE2  sing N N 341 
TYR CZ  OH   sing N N 342 
TYR OH  HH   sing N N 343 
TYR OXT HXT  sing N N 344 
VAL N   CA   sing N N 345 
VAL N   H    sing N N 346 
VAL N   H2   sing N N 347 
VAL CA  C    sing N N 348 
VAL CA  CB   sing N N 349 
VAL CA  HA   sing N N 350 
VAL C   O    doub N N 351 
VAL C   OXT  sing N N 352 
VAL CB  CG1  sing N N 353 
VAL CB  CG2  sing N N 354 
VAL CB  HB   sing N N 355 
VAL CG1 HG11 sing N N 356 
VAL CG1 HG12 sing N N 357 
VAL CG1 HG13 sing N N 358 
VAL CG2 HG21 sing N N 359 
VAL CG2 HG22 sing N N 360 
VAL CG2 HG23 sing N N 361 
VAL OXT HXT  sing N N 362 
# 
_atom_sites.entry_id                    2C3G 
_atom_sites.fract_transf_matrix[1][1]   -0.00463873 
_atom_sites.fract_transf_matrix[1][2]   0.00758627 
_atom_sites.fract_transf_matrix[1][3]   -0.01823773 
_atom_sites.fract_transf_matrix[2][1]   -0.01107079 
_atom_sites.fract_transf_matrix[2][2]   0.01451639 
_atom_sites.fract_transf_matrix[2][3]   0.00885416 
_atom_sites.fract_transf_matrix[3][1]   0.00929272 
_atom_sites.fract_transf_matrix[3][2]   0.00680271 
_atom_sites.fract_transf_matrix[3][3]   0.00046611 
_atom_sites.fract_transf_vector[1]      0.253841 
_atom_sites.fract_transf_vector[2]      0.089423 
_atom_sites.fract_transf_vector[3]      0.343663 
# 
loop_
_atom_type.symbol 
C  
CD 
N  
O  
S  
# 
loop_
_atom_site.group_PDB 
_atom_site.id 
_atom_site.type_symbol 
_atom_site.label_atom_id 
_atom_site.label_alt_id 
_atom_site.label_comp_id 
_atom_site.label_asym_id 
_atom_site.label_entity_id 
_atom_site.label_seq_id 
_atom_site.pdbx_PDB_ins_code 
_atom_site.Cartn_x 
_atom_site.Cartn_y 
_atom_site.Cartn_z 
_atom_site.occupancy 
_atom_site.B_iso_or_equiv 
_atom_site.pdbx_formal_charge 
_atom_site.auth_seq_id 
_atom_site.auth_comp_id 
_atom_site.auth_asym_id 
_atom_site.auth_atom_id 
_atom_site.pdbx_PDB_model_num 
ATOM   1   N  N   . GLY A 1 1  ? 1.205   -14.755 -23.083 1.00   29.21 ? 1    GLY A N   1 
ATOM   2   C  CA  . GLY A 1 1  ? 0.271   -15.137 -22.002 1.00   30.09 ? 1    GLY A CA  1 
ATOM   3   C  C   . GLY A 1 1  ? -0.697  -14.019 -21.744 1.00   30.88 ? 1    GLY A C   1 
ATOM   4   O  O   . GLY A 1 1  ? -1.361  -13.559 -22.687 1.00   31.80 ? 1    GLY A O   1 
ATOM   5   N  N   . HIS A 1 2  ? -0.866  -13.679 -20.462 1.00   31.35 ? 2    HIS A N   1 
ATOM   6   C  CA  . HIS A 1 2  ? -0.835  -12.278 -19.979 1.00   30.71 ? 2    HIS A CA  1 
ATOM   7   C  C   . HIS A 1 2  ? -2.058  -11.528 -19.408 1.00   30.13 ? 2    HIS A C   1 
ATOM   8   O  O   . HIS A 1 2  ? -3.189  -11.595 -19.905 1.00   29.38 ? 2    HIS A O   1 
ATOM   9   C  CB  . HIS A 1 2  ? 0.049   -11.402 -20.885 1.00   31.75 ? 2    HIS A CB  1 
ATOM   10  C  CG  . HIS A 1 2  ? 1.322   -10.987 -20.229 1.00   33.62 ? 2    HIS A CG  1 
ATOM   11  N  ND1 . HIS A 1 2  ? 1.414   -9.874  -19.420 1.00   37.39 ? 2    HIS A ND1 1 
ATOM   12  C  CD2 . HIS A 1 2  ? 2.542   -11.564 -20.212 1.00   36.86 ? 2    HIS A CD2 1 
ATOM   13  C  CE1 . HIS A 1 2  ? 2.642   -9.769  -18.950 1.00   37.49 ? 2    HIS A CE1 1 
ATOM   14  N  NE2 . HIS A 1 2  ? 3.348   -10.782 -19.417 1.00   39.12 ? 2    HIS A NE2 1 
ATOM   15  N  N   . MET A 1 3  ? -1.768  -10.816 -18.321 1.00   29.34 ? 3    MET A N   1 
ATOM   16  C  CA  . MET A 1 3  ? -2.746  -10.065 -17.527 1.00   28.78 ? 3    MET A CA  1 
ATOM   17  C  C   . MET A 1 3  ? -2.045  -8.936  -16.783 1.00   27.89 ? 3    MET A C   1 
ATOM   18  O  O   . MET A 1 3  ? -0.807  -8.845  -16.773 1.00   28.50 ? 3    MET A O   1 
ATOM   19  C  CB  . MET A 1 3  ? -3.476  -10.980 -16.526 1.00   28.77 ? 3    MET A CB  1 
ATOM   20  C  CG  . MET A 1 3  ? -2.611  -11.492 -15.403 1.00   29.82 ? 3    MET A CG  1 
ATOM   21  S  SD  . MET A 1 3  ? -3.062  -13.135 -14.719 1.00   35.03 ? 3    MET A SD  1 
ATOM   22  C  CE  . MET A 1 3  ? -1.411  -13.812 -14.328 1.00   27.90 ? 3    MET A CE  1 
ATOM   23  N  N   . ALA A 1 4  ? -2.838  -8.059  -16.178 1.00   26.92 ? 4    ALA A N   1 
ATOM   24  C  CA  . ALA A 1 4  ? -2.298  -7.004  -15.333 1.00   25.49 ? 4    ALA A CA  1 
ATOM   25  C  C   . ALA A 1 4  ? -1.879  -7.618  -13.974 1.00   24.69 ? 4    ALA A C   1 
ATOM   26  O  O   . ALA A 1 4  ? -2.721  -8.037  -13.184 1.00   25.03 ? 4    ALA A O   1 
ATOM   27  C  CB  . ALA A 1 4  ? -3.326  -5.872  -15.157 1.00   25.02 ? 4    ALA A CB  1 
ATOM   28  N  N   . SER A 1 5  ? -0.576  -7.641  -13.727 1.00   23.19 ? 5    SER A N   1 
ATOM   29  C  CA  . SER A 1 5  ? 0.036   -8.300  -12.582 1.00   22.05 ? 5    SER A CA  1 
ATOM   30  C  C   . SER A 1 5  ? 0.847   -7.320  -11.737 1.00   21.47 ? 5    SER A C   1 
ATOM   31  O  O   . SER A 1 5  ? 1.319   -6.271  -12.227 1.00   21.85 ? 5    SER A O   1 
ATOM   32  C  CB  . SER A 1 5  ? 0.999   -9.388  -13.070 1.00   22.19 ? 5    SER A CB  1 
ATOM   33  O  OG  . SER A 1 5  ? 0.319   -10.575 -13.426 1.00   23.58 ? 5    SER A OG  1 
ATOM   34  N  N   . GLY A 1 6  ? 1.079   -7.695  -10.487 1.00   19.17 ? 6    GLY A N   1 
ATOM   35  C  CA  . GLY A 1 6  ? 1.882   -6.892  -9.601  1.00   16.51 ? 6    GLY A CA  1 
ATOM   36  C  C   . GLY A 1 6  ? 1.548   -7.116  -8.138  1.00   15.96 ? 6    GLY A C   1 
ATOM   37  O  O   . GLY A 1 6  ? 1.358   -8.259  -7.681  1.00   10.91 ? 6    GLY A O   1 
ATOM   38  N  N   . LEU A 1 7  ? 1.503   -6.024  -7.375  1.00   15.57 ? 7    LEU A N   1 
ATOM   39  C  CA  . LEU A 1 7  ? 1.195   -6.179  -5.956  1.00   16.45 ? 7    LEU A CA  1 
ATOM   40  C  C   . LEU A 1 7  ? -0.039  -5.378  -5.596  1.00   16.36 ? 7    LEU A C   1 
ATOM   41  O  O   . LEU A 1 7  ? -0.018  -4.156  -5.671  1.00   17.38 ? 7    LEU A O   1 
ATOM   42  C  CB  . LEU A 1 7  ? 2.431   -5.850  -5.090  1.00   16.24 ? 7    LEU A CB  1 
ATOM   43  C  CG  . LEU A 1 7  ? 3.244   -6.951  -4.359  1.00   17.78 ? 7    LEU A CG  1 
ATOM   44  C  CD1 . LEU A 1 7  ? 3.128   -8.385  -4.883  1.00   11.95 ? 7    LEU A CD1 1 
ATOM   45  C  CD2 . LEU A 1 7  ? 4.720   -6.584  -4.248  1.00   16.05 ? 7    LEU A CD2 1 
ATOM   46  N  N   . THR A 1 8  ? -1.133  -6.076  -5.288  1.00   16.02 ? 8    THR A N   1 
ATOM   47  C  CA  . THR A 1 8  ? -2.377  -5.445  -4.846  1.00   16.38 ? 8    THR A CA  1 
ATOM   48  C  C   . THR A 1 8  ? -2.363  -5.377  -3.331  1.00   16.46 ? 8    THR A C   1 
ATOM   49  O  O   . THR A 1 8  ? -2.061  -6.354  -2.654  1.00   16.89 ? 8    THR A O   1 
ATOM   50  C  CB  . THR A 1 8  ? -3.636  -6.221  -5.316  1.00   16.21 ? 8    THR A CB  1 
ATOM   51  O  OG1 . THR A 1 8  ? -3.682  -6.236  -6.738  1.00   17.33 ? 8    THR A OG1 1 
ATOM   52  C  CG2 . THR A 1 8  ? -4.928  -5.450  -4.913  1.00   16.25 ? 8    THR A CG2 1 
ATOM   53  N  N   . ILE A 1 9  ? -2.655  -4.208  -2.794  1.00   17.00 ? 9    ILE A N   1 
ATOM   54  C  CA  . ILE A 1 9  ? -2.609  -4.023  -1.363  1.00   16.62 ? 9    ILE A CA  1 
ATOM   55  C  C   . ILE A 1 9  ? -3.930  -3.413  -0.937  1.00   16.71 ? 9    ILE A C   1 
ATOM   56  O  O   . ILE A 1 9  ? -4.403  -2.479  -1.569  1.00   16.75 ? 9    ILE A O   1 
ATOM   57  C  CB  . ILE A 1 9  ? -1.318  -3.197  -0.945  1.00   16.02 ? 9    ILE A CB  1 
ATOM   58  C  CG1 . ILE A 1 9  ? -0.120  -4.141  -0.761  1.00   17.56 ? 9    ILE A CG1 1 
ATOM   59  C  CG2 . ILE A 1 9  ? -1.435  -2.589  0.442   1.00   15.30 ? 9    ILE A CG2 1 
ATOM   60  C  CD1 . ILE A 1 9  ? 0.586   -4.515  -1.963  1.00   18.77 ? 9    ILE A CD1 1 
ATOM   61  N  N   . TYR A 1 10 ? -4.549  -3.986  0.095   1.00   17.01 ? 10   TYR A N   1 
ATOM   62  C  CA  . TYR A 1 10 ? -5.775  -3.435  0.669   1.00   17.60 ? 10   TYR A CA  1 
ATOM   63  C  C   . TYR A 1 10 ? -5.467  -2.951  2.056   1.00   17.45 ? 10   TYR A C   1 
ATOM   64  O  O   . TYR A 1 10 ? -4.777  -3.620  2.811   1.00   17.84 ? 10   TYR A O   1 
ATOM   65  C  CB  . TYR A 1 10 ? -6.903  -4.459  0.764   1.00   17.52 ? 10   TYR A CB  1 
ATOM   66  C  CG  . TYR A 1 10 ? -7.358  -5.017  -0.549  1.00   17.90 ? 10   TYR A CG  1 
ATOM   67  C  CD1 . TYR A 1 10 ? -8.520  -4.550  -1.162  1.00   17.53 ? 10   TYR A CD1 1 
ATOM   68  C  CD2 . TYR A 1 10 ? -6.620  -6.010  -1.181  1.00   17.79 ? 10   TYR A CD2 1 
ATOM   69  C  CE1 . TYR A 1 10 ? -8.943  -5.077  -2.382  1.00   20.35 ? 10   TYR A CE1 1 
ATOM   70  C  CE2 . TYR A 1 10 ? -7.016  -6.544  -2.387  1.00   19.57 ? 10   TYR A CE2 1 
ATOM   71  C  CZ  . TYR A 1 10 ? -8.172  -6.074  -2.980  1.00   22.15 ? 10   TYR A CZ  1 
ATOM   72  O  OH  . TYR A 1 10 ? -8.553  -6.601  -4.164  1.00   23.94 ? 10   TYR A OH  1 
ATOM   73  N  N   . PHE A 1 11 ? -5.986  -1.776  2.374   1.00   17.67 ? 11   PHE A N   1 
ATOM   74  C  CA  . PHE A 1 11 ? -5.714  -1.145  3.637   1.00   17.37 ? 11   PHE A CA  1 
ATOM   75  C  C   . PHE A 1 11 ? -7.004  -0.846  4.395   1.00   17.37 ? 11   PHE A C   1 
ATOM   76  O  O   . PHE A 1 11 ? -7.893  -0.203  3.875   1.00   15.42 ? 11   PHE A O   1 
ATOM   77  C  CB  . PHE A 1 11 ? -4.945  0.145   3.352   1.00   17.86 ? 11   PHE A CB  1 
ATOM   78  C  CG  . PHE A 1 11 ? -4.578  0.907   4.574   1.00   16.75 ? 11   PHE A CG  1 
ATOM   79  C  CD1 . PHE A 1 11 ? -4.024  0.255   5.671   1.00   17.59 ? 11   PHE A CD1 1 
ATOM   80  C  CD2 . PHE A 1 11 ? -4.781  2.261   4.623   1.00   17.53 ? 11   PHE A CD2 1 
ATOM   81  C  CE1 . PHE A 1 11 ? -3.685  0.952   6.811   1.00   17.90 ? 11   PHE A CE1 1 
ATOM   82  C  CE2 . PHE A 1 11 ? -4.463  2.972   5.757   1.00   19.68 ? 11   PHE A CE2 1 
ATOM   83  C  CZ  . PHE A 1 11 ? -3.906  2.307   6.860   1.00   19.57 ? 11   PHE A CZ  1 
ATOM   84  N  N   . LYS A 1 12 ? -7.090  -1.306  5.635   1.00   18.36 ? 12   LYS A N   1 
ATOM   85  C  CA  . LYS A 1 12 ? -8.201  -0.929  6.485   1.00   20.05 ? 12   LYS A CA  1 
ATOM   86  C  C   . LYS A 1 12 ? -7.828  0.354   7.197   1.00   21.08 ? 12   LYS A C   1 
ATOM   87  O  O   . LYS A 1 12 ? -7.033  0.347   8.159   1.00   20.91 ? 12   LYS A O   1 
ATOM   88  C  CB  . LYS A 1 12 ? -8.566  -2.033  7.466   1.00   19.84 ? 12   LYS A CB  1 
ATOM   89  C  CG  . LYS A 1 12 ? -9.818  -1.694  8.204   1.00   22.35 ? 12   LYS A CG  1 
ATOM   90  C  CD  . LYS A 1 12 ? -10.795 -2.814  8.209   1.00   24.53 ? 12   LYS A CD  1 
ATOM   91  C  CE  . LYS A 1 12 ? -11.056 -3.237  9.617   1.00   26.11 ? 12   LYS A CE  1 
ATOM   92  N  NZ  . LYS A 1 12 ? -12.346 -3.986  9.726   1.00   28.90 ? 12   LYS A NZ  1 
ATOM   93  N  N   . LYS A 1 13 ? -8.367  1.457   6.678   1.00   21.72 ? 13   LYS A N   1 
ATOM   94  C  CA  . LYS A 1 13 ? -7.983  2.800   7.114   1.00   22.60 ? 13   LYS A CA  1 
ATOM   95  C  C   . LYS A 1 13 ? -8.562  3.101   8.491   1.00   23.05 ? 13   LYS A C   1 
ATOM   96  O  O   . LYS A 1 13 ? -9.759  2.870   8.724   1.00   22.55 ? 13   LYS A O   1 
ATOM   97  C  CB  . LYS A 1 13 ? -8.448  3.851   6.098   1.00   22.66 ? 13   LYS A CB  1 
ATOM   98  C  CG  . LYS A 1 13 ? -8.050  5.289   6.429   1.00   22.82 ? 13   LYS A CG  1 
ATOM   99  C  CD  . LYS A 1 13 ? -8.778  6.329   5.539   1.00   23.76 ? 13   LYS A CD  1 
ATOM   100 C  CE  . LYS A 1 13 ? -10.198 6.688   6.023   1.00   23.79 ? 13   LYS A CE  1 
ATOM   101 N  NZ  . LYS A 1 13 ? -10.286 7.159   7.450   1.00   23.65 ? 13   LYS A NZ  1 
ATOM   102 N  N   . PRO A 1 14 ? -7.714  3.570   9.423   1.00   23.18 ? 14   PRO A N   1 
ATOM   103 C  CA  . PRO A 1 14 ? -8.197  4.028   10.732  1.00   23.26 ? 14   PRO A CA  1 
ATOM   104 C  C   . PRO A 1 14 ? -9.112  5.216   10.535  1.00   23.03 ? 14   PRO A C   1 
ATOM   105 O  O   . PRO A 1 14 ? -8.985  6.003   9.592   1.00   22.84 ? 14   PRO A O   1 
ATOM   106 C  CB  . PRO A 1 14 ? -6.914  4.411   11.466  1.00   22.77 ? 14   PRO A CB  1 
ATOM   107 C  CG  . PRO A 1 14 ? -5.878  3.582   10.761  1.00   23.01 ? 14   PRO A CG  1 
ATOM   108 C  CD  . PRO A 1 14 ? -6.251  3.660   9.329   1.00   22.99 ? 14   PRO A CD  1 
ATOM   109 N  N   . ASP A 1 15 ? -10.084 5.323   11.406  1.00   24.08 ? 15   ASP A N   1 
ATOM   110 C  CA  . ASP A 1 15 ? -11.143 6.293   11.183  1.00   24.65 ? 15   ASP A CA  1 
ATOM   111 C  C   . ASP A 1 15 ? -10.661 7.728   11.349  1.00   25.48 ? 15   ASP A C   1 
ATOM   112 O  O   . ASP A 1 15 ? -11.262 8.645   10.787  1.00   26.08 ? 15   ASP A O   1 
ATOM   113 C  CB  . ASP A 1 15 ? -12.316 5.980   12.099  1.00   23.45 ? 15   ASP A CB  1 
ATOM   114 C  CG  . ASP A 1 15 ? -13.222 4.905   11.526  1.00   24.31 ? 15   ASP A CG  1 
ATOM   115 O  OD1 . ASP A 1 15 ? -13.768 4.162   12.393  1.00   22.42 ? 15   ASP A OD1 1 
ATOM   116 O  OD2 . ASP A 1 15 ? -13.454 4.741   10.253  1.00   16.69 ? 15   ASP A OD2 1 
ATOM   117 N  N   . SER A 1 16 ? -9.585  7.917   12.124  1.00   26.48 ? 16   SER A N   1 
ATOM   118 C  CA  . SER A 1 16 ? -8.992  9.244   12.322  1.00   27.46 ? 16   SER A CA  1 
ATOM   119 C  C   . SER A 1 16 ? -8.233  9.741   11.093  1.00   27.39 ? 16   SER A C   1 
ATOM   120 O  O   . SER A 1 16 ? -7.927  10.922  10.982  1.00   28.79 ? 16   SER A O   1 
ATOM   121 C  CB  . SER A 1 16 ? -8.047  9.238   13.520  1.00   27.45 ? 16   SER A CB  1 
ATOM   122 O  OG  . SER A 1 16 ? -6.949  8.366   13.279  1.00   29.28 ? 16   SER A OG  1 
ATOM   123 N  N   . TRP A 1 17 ? -7.937  8.846   10.161  1.00   26.78 ? 17   TRP A N   1 
ATOM   124 C  CA  . TRP A 1 17 ? -7.110  9.194   9.020   1.00   26.32 ? 17   TRP A CA  1 
ATOM   125 C  C   . TRP A 1 17 ? -7.881  9.899   7.920   1.00   26.41 ? 17   TRP A C   1 
ATOM   126 O  O   . TRP A 1 17 ? -9.064  9.609   7.701   1.00   26.40 ? 17   TRP A O   1 
ATOM   127 C  CB  . TRP A 1 17 ? -6.544  7.918   8.433   1.00   26.06 ? 17   TRP A CB  1 
ATOM   128 C  CG  . TRP A 1 17 ? -5.382  7.373   9.127   1.00   25.23 ? 17   TRP A CG  1 
ATOM   129 C  CD1 . TRP A 1 17 ? -5.155  7.342   10.474  1.00   24.14 ? 17   TRP A CD1 1 
ATOM   130 C  CD2 . TRP A 1 17 ? -4.257  6.739   8.514   1.00   24.80 ? 17   TRP A CD2 1 
ATOM   131 N  NE1 . TRP A 1 17 ? -3.959  6.718   10.732  1.00   26.03 ? 17   TRP A NE1 1 
ATOM   132 C  CE2 . TRP A 1 17 ? -3.385  6.340   9.546   1.00   24.42 ? 17   TRP A CE2 1 
ATOM   133 C  CE3 . TRP A 1 17 ? -3.899  6.465   7.194   1.00   23.61 ? 17   TRP A CE3 1 
ATOM   134 C  CZ2 . TRP A 1 17 ? -2.183  5.677   9.299   1.00   25.10 ? 17   TRP A CZ2 1 
ATOM   135 C  CZ3 . TRP A 1 17 ? -2.709  5.806   6.949   1.00   24.21 ? 17   TRP A CZ3 1 
ATOM   136 C  CH2 . TRP A 1 17 ? -1.864  5.416   8.000   1.00   23.73 ? 17   TRP A CH2 1 
ATOM   137 N  N   . GLY A 1 18 ? -7.205  10.803  7.213   1.00   26.34 ? 18   GLY A N   1 
ATOM   138 C  CA  . GLY A 1 18 ? -7.731  11.388  5.990   1.00   26.50 ? 18   GLY A CA  1 
ATOM   139 C  C   . GLY A 1 18 ? -7.472  10.468  4.809   1.00   26.90 ? 18   GLY A C   1 
ATOM   140 O  O   . GLY A 1 18 ? -7.049  9.316   5.009   1.00   27.76 ? 18   GLY A O   1 
ATOM   141 N  N   . THR A 1 19 ? -7.703  10.961  3.587   1.00   26.90 ? 19   THR A N   1 
ATOM   142 C  CA  . THR A 1 19 ? -7.596  10.142  2.365   1.00   26.67 ? 19   THR A CA  1 
ATOM   143 C  C   . THR A 1 19 ? -6.340  9.271   2.382   1.00   26.46 ? 19   THR A C   1 
ATOM   144 O  O   . THR A 1 19 ? -5.252  9.813   2.593   1.00   26.72 ? 19   THR A O   1 
ATOM   145 C  CB  . THR A 1 19 ? -7.616  11.047  1.120   1.00   26.70 ? 19   THR A CB  1 
ATOM   146 O  OG1 . THR A 1 19 ? -8.968  11.412  0.812   1.00   28.42 ? 19   THR A OG1 1 
ATOM   147 C  CG2 . THR A 1 19 ? -7.177  10.289  -0.131  1.00   26.24 ? 19   THR A CG2 1 
ATOM   148 N  N   . PRO A 1 20 ? -6.464  7.942   2.187   1.00   25.65 ? 20   PRO A N   1 
ATOM   149 C  CA  . PRO A 1 20 ? -5.296  7.044   2.291   1.00   24.99 ? 20   PRO A CA  1 
ATOM   150 C  C   . PRO A 1 20 ? -4.450  6.978   1.027   1.00   24.36 ? 20   PRO A C   1 
ATOM   151 O  O   . PRO A 1 20 ? -5.000  6.890   -0.069  1.00   25.05 ? 20   PRO A O   1 
ATOM   152 C  CB  . PRO A 1 20 ? -5.928  5.681   2.557   1.00   25.58 ? 20   PRO A CB  1 
ATOM   153 C  CG  . PRO A 1 20 ? -7.252  5.735   1.803   1.00   24.54 ? 20   PRO A CG  1 
ATOM   154 C  CD  . PRO A 1 20 ? -7.698  7.187   1.876   1.00   26.02 ? 20   PRO A CD  1 
ATOM   155 N  N   . HIS A 1 21 ? -3.130  7.020   1.197   1.00   23.55 ? 21   HIS A N   1 
ATOM   156 C  CA  . HIS A 1 21 ? -2.163  6.909   0.091   1.00   23.29 ? 21   HIS A CA  1 
ATOM   157 C  C   . HIS A 1 21 ? -1.128  5.781   0.305   1.00   22.94 ? 21   HIS A C   1 
ATOM   158 O  O   . HIS A 1 21 ? -0.832  5.396   1.435   1.00   22.29 ? 21   HIS A O   1 
ATOM   159 C  CB  . HIS A 1 21 ? -1.417  8.229   -0.094  1.00   22.84 ? 21   HIS A CB  1 
ATOM   160 C  CG  . HIS A 1 21 ? -2.280  9.350   -0.550  1.00   22.58 ? 21   HIS A CG  1 
ATOM   161 N  ND1 . HIS A 1 21 ? -3.133  10.023  0.298   1.00   24.86 ? 21   HIS A ND1 1 
ATOM   162 C  CD2 . HIS A 1 21 ? -2.425  9.921   -1.763  1.00   22.37 ? 21   HIS A CD2 1 
ATOM   163 C  CE1 . HIS A 1 21 ? -3.761  10.970  -0.375  1.00   24.41 ? 21   HIS A CE1 1 
ATOM   164 N  NE2 . HIS A 1 21 ? -3.348  10.928  -1.626  1.00   25.78 ? 21   HIS A NE2 1 
ATOM   165 N  N   . LEU A 1 22 ? -0.591  5.247   -0.786  1.00   23.61 ? 22   LEU A N   1 
ATOM   166 C  CA  . LEU A 1 22 ? 0.361   4.138   -0.663  1.00   23.91 ? 22   LEU A CA  1 
ATOM   167 C  C   . LEU A 1 22 ? 1.771   4.558   -1.091  1.00   24.25 ? 22   LEU A C   1 
ATOM   168 O  O   . LEU A 1 22 ? 2.045   4.735   -2.270  1.00   23.96 ? 22   LEU A O   1 
ATOM   169 C  CB  . LEU A 1 22 ? -0.100  2.900   -1.457  1.00   23.43 ? 22   LEU A CB  1 
ATOM   170 C  CG  . LEU A 1 22 ? 0.803   1.662   -1.281  1.00   23.27 ? 22   LEU A CG  1 
ATOM   171 C  CD1 . LEU A 1 22 ? 0.665   1.062   0.120   1.00   20.76 ? 22   LEU A CD1 1 
ATOM   172 C  CD2 . LEU A 1 22 ? 0.610   0.597   -2.369  1.00   21.90 ? 22   LEU A CD2 1 
ATOM   173 N  N   . TYR A 1 23 ? 2.662   4.695   -0.122  1.00   25.03 ? 23   TYR A N   1 
ATOM   174 C  CA  . TYR A 1 23 ? 4.050   5.008   -0.416  1.00   26.07 ? 23   TYR A CA  1 
ATOM   175 C  C   . TYR A 1 23 ? 4.884   3.722   -0.457  1.00   25.40 ? 23   TYR A C   1 
ATOM   176 O  O   . TYR A 1 23 ? 4.779   2.883   0.435   1.00   25.48 ? 23   TYR A O   1 
ATOM   177 C  CB  . TYR A 1 23 ? 4.624   6.007   0.612   1.00   26.53 ? 23   TYR A CB  1 
ATOM   178 C  CG  . TYR A 1 23 ? 6.079   6.321   0.352   1.00   28.65 ? 23   TYR A CG  1 
ATOM   179 C  CD1 . TYR A 1 23 ? 6.459   7.011   -0.792  1.00   27.66 ? 23   TYR A CD1 1 
ATOM   180 C  CD2 . TYR A 1 23 ? 7.080   5.887   1.231   1.00   29.18 ? 23   TYR A CD2 1 
ATOM   181 C  CE1 . TYR A 1 23 ? 7.781   7.278   -1.047  1.00   28.32 ? 23   TYR A CE1 1 
ATOM   182 C  CE2 . TYR A 1 23 ? 8.407   6.164   0.984   1.00   29.19 ? 23   TYR A CE2 1 
ATOM   183 C  CZ  . TYR A 1 23 ? 8.749   6.852   -0.161  1.00   29.87 ? 23   TYR A CZ  1 
ATOM   184 O  OH  . TYR A 1 23 ? 10.065  7.132   -0.434  1.00   31.98 ? 23   TYR A OH  1 
ATOM   185 N  N   . TYR A 1 24 ? 5.702   3.591   -1.498  1.00   25.13 ? 24   TYR A N   1 
ATOM   186 C  CA  . TYR A 1 24 ? 6.528   2.394   -1.742  1.00   25.05 ? 24   TYR A CA  1 
ATOM   187 C  C   . TYR A 1 24 ? 7.848   2.727   -2.446  1.00   25.36 ? 24   TYR A C   1 
ATOM   188 O  O   . TYR A 1 24 ? 7.917   3.610   -3.303  1.00   24.87 ? 24   TYR A O   1 
ATOM   189 C  CB  . TYR A 1 24 ? 5.769   1.331   -2.553  1.00   24.30 ? 24   TYR A CB  1 
ATOM   190 C  CG  . TYR A 1 24 ? 5.343   1.795   -3.920  1.00   23.12 ? 24   TYR A CG  1 
ATOM   191 C  CD1 . TYR A 1 24 ? 4.148   2.485   -4.091  1.00   22.71 ? 24   TYR A CD1 1 
ATOM   192 C  CD2 . TYR A 1 24 ? 6.132   1.542   -5.047  1.00   23.23 ? 24   TYR A CD2 1 
ATOM   193 C  CE1 . TYR A 1 24 ? 3.750   2.927   -5.327  1.00   23.17 ? 24   TYR A CE1 1 
ATOM   194 C  CE2 . TYR A 1 24 ? 5.739   1.974   -6.311  1.00   24.16 ? 24   TYR A CE2 1 
ATOM   195 C  CZ  . TYR A 1 24 ? 4.539   2.678   -6.438  1.00   23.80 ? 24   TYR A CZ  1 
ATOM   196 O  OH  . TYR A 1 24 ? 4.108   3.117   -7.672  1.00   23.44 ? 24   TYR A OH  1 
ATOM   197 N  N   . TYR A 1 25 ? 8.889   1.989   -2.072  1.00   26.17 ? 25   TYR A N   1 
ATOM   198 C  CA  . TYR A 1 25 ? 10.226  2.194   -2.615  1.00   26.74 ? 25   TYR A CA  1 
ATOM   199 C  C   . TYR A 1 25 ? 10.917  0.830   -2.797  1.00   27.15 ? 25   TYR A C   1 
ATOM   200 O  O   . TYR A 1 25 ? 10.256  -0.207  -2.752  1.00   26.99 ? 25   TYR A O   1 
ATOM   201 C  CB  . TYR A 1 25 ? 11.038  3.146   -1.714  1.00   26.75 ? 25   TYR A CB  1 
ATOM   202 C  CG  . TYR A 1 25 ? 11.139  2.695   -0.272  1.00   26.52 ? 25   TYR A CG  1 
ATOM   203 C  CD1 . TYR A 1 25 ? 10.092  2.906   0.612   1.00   26.97 ? 25   TYR A CD1 1 
ATOM   204 C  CD2 . TYR A 1 25 ? 12.286  2.066   0.209   1.00   26.94 ? 25   TYR A CD2 1 
ATOM   205 C  CE1 . TYR A 1 25 ? 10.165  2.511   1.920   1.00   28.99 ? 25   TYR A CE1 1 
ATOM   206 C  CE2 . TYR A 1 25 ? 12.368  1.654   1.541   1.00   28.00 ? 25   TYR A CE2 1 
ATOM   207 C  CZ  . TYR A 1 25 ? 11.302  1.884   2.390   1.00   27.97 ? 25   TYR A CZ  1 
ATOM   208 O  OH  . TYR A 1 25 ? 11.327  1.490   3.713   1.00   30.27 ? 25   TYR A OH  1 
ATOM   209 N  N   . ASP A 1 26 ? 12.244  0.828   -2.938  1.00   27.88 ? 26   ASP A N   1 
ATOM   210 C  CA  . ASP A 1 26 ? 12.971  -0.316  -3.498  1.00   28.56 ? 26   ASP A CA  1 
ATOM   211 C  C   . ASP A 1 26 ? 12.094  -1.462  -4.015  1.00   27.65 ? 26   ASP A C   1 
ATOM   212 O  O   . ASP A 1 26 ? 11.939  -2.492  -3.395  1.00   26.93 ? 26   ASP A O   1 
ATOM   213 C  CB  . ASP A 1 26 ? 14.306  -0.716  -2.770  1.00   30.00 ? 26   ASP A CB  1 
ATOM   214 C  CG  . ASP A 1 26 ? 14.122  -1.342  -1.381  1.00   32.70 ? 26   ASP A CG  1 
ATOM   215 O  OD1 . ASP A 1 26 ? 13.975  -0.577  -0.396  1.00   36.08 ? 26   ASP A OD1 1 
ATOM   216 O  OD2 . ASP A 1 26 ? 14.227  -2.577  -1.157  1.00   34.31 ? 26   ASP A OD2 1 
ATOM   217 N  N   . THR A 1 27 ? 11.513  -1.173  -5.175  1.00   27.44 ? 27   THR A N   1 
ATOM   218 C  CA  . THR A 1 27 ? 10.751  -2.079  -6.010  1.00   27.41 ? 27   THR A CA  1 
ATOM   219 C  C   . THR A 1 27 ? 11.685  -3.042  -6.712  1.00   27.65 ? 27   THR A C   1 
ATOM   220 O  O   . THR A 1 27 ? 12.824  -2.691  -7.033  1.00   27.07 ? 27   THR A O   1 
ATOM   221 C  CB  . THR A 1 27 ? 9.998   -1.254  -7.097  1.00   27.80 ? 27   THR A CB  1 
ATOM   222 O  OG1 . THR A 1 27 ? 10.926  -0.409  -7.798  1.00   26.75 ? 27   THR A OG1 1 
ATOM   223 C  CG2 . THR A 1 27 ? 9.012   -0.245  -6.468  1.00   27.36 ? 27   THR A CG2 1 
ATOM   224 N  N   . ASN A 1 28 ? 11.197  -4.249  -6.970  1.00   27.64 ? 28   ASN A N   1 
ATOM   225 C  CA  . ASN A 1 28 ? 11.941  -5.230  -7.753  1.00   28.34 ? 28   ASN A CA  1 
ATOM   226 C  C   . ASN A 1 28 ? 10.920  -6.074  -8.536  1.00   28.33 ? 28   ASN A C   1 
ATOM   227 O  O   . ASN A 1 28 ? 10.041  -6.695  -7.933  1.00   27.72 ? 28   ASN A O   1 
ATOM   228 C  CB  . ASN A 1 28 ? 12.844  -6.090  -6.828  1.00   28.84 ? 28   ASN A CB  1 
ATOM   229 C  CG  . ASN A 1 28 ? 13.651  -7.169  -7.590  1.00   31.10 ? 28   ASN A CG  1 
ATOM   230 O  OD1 . ASN A 1 28 ? 13.845  -7.086  -8.802  1.00   32.23 ? 28   ASN A OD1 1 
ATOM   231 N  ND2 . ASN A 1 28 ? 14.129  -8.185  -6.856  1.00   34.50 ? 28   ASN A ND2 1 
ATOM   232 N  N   . PRO A 1 29 ? 10.977  -6.063  -9.871  1.00   28.82 ? 29   PRO A N   1 
ATOM   233 C  CA  . PRO A 1 29 ? 11.934  -5.271  -10.664 1.00   29.22 ? 29   PRO A CA  1 
ATOM   234 C  C   . PRO A 1 29 ? 11.762  -3.784  -10.515 1.00   29.75 ? 29   PRO A C   1 
ATOM   235 O  O   . PRO A 1 29 ? 10.657  -3.321  -10.217 1.00   29.33 ? 29   PRO A O   1 
ATOM   236 C  CB  . PRO A 1 29 ? 11.624  -5.670  -12.104 1.00   29.06 ? 29   PRO A CB  1 
ATOM   237 C  CG  . PRO A 1 29 ? 10.267  -6.265  -12.065 1.00   29.80 ? 29   PRO A CG  1 
ATOM   238 C  CD  . PRO A 1 29 ? 10.080  -6.862  -10.720 1.00   28.77 ? 29   PRO A CD  1 
ATOM   239 N  N   . LYS A 1 30 ? 12.845  -3.048  -10.729 1.00   30.38 ? 30   LYS A N   1 
ATOM   240 C  CA  . LYS A 1 30 ? 12.861  -1.613  -10.482 1.00   31.54 ? 30   LYS A CA  1 
ATOM   241 C  C   . LYS A 1 30 ? 11.930  -0.896  -11.443 1.00   31.89 ? 30   LYS A C   1 
ATOM   242 O  O   . LYS A 1 30 ? 11.949  -1.130  -12.648 1.00   31.84 ? 30   LYS A O   1 
ATOM   243 C  CB  . LYS A 1 30 ? 14.286  -1.040  -10.548 1.00   31.66 ? 30   LYS A CB  1 
ATOM   244 C  CG  . LYS A 1 30 ? 14.491  0.261   -9.756  1.00   32.73 ? 30   LYS A CG  1 
ATOM   245 C  CD  . LYS A 1 30 ? 14.541  0.031   -8.235  1.00   33.27 ? 30   LYS A CD  1 
ATOM   246 C  CE  . LYS A 1 30 ? 15.389  1.103   -7.550  1.00   33.94 ? 30   LYS A CE  1 
ATOM   247 N  NZ  . LYS A 1 30 ? 14.755  1.712   -6.328  1.00   33.36 ? 30   LYS A NZ  1 
ATOM   248 N  N   . VAL A 1 31 ? 11.121  -0.011  -10.870 1.00   32.73 ? 31   VAL A N   1 
ATOM   249 C  CA  . VAL A 1 31 ? 9.987   0.602   -11.534 1.00   32.79 ? 31   VAL A CA  1 
ATOM   250 C  C   . VAL A 1 31 ? 9.914   2.010   -10.959 1.00   33.68 ? 31   VAL A C   1 
ATOM   251 O  O   . VAL A 1 31 ? 10.487  2.252   -9.880  1.00   33.51 ? 31   VAL A O   1 
ATOM   252 C  CB  . VAL A 1 31 ? 8.728   -0.259  -11.239 1.00   32.65 ? 31   VAL A CB  1 
ATOM   253 C  CG1 . VAL A 1 31 ? 7.909   0.267   -10.059 1.00   32.36 ? 31   VAL A CG1 1 
ATOM   254 C  CG2 . VAL A 1 31 ? 7.921   -0.482  -12.470 1.00   32.91 ? 31   VAL A CG2 1 
ATOM   255 N  N   . ASP A 1 32 ? 9.260   2.939   -11.664 0.50   34.28 ? 32   ASP A N   1 
ATOM   256 C  CA  A ASP A 1 32 ? 9.117   4.305   -11.161 0.50   34.68 ? 32   ASP A CA  1 
ATOM   257 C  CA  B ASP A 1 32 ? 9.069   4.303   -11.170 0.50   34.79 ? 32   ASP A CA  1 
ATOM   258 C  C   . ASP A 1 32 ? 8.543   4.264   -9.745  0.50   35.15 ? 32   ASP A C   1 
ATOM   259 O  O   . ASP A 1 32 ? 7.529   3.609   -9.479  0.50   34.94 ? 32   ASP A O   1 
ATOM   260 C  CB  A ASP A 1 32 ? 8.239   5.161   -12.096 0.50   34.79 ? 32   ASP A CB  1 
ATOM   261 C  CB  B ASP A 1 32 ? 8.058   5.065   -12.041 0.50   35.04 ? 32   ASP A CB  1 
ATOM   262 C  CG  A ASP A 1 32 ? 9.054   6.133   -12.982 0.50   34.81 ? 32   ASP A CG  1 
ATOM   263 C  CG  B ASP A 1 32 ? 8.543   5.301   -13.470 0.50   35.43 ? 32   ASP A CG  1 
ATOM   264 O  OD1 A ASP A 1 32 ? 10.307  6.034   -13.035 0.50   35.06 ? 32   ASP A OD1 1 
ATOM   265 O  OD1 B ASP A 1 32 ? 9.745   5.598   -13.675 0.50   36.83 ? 32   ASP A OD1 1 
ATOM   266 O  OD2 A ASP A 1 32 ? 8.511   7.035   -13.673 0.50   33.60 ? 32   ASP A OD2 1 
ATOM   267 O  OD2 B ASP A 1 32 ? 7.773   5.228   -14.456 0.50   35.33 ? 32   ASP A OD2 1 
ATOM   268 N  N   . GLU A 1 33 ? 9.223   4.946   -8.833  1.00   35.91 ? 33   GLU A N   1 
ATOM   269 C  CA  . GLU A 1 33 ? 8.772   5.036   -7.455  1.00   37.35 ? 33   GLU A CA  1 
ATOM   270 C  C   . GLU A 1 33 ? 8.277   6.446   -7.127  1.00   37.97 ? 33   GLU A C   1 
ATOM   271 O  O   . GLU A 1 33 ? 8.895   7.437   -7.526  1.00   38.10 ? 33   GLU A O   1 
ATOM   272 C  CB  . GLU A 1 33 ? 9.860   4.625   -6.460  1.00   37.68 ? 33   GLU A CB  1 
ATOM   273 C  CG  . GLU A 1 33 ? 11.079  3.968   -7.072  1.00   39.91 ? 33   GLU A CG  1 
ATOM   274 C  CD  . GLU A 1 33 ? 11.540  2.745   -6.299  1.00   41.42 ? 33   GLU A CD  1 
ATOM   275 O  OE1 . GLU A 1 33 ? 12.054  2.890   -5.172  1.00   41.60 ? 33   GLU A OE1 1 
ATOM   276 O  OE2 . GLU A 1 33 ? 11.412  1.635   -6.839  1.00   43.95 ? 33   GLU A OE2 1 
ATOM   277 N  N   . PRO A 1 34 ? 7.172   6.528   -6.391  1.00   38.26 ? 34   PRO A N   1 
ATOM   278 C  CA  . PRO A 1 34 ? 6.579   7.807   -6.002  1.00   38.76 ? 34   PRO A CA  1 
ATOM   279 C  C   . PRO A 1 34 ? 7.348   8.572   -4.915  1.00   38.85 ? 34   PRO A C   1 
ATOM   280 O  O   . PRO A 1 34 ? 8.054   7.998   -4.088  1.00   38.88 ? 34   PRO A O   1 
ATOM   281 C  CB  . PRO A 1 34 ? 5.221   7.378   -5.444  1.00   39.08 ? 34   PRO A CB  1 
ATOM   282 C  CG  . PRO A 1 34 ? 5.482   6.025   -4.868  1.00   38.34 ? 34   PRO A CG  1 
ATOM   283 C  CD  . PRO A 1 34 ? 6.396   5.394   -5.861  1.00   38.35 ? 34   PRO A CD  1 
ATOM   284 N  N   . THR A 1 35 ? 7.191   9.890   -4.965  1.00   38.95 ? 35   THR A N   1 
ATOM   285 C  CA  . THR A 1 35 ? 7.528   10.815  -3.894  1.00   38.89 ? 35   THR A CA  1 
ATOM   286 C  C   . THR A 1 35 ? 6.644   10.500  -2.676  1.00   38.40 ? 35   THR A C   1 
ATOM   287 O  O   . THR A 1 35 ? 5.560   9.929   -2.829  1.00   38.90 ? 35   THR A O   1 
ATOM   288 C  CB  . THR A 1 35 ? 7.240   12.250  -4.425  1.00   39.07 ? 35   THR A CB  1 
ATOM   289 O  OG1 . THR A 1 35 ? 8.331   12.698  -5.235  1.00   40.32 ? 35   THR A OG1 1 
ATOM   290 C  CG2 . THR A 1 35 ? 7.180   13.262  -3.324  1.00   39.57 ? 35   THR A CG2 1 
ATOM   291 N  N   . TRP A 1 36 ? 7.090   10.873  -1.479  1.00   37.51 ? 36   TRP A N   1 
ATOM   292 C  CA  . TRP A 1 36 ? 6.269   10.768  -0.267  1.00   36.89 ? 36   TRP A CA  1 
ATOM   293 C  C   . TRP A 1 36 ? 4.952   11.553  -0.417  1.00   36.93 ? 36   TRP A C   1 
ATOM   294 O  O   . TRP A 1 36 ? 3.903   11.143  0.080   1.00   36.69 ? 36   TRP A O   1 
ATOM   295 C  CB  . TRP A 1 36 ? 7.076   11.241  0.944   1.00   36.64 ? 36   TRP A CB  1 
ATOM   296 C  CG  . TRP A 1 36 ? 6.373   11.207  2.275   1.00   35.72 ? 36   TRP A CG  1 
ATOM   297 C  CD1 . TRP A 1 36 ? 5.889   12.277  2.962   1.00   35.68 ? 36   TRP A CD1 1 
ATOM   298 C  CD2 . TRP A 1 36 ? 6.116   10.060  3.099   1.00   36.13 ? 36   TRP A CD2 1 
ATOM   299 N  NE1 . TRP A 1 36 ? 5.332   11.877  4.154   1.00   34.41 ? 36   TRP A NE1 1 
ATOM   300 C  CE2 . TRP A 1 36 ? 5.455   10.519  4.266   1.00   35.56 ? 36   TRP A CE2 1 
ATOM   301 C  CE3 . TRP A 1 36 ? 6.360   8.683   2.967   1.00   34.08 ? 36   TRP A CE3 1 
ATOM   302 C  CZ2 . TRP A 1 36 ? 5.043   9.654   5.296   1.00   35.22 ? 36   TRP A CZ2 1 
ATOM   303 C  CZ3 . TRP A 1 36 ? 5.948   7.826   3.992   1.00   34.10 ? 36   TRP A CZ3 1 
ATOM   304 C  CH2 . TRP A 1 36 ? 5.297   8.316   5.136   1.00   35.15 ? 36   TRP A CH2 1 
ATOM   305 N  N   . SER A 1 37 ? 5.016   12.669  -1.135  1.00   36.63 ? 37   SER A N   1 
ATOM   306 C  CA  . SER A 1 37 ? 3.870   13.550  -1.317  1.00   36.50 ? 37   SER A CA  1 
ATOM   307 C  C   . SER A 1 37 ? 3.128   13.274  -2.627  1.00   36.35 ? 37   SER A C   1 
ATOM   308 O  O   . SER A 1 37 ? 2.008   13.757  -2.807  1.00   36.84 ? 37   SER A O   1 
ATOM   309 C  CB  . SER A 1 37 ? 4.320   15.019  -1.281  1.00   36.74 ? 37   SER A CB  1 
ATOM   310 O  OG  . SER A 1 37 ? 4.729   15.454  -2.581  1.00   36.16 ? 37   SER A OG  1 
ATOM   311 N  N   . GLU A 1 38 ? 3.762   12.526  -3.534  1.00   35.53 ? 38   GLU A N   1 
ATOM   312 C  CA  . GLU A 1 38 ? 3.147   12.101  -4.793  1.00   34.98 ? 38   GLU A CA  1 
ATOM   313 C  C   . GLU A 1 38 ? 2.692   10.620  -4.782  1.00   33.66 ? 38   GLU A C   1 
ATOM   314 O  O   . GLU A 1 38 ? 2.232   10.099  -5.804  1.00   33.08 ? 38   GLU A O   1 
ATOM   315 C  CB  . GLU A 1 38 ? 4.074   12.407  -5.977  1.00   35.41 ? 38   GLU A CB  1 
ATOM   316 C  CG  . GLU A 1 38 ? 4.558   11.210  -6.802  1.00   38.30 ? 38   GLU A CG  1 
ATOM   317 C  CD  . GLU A 1 38 ? 5.261   11.613  -8.095  1.00   42.49 ? 38   GLU A CD  1 
ATOM   318 O  OE1 . GLU A 1 38 ? 4.714   12.479  -8.828  1.00   44.73 ? 38   GLU A OE1 1 
ATOM   319 O  OE2 . GLU A 1 38 ? 6.361   11.066  -8.387  1.00   44.06 ? 38   GLU A OE2 1 
ATOM   320 N  N   . ALA A 1 39 ? 2.823   9.960   -3.624  1.00   32.55 ? 39   ALA A N   1 
ATOM   321 C  CA  . ALA A 1 39 ? 2.264   8.619   -3.407  1.00   31.05 ? 39   ALA A CA  1 
ATOM   322 C  C   . ALA A 1 39 ? 0.819   8.510   -3.938  1.00   30.17 ? 39   ALA A C   1 
ATOM   323 O  O   . ALA A 1 39 ? -0.002  9.422   -3.723  1.00   30.54 ? 39   ALA A O   1 
ATOM   324 C  CB  . ALA A 1 39 ? 2.332   8.230   -1.921  1.00   31.12 ? 39   ALA A CB  1 
ATOM   325 N  N   . PRO A 1 40 ? 0.526   7.427   -4.656  1.00   28.64 ? 40   PRO A N   1 
ATOM   326 C  CA  . PRO A 1 40 ? -0.804  7.214   -5.226  1.00   27.80 ? 40   PRO A CA  1 
ATOM   327 C  C   . PRO A 1 40 ? -1.885  7.106   -4.166  1.00   26.61 ? 40   PRO A C   1 
ATOM   328 O  O   . PRO A 1 40 ? -1.669  6.508   -3.106  1.00   26.08 ? 40   PRO A O   1 
ATOM   329 C  CB  . PRO A 1 40 ? -0.674  5.867   -5.948  1.00   27.98 ? 40   PRO A CB  1 
ATOM   330 C  CG  . PRO A 1 40 ? 0.796   5.675   -6.178  1.00   28.39 ? 40   PRO A CG  1 
ATOM   331 C  CD  . PRO A 1 40 ? 1.449   6.327   -4.991  1.00   29.00 ? 40   PRO A CD  1 
ATOM   332 N  N   . GLU A 1 41 ? -3.040  7.690   -4.474  1.00   25.53 ? 41   GLU A N   1 
ATOM   333 C  CA  . GLU A 1 41 ? -4.262  7.478   -3.709  1.00   25.32 ? 41   GLU A CA  1 
ATOM   334 C  C   . GLU A 1 41 ? -4.644  6.001   -3.698  1.00   23.63 ? 41   GLU A C   1 
ATOM   335 O  O   . GLU A 1 41 ? -4.503  5.298   -4.690  1.00   23.68 ? 41   GLU A O   1 
ATOM   336 C  CB  . GLU A 1 41 ? -5.418  8.315   -4.289  1.00   25.84 ? 41   GLU A CB  1 
ATOM   337 C  CG  . GLU A 1 41 ? -6.653  8.447   -3.398  1.00   28.28 ? 41   GLU A CG  1 
ATOM   338 C  CD  . GLU A 1 41 ? -7.904  8.905   -4.167  1.00   32.96 ? 41   GLU A CD  1 
ATOM   339 O  OE1 . GLU A 1 41 ? -7.770  9.736   -5.103  1.00   34.02 ? 41   GLU A OE1 1 
ATOM   340 O  OE2 . GLU A 1 41 ? -9.027  8.427   -3.849  1.00   31.92 ? 41   GLU A OE2 1 
ATOM   341 N  N   . MET A 1 42 ? -5.112  5.552   -2.545  1.00   22.51 ? 42   MET A N   1 
ATOM   342 C  CA  . MET A 1 42 ? -5.717  4.239   -2.428  1.00   21.08 ? 42   MET A CA  1 
ATOM   343 C  C   . MET A 1 42 ? -7.213  4.324   -2.674  1.00   20.15 ? 42   MET A C   1 
ATOM   344 O  O   . MET A 1 42 ? -7.951  4.838   -1.874  1.00   20.81 ? 42   MET A O   1 
ATOM   345 C  CB  . MET A 1 42 ? -5.361  3.603   -1.089  1.00   20.58 ? 42   MET A CB  1 
ATOM   346 C  CG  . MET A 1 42 ? -3.900  3.225   -1.004  1.00   19.85 ? 42   MET A CG  1 
ATOM   347 S  SD  . MET A 1 42 ? -3.576  2.238   0.417   1.00   18.98 ? 42   MET A SD  1 
ATOM   348 C  CE  . MET A 1 42 ? -3.988  0.656   -0.207  1.00   16.52 ? 42   MET A CE  1 
ATOM   349 N  N   . GLU A 1 43 ? -7.641  3.869   -3.836  1.00   18.65 ? 43   GLU A N   1 
ATOM   350 C  CA  . GLU A 1 43 ? -9.048  3.941   -4.210  1.00   18.19 ? 43   GLU A CA  1 
ATOM   351 C  C   . GLU A 1 43 ? -9.923  3.250   -3.149  1.00   17.31 ? 43   GLU A C   1 
ATOM   352 O  O   . GLU A 1 43 ? -9.470  2.331   -2.491  1.00   15.80 ? 43   GLU A O   1 
ATOM   353 C  CB  . GLU A 1 43 ? -9.240  3.387   -5.619  1.00   18.30 ? 43   GLU A CB  1 
ATOM   354 C  CG  . GLU A 1 43 ? -7.966  2.812   -6.290  1.00   21.38 ? 43   GLU A CG  1 
ATOM   355 C  CD  . GLU A 1 43 ? -8.187  1.364   -6.673  1.00   24.28 ? 43   GLU A CD  1 
ATOM   356 O  OE1 . GLU A 1 43 ? -9.255  0.840   -6.267  1.00   27.66 ? 43   GLU A OE1 1 
ATOM   357 O  OE2 . GLU A 1 43 ? -7.359  0.733   -7.374  1.00   21.67 ? 43   GLU A OE2 1 
ATOM   358 N  N   . HIS A 1 44 ? -11.133 3.749   -2.918  1.00   16.70 ? 44   HIS A N   1 
ATOM   359 C  CA  . HIS A 1 44 ? -12.021 3.129   -1.934  1.00   15.42 ? 44   HIS A CA  1 
ATOM   360 C  C   . HIS A 1 44 ? -12.427 1.761   -2.447  1.00   15.64 ? 44   HIS A C   1 
ATOM   361 O  O   . HIS A 1 44 ? -12.658 1.579   -3.654  1.00   15.34 ? 44   HIS A O   1 
ATOM   362 C  CB  . HIS A 1 44 ? -13.243 4.021   -1.619  1.00   15.83 ? 44   HIS A CB  1 
ATOM   363 C  CG  . HIS A 1 44 ? -14.207 3.412   -0.644  1.00   13.20 ? 44   HIS A CG  1 
ATOM   364 N  ND1 . HIS A 1 44 ? -15.460 2.967   -1.013  1.00   15.85 ? 44   HIS A ND1 1 
ATOM   365 C  CD2 . HIS A 1 44 ? -14.086 3.130   0.670   1.00   13.65 ? 44   HIS A CD2 1 
ATOM   366 C  CE1 . HIS A 1 44 ? -16.078 2.458   0.036   1.00   15.17 ? 44   HIS A CE1 1 
ATOM   367 N  NE2 . HIS A 1 44 ? -15.265 2.538   1.071   1.00   15.45 ? 44   HIS A NE2 1 
ATOM   368 N  N   . TYR A 1 45 ? -12.480 0.781   -1.550  1.00   15.33 ? 45   TYR A N   1 
ATOM   369 C  CA  . TYR A 1 45 ? -12.926 -0.538  -1.951  1.00   15.40 ? 45   TYR A CA  1 
ATOM   370 C  C   . TYR A 1 45 ? -14.324 -0.818  -1.354  1.00   16.08 ? 45   TYR A C   1 
ATOM   371 O  O   . TYR A 1 45 ? -15.304 -1.008  -2.091  1.00   15.81 ? 45   TYR A O   1 
ATOM   372 C  CB  . TYR A 1 45 ? -11.891 -1.616  -1.594  1.00   14.45 ? 45   TYR A CB  1 
ATOM   373 C  CG  . TYR A 1 45 ? -12.360 -3.019  -1.888  1.00   16.95 ? 45   TYR A CG  1 
ATOM   374 C  CD1 . TYR A 1 45 ? -12.547 -3.457  -3.190  1.00   17.39 ? 45   TYR A CD1 1 
ATOM   375 C  CD2 . TYR A 1 45 ? -12.648 -3.904  -0.855  1.00   19.74 ? 45   TYR A CD2 1 
ATOM   376 C  CE1 . TYR A 1 45 ? -12.995 -4.781  -3.467  1.00   21.52 ? 45   TYR A CE1 1 
ATOM   377 C  CE2 . TYR A 1 45 ? -13.116 -5.215  -1.112  1.00   20.49 ? 45   TYR A CE2 1 
ATOM   378 C  CZ  . TYR A 1 45 ? -13.276 -5.650  -2.413  1.00   21.43 ? 45   TYR A CZ  1 
ATOM   379 O  OH  . TYR A 1 45 ? -13.737 -6.939  -2.639  1.00   20.77 ? 45   TYR A OH  1 
ATOM   380 N  N   . GLU A 1 46 ? -14.400 -0.835  -0.023  1.00   16.75 ? 46   GLU A N   1 
ATOM   381 C  CA  . GLU A 1 46 ? -15.626 -1.197  0.687   1.00   17.77 ? 46   GLU A CA  1 
ATOM   382 C  C   . GLU A 1 46 ? -15.420 -1.086  2.205   1.00   16.63 ? 46   GLU A C   1 
ATOM   383 O  O   . GLU A 1 46 ? -14.425 -1.553  2.748   1.00   17.19 ? 46   GLU A O   1 
ATOM   384 C  CB  . GLU A 1 46 ? -16.128 -2.576  0.226   1.00   17.74 ? 46   GLU A CB  1 
ATOM   385 C  CG  . GLU A 1 46 ? -16.518 -3.516  1.339   1.00   23.97 ? 46   GLU A CG  1 
ATOM   386 C  CD  . GLU A 1 46 ? -17.750 -4.344  1.040   1.00   27.79 ? 46   GLU A CD  1 
ATOM   387 O  OE1 . GLU A 1 46 ? -18.658 -3.856  0.344   1.00   29.57 ? 46   GLU A OE1 1 
ATOM   388 O  OE2 . GLU A 1 46 ? -17.816 -5.484  1.549   1.00   30.33 ? 46   GLU A OE2 1 
ATOM   389 N  N   . GLY A 1 47 ? -16.354 -0.433  2.875   1.00   16.49 ? 47   GLY A N   1 
ATOM   390 C  CA  . GLY A 1 47 ? -16.252 -0.149  4.298   1.00   15.81 ? 47   GLY A CA  1 
ATOM   391 C  C   . GLY A 1 47 ? -15.069 0.761   4.531   1.00   15.89 ? 47   GLY A C   1 
ATOM   392 O  O   . GLY A 1 47 ? -14.918 1.775   3.843   1.00   16.78 ? 47   GLY A O   1 
ATOM   393 N  N   . ASP A 1 48 ? -14.208 0.402   5.473   1.00   15.60 ? 48   ASP A N   1 
ATOM   394 C  CA  . ASP A 1 48 ? -12.976 1.167   5.682   1.00   15.58 ? 48   ASP A CA  1 
ATOM   395 C  C   . ASP A 1 48 ? -11.821 0.591   4.881   1.00   15.64 ? 48   ASP A C   1 
ATOM   396 O  O   . ASP A 1 48 ? -10.697 0.991   5.087   1.00   15.82 ? 48   ASP A O   1 
ATOM   397 C  CB  . ASP A 1 48 ? -12.599 1.190   7.161   1.00   16.29 ? 48   ASP A CB  1 
ATOM   398 C  CG  . ASP A 1 48 ? -13.678 1.790   8.035   1.00   14.59 ? 48   ASP A CG  1 
ATOM   399 O  OD1 . ASP A 1 48 ? -14.428 2.649   7.565   1.00   14.62 ? 48   ASP A OD1 1 
ATOM   400 O  OD2 . ASP A 1 48 ? -13.832 1.485   9.217   1.00   17.54 ? 48   ASP A OD2 1 
ATOM   401 N  N   . TRP A 1 49 ? -12.086 -0.368  3.983   1.00   15.96 ? 49   TRP A N   1 
ATOM   402 C  CA  . TRP A 1 49 ? -11.030 -0.893  3.097   1.00   16.38 ? 49   TRP A CA  1 
ATOM   403 C  C   . TRP A 1 49 ? -10.752 0.012   1.881   1.00   16.14 ? 49   TRP A C   1 
ATOM   404 O  O   . TRP A 1 49 ? -11.646 0.462   1.197   1.00   17.06 ? 49   TRP A O   1 
ATOM   405 C  CB  . TRP A 1 49 ? -11.295 -2.335  2.626   1.00   15.65 ? 49   TRP A CB  1 
ATOM   406 C  CG  . TRP A 1 49 ? -11.228 -3.407  3.723   1.00   16.39 ? 49   TRP A CG  1 
ATOM   407 C  CD1 . TRP A 1 49 ? -12.287 -3.999  4.374   1.00   15.63 ? 49   TRP A CD1 1 
ATOM   408 C  CD2 . TRP A 1 49 ? -10.042 -4.009  4.271   1.00   16.18 ? 49   TRP A CD2 1 
ATOM   409 N  NE1 . TRP A 1 49 ? -11.828 -4.912  5.301   1.00   13.68 ? 49   TRP A NE1 1 
ATOM   410 C  CE2 . TRP A 1 49 ? -10.453 -4.934  5.261   1.00   16.70 ? 49   TRP A CE2 1 
ATOM   411 C  CE3 . TRP A 1 49 ? -8.667  -3.826  4.057   1.00   17.23 ? 49   TRP A CE3 1 
ATOM   412 C  CZ2 . TRP A 1 49 ? -9.533  -5.718  5.991   1.00   15.91 ? 49   TRP A CZ2 1 
ATOM   413 C  CZ3 . TRP A 1 49 ? -7.766  -4.589  4.775   1.00   16.29 ? 49   TRP A CZ3 1 
ATOM   414 C  CH2 . TRP A 1 49 ? -8.204  -5.514  5.743   1.00   18.47 ? 49   TRP A CH2 1 
ATOM   415 N  N   . TYR A 1 50 ? -9.480  0.228   1.613   1.00   16.69 ? 50   TYR A N   1 
ATOM   416 C  CA  . TYR A 1 50 ? -9.032  0.985   0.457   1.00   16.55 ? 50   TYR A CA  1 
ATOM   417 C  C   . TYR A 1 50 ? -7.986  0.123   -0.223  1.00   15.69 ? 50   TYR A C   1 
ATOM   418 O  O   . TYR A 1 50 ? -7.461  -0.789  0.374   1.00   16.55 ? 50   TYR A O   1 
ATOM   419 C  CB  . TYR A 1 50 ? -8.451  2.304   0.920   1.00   17.27 ? 50   TYR A CB  1 
ATOM   420 C  CG  . TYR A 1 50 ? -9.496  3.283   1.412   1.00   18.12 ? 50   TYR A CG  1 
ATOM   421 C  CD1 . TYR A 1 50 ? -9.899  4.350   0.604   1.00   15.67 ? 50   TYR A CD1 1 
ATOM   422 C  CD2 . TYR A 1 50 ? -10.094 3.144   2.681   1.00   18.74 ? 50   TYR A CD2 1 
ATOM   423 C  CE1 . TYR A 1 50 ? -10.857 5.246   1.038   1.00   19.25 ? 50   TYR A CE1 1 
ATOM   424 C  CE2 . TYR A 1 50 ? -11.057 4.048   3.115   1.00   18.76 ? 50   TYR A CE2 1 
ATOM   425 C  CZ  . TYR A 1 50 ? -11.425 5.091   2.281   1.00   17.68 ? 50   TYR A CZ  1 
ATOM   426 O  OH  . TYR A 1 50 ? -12.357 5.993   2.680   1.00   19.04 ? 50   TYR A OH  1 
ATOM   427 N  N   . THR A 1 51 ? -7.692  0.377   -1.478  1.00   15.25 ? 51   THR A N   1 
ATOM   428 C  CA  . THR A 1 51 ? -6.865  -0.563  -2.226  1.00   14.51 ? 51   THR A CA  1 
ATOM   429 C  C   . THR A 1 51 ? -6.085  0.133   -3.305  1.00   15.27 ? 51   THR A C   1 
ATOM   430 O  O   . THR A 1 51 ? -6.473  1.200   -3.788  1.00   14.90 ? 51   THR A O   1 
ATOM   431 C  CB  . THR A 1 51 ? -7.754  -1.695  -2.865  1.00   13.66 ? 51   THR A CB  1 
ATOM   432 O  OG1 . THR A 1 51 ? -6.924  -2.621  -3.564  1.00   10.47 ? 51   THR A OG1 1 
ATOM   433 C  CG2 . THR A 1 51 ? -8.606  -1.151  -3.919  1.00   10.41 ? 51   THR A CG2 1 
ATOM   434 N  N   . HIS A 1 52 ? -4.986  -0.498  -3.686  1.00   16.30 ? 52   HIS A N   1 
ATOM   435 C  CA  . HIS A 1 52 ? -4.173  -0.026  -4.800  1.00   17.75 ? 52   HIS A CA  1 
ATOM   436 C  C   . HIS A 1 52 ? -3.221  -1.120  -5.274  1.00   17.23 ? 52   HIS A C   1 
ATOM   437 O  O   . HIS A 1 52 ? -2.651  -1.880  -4.465  1.00   17.70 ? 52   HIS A O   1 
ATOM   438 C  CB  . HIS A 1 52 ? -3.440  1.290   -4.453  1.00   18.13 ? 52   HIS A CB  1 
ATOM   439 C  CG  . HIS A 1 52 ? -2.460  1.740   -5.503  1.00   19.90 ? 52   HIS A CG  1 
ATOM   440 N  ND1 . HIS A 1 52 ? -2.831  2.469   -6.614  1.00   21.65 ? 52   HIS A ND1 1 
ATOM   441 C  CD2 . HIS A 1 52 ? -1.122  1.549   -5.614  1.00   20.53 ? 52   HIS A CD2 1 
ATOM   442 C  CE1 . HIS A 1 52 ? -1.772  2.696   -7.370  1.00   21.13 ? 52   HIS A CE1 1 
ATOM   443 N  NE2 . HIS A 1 52 ? -0.719  2.156   -6.779  1.00   21.27 ? 52   HIS A NE2 1 
ATOM   444 N  N   . THR A 1 53 ? -3.082  -1.192  -6.596  1.00   17.74 ? 53   THR A N   1 
ATOM   445 C  CA  . THR A 1 53 ? -2.240  -2.171  -7.276  1.00   17.82 ? 53   THR A CA  1 
ATOM   446 C  C   . THR A 1 53 ? -1.001  -1.447  -7.874  1.00   18.44 ? 53   THR A C   1 
ATOM   447 O  O   . THR A 1 53 ? -1.128  -0.495  -8.653  1.00   17.13 ? 53   THR A O   1 
ATOM   448 C  CB  . THR A 1 53 ? -3.091  -2.945  -8.316  1.00   18.78 ? 53   THR A CB  1 
ATOM   449 O  OG1 . THR A 1 53 ? -4.149  -3.648  -7.643  1.00   17.22 ? 53   THR A OG1 1 
ATOM   450 C  CG2 . THR A 1 53 ? -2.315  -4.124  -8.966  1.00   19.82 ? 53   THR A CG2 1 
ATOM   451 N  N   . ILE A 1 54 ? 0.182   -1.864  -7.417  1.00   18.61 ? 54   ILE A N   1 
ATOM   452 C  CA  . ILE A 1 54 ? 1.454   -1.521  -8.054  1.00   19.31 ? 54   ILE A CA  1 
ATOM   453 C  C   . ILE A 1 54 ? 1.751   -2.515  -9.176  1.00   19.56 ? 54   ILE A C   1 
ATOM   454 O  O   . ILE A 1 54 ? 2.038   -3.670  -8.925  1.00   19.91 ? 54   ILE A O   1 
ATOM   455 C  CB  . ILE A 1 54 ? 2.595   -1.566  -7.030  1.00   19.09 ? 54   ILE A CB  1 
ATOM   456 C  CG1 . ILE A 1 54 ? 2.173   -0.868  -5.731  1.00   18.23 ? 54   ILE A CG1 1 
ATOM   457 C  CG2 . ILE A 1 54 ? 3.878   -0.999  -7.655  1.00   19.67 ? 54   ILE A CG2 1 
ATOM   458 C  CD1 . ILE A 1 54 ? 3.166   -0.996  -4.522  1.00   18.57 ? 54   ILE A CD1 1 
ATOM   459 N  N   . GLU A 1 55 ? 1.678   -2.072  -10.420 1.00   20.19 ? 55   GLU A N   1 
ATOM   460 C  CA  . GLU A 1 55 ? 1.910   -2.981  -11.523 1.00   20.53 ? 55   GLU A CA  1 
ATOM   461 C  C   . GLU A 1 55 ? 3.389   -3.314  -11.736 1.00   20.91 ? 55   GLU A C   1 
ATOM   462 O  O   . GLU A 1 55 ? 4.275   -2.458  -11.543 1.00   21.01 ? 55   GLU A O   1 
ATOM   463 C  CB  . GLU A 1 55 ? 1.307   -2.433  -12.825 1.00   21.43 ? 55   GLU A CB  1 
ATOM   464 C  CG  . GLU A 1 55 ? 0.840   -3.561  -13.746 1.00   22.47 ? 55   GLU A CG  1 
ATOM   465 C  CD  . GLU A 1 55 ? 0.752   -3.184  -15.205 1.00   23.46 ? 55   GLU A CD  1 
ATOM   466 O  OE1 . GLU A 1 55 ? 0.495   -2.015  -15.525 1.00   24.35 ? 55   GLU A OE1 1 
ATOM   467 O  OE2 . GLU A 1 55 ? 0.913   -4.089  -16.040 1.00   25.28 ? 55   GLU A OE2 1 
ATOM   468 N  N   . GLY A 1 56 ? 3.651   -4.554  -12.151 1.00   19.96 ? 56   GLY A N   1 
ATOM   469 C  CA  . GLY A 1 56 ? 4.992   -4.926  -12.582 1.00   21.81 ? 56   GLY A CA  1 
ATOM   470 C  C   . GLY A 1 56 ? 6.005   -5.321  -11.526 1.00   22.02 ? 56   GLY A C   1 
ATOM   471 O  O   . GLY A 1 56 ? 7.108   -5.768  -11.858 1.00   22.94 ? 56   GLY A O   1 
ATOM   472 N  N   . VAL A 1 57 ? 5.628   -5.162  -10.261 1.00   22.53 ? 57   VAL A N   1 
ATOM   473 C  CA  . VAL A 1 57 ? 6.486   -5.412  -9.094  1.00   22.86 ? 57   VAL A CA  1 
ATOM   474 C  C   . VAL A 1 57 ? 6.286   -6.827  -8.514  1.00   22.64 ? 57   VAL A C   1 
ATOM   475 O  O   . VAL A 1 57 ? 5.170   -7.301  -8.446  1.00   22.71 ? 57   VAL A O   1 
ATOM   476 C  CB  . VAL A 1 57 ? 6.188   -4.313  -8.038  1.00   23.11 ? 57   VAL A CB  1 
ATOM   477 C  CG1 . VAL A 1 57 ? 4.877   -4.578  -7.287  1.00   23.71 ? 57   VAL A CG1 1 
ATOM   478 C  CG2 . VAL A 1 57 ? 7.286   -4.162  -7.083  1.00   25.46 ? 57   VAL A CG2 1 
ATOM   479 N  N   . GLU A 1 58 ? 7.363   -7.512  -8.124  1.00   22.97 ? 58   GLU A N   1 
ATOM   480 C  CA  . GLU A 1 58 ? 7.250   -8.760  -7.343  1.00   22.85 ? 58   GLU A CA  1 
ATOM   481 C  C   . GLU A 1 58 ? 7.489   -8.536  -5.852  1.00   22.39 ? 58   GLU A C   1 
ATOM   482 O  O   . GLU A 1 58 ? 6.976   -9.284  -5.018  1.00   21.79 ? 58   GLU A O   1 
ATOM   483 C  CB  . GLU A 1 58 ? 8.205   -9.842  -7.844  1.00   23.56 ? 58   GLU A CB  1 
ATOM   484 C  CG  . GLU A 1 58 ? 8.353   -9.904  -9.357  1.00   26.79 ? 58   GLU A CG  1 
ATOM   485 C  CD  . GLU A 1 58 ? 7.667   -11.104 -9.951  1.00   32.36 ? 58   GLU A CD  1 
ATOM   486 O  OE1 . GLU A 1 58 ? 6.500   -11.353 -9.577  1.00   34.59 ? 58   GLU A OE1 1 
ATOM   487 O  OE2 . GLU A 1 58 ? 8.276   -11.800 -10.799 1.00   33.75 ? 58   GLU A OE2 1 
ATOM   488 N  N   . SER A 1 59 ? 8.295   -7.526  -5.519  1.00   21.85 ? 59   SER A N   1 
ATOM   489 C  CA  . SER A 1 59 ? 8.465   -7.105  -4.132  1.00   21.60 ? 59   SER A CA  1 
ATOM   490 C  C   . SER A 1 59 ? 8.623   -5.599  -4.045  1.00   21.56 ? 59   SER A C   1 
ATOM   491 O  O   . SER A 1 59 ? 8.957   -4.967  -5.032  1.00   22.65 ? 59   SER A O   1 
ATOM   492 C  CB  . SER A 1 59 ? 9.602   -7.870  -3.430  1.00   20.99 ? 59   SER A CB  1 
ATOM   493 O  OG  . SER A 1 59 ? 10.849  -7.689  -4.062  1.00   20.61 ? 59   SER A OG  1 
ATOM   494 N  N   . VAL A 1 60 ? 8.385   -5.050  -2.860  1.00   21.89 ? 60   VAL A N   1 
ATOM   495 C  CA  . VAL A 1 60 ? 8.242   -3.617  -2.613  1.00   22.21 ? 60   VAL A CA  1 
ATOM   496 C  C   . VAL A 1 60 ? 8.478   -3.432  -1.129  1.00   22.93 ? 60   VAL A C   1 
ATOM   497 O  O   . VAL A 1 60 ? 8.459   -4.408  -0.363  1.00   22.40 ? 60   VAL A O   1 
ATOM   498 C  CB  . VAL A 1 60 ? 6.811   -3.130  -3.017  1.00   21.95 ? 60   VAL A CB  1 
ATOM   499 C  CG1 . VAL A 1 60 ? 5.989   -2.558  -1.843  1.00   20.62 ? 60   VAL A CG1 1 
ATOM   500 C  CG2 . VAL A 1 60 ? 6.850   -2.202  -4.185  1.00   22.38 ? 60   VAL A CG2 1 
ATOM   501 N  N   . ARG A 1 61 ? 8.737   -2.185  -0.735  1.00   23.74 ? 61   ARG A N   1 
ATOM   502 C  CA  . ARG A 1 61 ? 8.764   -1.775  0.658   1.00   24.79 ? 61   ARG A CA  1 
ATOM   503 C  C   . ARG A 1 61 ? 7.700   -0.712  0.761   1.00   24.60 ? 61   ARG A C   1 
ATOM   504 O  O   . ARG A 1 61 ? 7.700   0.208   -0.031  1.00   24.67 ? 61   ARG A O   1 
ATOM   505 C  CB  . ARG A 1 61 ? 10.133  -1.180  1.024   1.00   24.74 ? 61   ARG A CB  1 
ATOM   506 C  CG  . ARG A 1 61 ? 10.929  -2.001  2.007   1.00   25.60 ? 61   ARG A CG  1 
ATOM   507 C  CD  . ARG A 1 61 ? 12.312  -2.332  1.525   1.00   28.93 ? 61   ARG A CD  1 
ATOM   508 N  NE  . ARG A 1 61 ? 13.115  -2.963  2.582   1.00   33.45 ? 61   ARG A NE  1 
ATOM   509 C  CZ  . ARG A 1 61 ? 13.807  -4.092  2.445   1.00   34.06 ? 61   ARG A CZ  1 
ATOM   510 N  NH1 . ARG A 1 61 ? 14.489  -4.568  3.466   1.00   37.77 ? 61   ARG A NH1 1 
ATOM   511 N  NH2 . ARG A 1 61 ? 13.813  -4.760  1.304   1.00   36.43 ? 61   ARG A NH2 1 
ATOM   512 N  N   . LEU A 1 62 ? 6.786   -0.830  1.723   1.00   25.51 ? 62   LEU A N   1 
ATOM   513 C  CA  . LEU A 1 62 ? 5.651   0.103   1.755   1.00   25.84 ? 62   LEU A CA  1 
ATOM   514 C  C   . LEU A 1 62 ? 5.227   0.718   3.104   1.00   26.03 ? 62   LEU A C   1 
ATOM   515 O  O   . LEU A 1 62 ? 5.396   0.142   4.173   1.00   26.25 ? 62   LEU A O   1 
ATOM   516 C  CB  . LEU A 1 62 ? 4.438   -0.498  1.017   1.00   26.39 ? 62   LEU A CB  1 
ATOM   517 C  CG  . LEU A 1 62 ? 3.690   -1.693  1.635   1.00   26.14 ? 62   LEU A CG  1 
ATOM   518 C  CD1 . LEU A 1 62 ? 2.689   -1.223  2.683   1.00   26.73 ? 62   LEU A CD1 1 
ATOM   519 C  CD2 . LEU A 1 62 ? 3.018   -2.511  0.546   1.00   23.27 ? 62   LEU A CD2 1 
ATOM   520 N  N   . LEU A 1 63 ? 4.666   1.913   3.021   1.00   26.36 ? 63   LEU A N   1 
ATOM   521 C  CA  . LEU A 1 63 ? 3.996   2.525   4.166   1.00   26.31 ? 63   LEU A CA  1 
ATOM   522 C  C   . LEU A 1 63 ? 2.650   3.082   3.714   1.00   25.42 ? 63   LEU A C   1 
ATOM   523 O  O   . LEU A 1 63 ? 2.505   3.516   2.583   1.00   24.82 ? 63   LEU A O   1 
ATOM   524 C  CB  . LEU A 1 63 ? 4.842   3.661   4.763   1.00   26.32 ? 63   LEU A CB  1 
ATOM   525 C  CG  . LEU A 1 63 ? 6.241   3.357   5.303   1.00   27.03 ? 63   LEU A CG  1 
ATOM   526 C  CD1 . LEU A 1 63 ? 7.310   3.876   4.339   1.00   27.84 ? 63   LEU A CD1 1 
ATOM   527 C  CD2 . LEU A 1 63 ? 6.433   3.964   6.665   1.00   26.36 ? 63   LEU A CD2 1 
ATOM   528 N  N   . PHE A 1 64 ? 1.682   3.065   4.618   1.00   25.43 ? 64   PHE A N   1 
ATOM   529 C  CA  . PHE A 1 64 ? 0.425   3.782   4.447   1.00   25.28 ? 64   PHE A CA  1 
ATOM   530 C  C   . PHE A 1 64 ? 0.566   5.175   5.045   1.00   26.19 ? 64   PHE A C   1 
ATOM   531 O  O   . PHE A 1 64 ? 1.305   5.368   6.014   1.00   26.75 ? 64   PHE A O   1 
ATOM   532 C  CB  . PHE A 1 64 ? -0.717  3.016   5.123   1.00   24.62 ? 64   PHE A CB  1 
ATOM   533 C  CG  . PHE A 1 64 ? -0.830  1.598   4.654   1.00   22.24 ? 64   PHE A CG  1 
ATOM   534 C  CD1 . PHE A 1 64 ? -1.267  1.322   3.362   1.00   19.65 ? 64   PHE A CD1 1 
ATOM   535 C  CD2 . PHE A 1 64 ? -0.445  0.546   5.475   1.00   19.09 ? 64   PHE A CD2 1 
ATOM   536 C  CE1 . PHE A 1 64 ? -1.344  0.005   2.898   1.00   19.93 ? 64   PHE A CE1 1 
ATOM   537 C  CE2 . PHE A 1 64 ? -0.524  -0.783  5.025   1.00   21.53 ? 64   PHE A CE2 1 
ATOM   538 C  CZ  . PHE A 1 64 ? -0.967  -1.053  3.735   1.00   19.19 ? 64   PHE A CZ  1 
ATOM   539 N  N   . LYS A 1 65 ? -0.129  6.138   4.447   1.00   27.30 ? 65   LYS A N   1 
ATOM   540 C  CA  . LYS A 1 65 ? -0.161  7.516   4.919   1.00   27.99 ? 65   LYS A CA  1 
ATOM   541 C  C   . LYS A 1 65 ? -1.440  8.230   4.478   1.00   29.08 ? 65   LYS A C   1 
ATOM   542 O  O   . LYS A 1 65 ? -2.088  7.819   3.519   1.00   28.72 ? 65   LYS A O   1 
ATOM   543 C  CB  . LYS A 1 65 ? 1.057   8.286   4.404   1.00   27.54 ? 65   LYS A CB  1 
ATOM   544 C  CG  . LYS A 1 65 ? 1.159   8.430   2.901   1.00   25.69 ? 65   LYS A CG  1 
ATOM   545 C  CD  . LYS A 1 65 ? 2.422   9.193   2.505   1.00   24.05 ? 65   LYS A CD  1 
ATOM   546 C  CE  . LYS A 1 65 ? 2.348   10.650  2.907   1.00   22.97 ? 65   LYS A CE  1 
ATOM   547 N  NZ  . LYS A 1 65 ? 1.521   11.426  1.970   1.00   23.83 ? 65   LYS A NZ  1 
ATOM   548 N  N   . ASP A 1 66 ? -1.808  9.301   5.173   1.00   30.73 ? 66   ASP A N   1 
ATOM   549 C  CA  . ASP A 1 66 ? -2.832  10.188  4.617   1.00   32.75 ? 66   ASP A CA  1 
ATOM   550 C  C   . ASP A 1 66 ? -2.215  11.464  4.058   1.00   34.08 ? 66   ASP A C   1 
ATOM   551 O  O   . ASP A 1 66 ? -0.989  11.603  4.037   1.00   33.74 ? 66   ASP A O   1 
ATOM   552 C  CB  . ASP A 1 66 ? -4.027  10.435  5.575   1.00   33.21 ? 66   ASP A CB  1 
ATOM   553 C  CG  . ASP A 1 66 ? -3.646  11.099  6.897   1.00   33.18 ? 66   ASP A CG  1 
ATOM   554 O  OD1 . ASP A 1 66 ? -2.601  11.769  6.997   1.00   33.85 ? 66   ASP A OD1 1 
ATOM   555 O  OD2 . ASP A 1 66 ? -4.380  11.008  7.904   1.00   33.46 ? 66   ASP A OD2 1 
ATOM   556 N  N   . ARG A 1 67 ? -3.055  12.383  3.590   1.00   36.10 ? 67   ARG A N   1 
ATOM   557 C  CA  . ARG A 1 67 ? -2.564  13.622  2.984   1.00   38.04 ? 67   ARG A CA  1 
ATOM   558 C  C   . ARG A 1 67 ? -2.125  14.617  4.056   1.00   38.36 ? 67   ARG A C   1 
ATOM   559 O  O   . ARG A 1 67 ? -1.675  15.718  3.743   1.00   39.31 ? 67   ARG A O   1 
ATOM   560 C  CB  . ARG A 1 67 ? -3.608  14.246  2.042   1.00   38.47 ? 67   ARG A CB  1 
ATOM   561 C  CG  . ARG A 1 67 ? -3.058  14.574  0.658   1.00   41.48 ? 67   ARG A CG  1 
ATOM   562 C  CD  . ARG A 1 67 ? -3.392  15.981  0.130   1.00   46.03 ? 67   ARG A CD  1 
ATOM   563 N  NE  . ARG A 1 67 ? -2.185  16.708  -0.280  1.00   49.63 ? 67   ARG A NE  1 
ATOM   564 C  CZ  . ARG A 1 67 ? -2.093  18.036  -0.439  1.00   50.30 ? 67   ARG A CZ  1 
ATOM   565 N  NH1 . ARG A 1 67 ? -3.148  18.823  -0.237  1.00   50.91 ? 67   ARG A NH1 1 
ATOM   566 N  NH2 . ARG A 1 67 ? -0.932  18.575  -0.800  1.00   49.54 ? 67   ARG A NH2 1 
ATOM   567 N  N   . GLY A 1 68 ? -2.272  14.226  5.318   1.00   38.47 ? 68   GLY A N   1 
ATOM   568 C  CA  . GLY A 1 68 ? -1.817  15.033  6.433   1.00   38.56 ? 68   GLY A CA  1 
ATOM   569 C  C   . GLY A 1 68 ? -0.528  14.453  6.979   1.00   38.23 ? 68   GLY A C   1 
ATOM   570 O  O   . GLY A 1 68 ? 0.411   14.201  6.217   1.00   37.80 ? 68   GLY A O   1 
ATOM   571 N  N   . THR A 1 69 ? -0.513  14.209  8.290   1.00   38.16 ? 69   THR A N   1 
ATOM   572 C  CA  . THR A 1 69 ? 0.673   13.726  8.996   1.00   38.59 ? 69   THR A CA  1 
ATOM   573 C  C   . THR A 1 69 ? 0.542   12.293  9.557   1.00   38.07 ? 69   THR A C   1 
ATOM   574 O  O   . THR A 1 69 ? 1.638   11.695  9.444   0.0000 44.65 ? 69   THR A O   1 
ATOM   575 C  CB  . THR A 1 69 ? 1.083   14.728  10.130  1.00   38.97 ? 69   THR A CB  1 
ATOM   576 O  OG1 . THR A 1 69 ? 0.085   14.738  11.165  1.00   40.55 ? 69   THR A OG1 1 
ATOM   577 C  CG2 . THR A 1 69 ? 1.088   16.194  9.620   1.00   39.24 ? 69   THR A CG2 1 
ATOM   578 N  N   . ASN A 1 70 ? -0.550  11.586  9.257   1.00   37.13 ? 70   ASN A N   1 
ATOM   579 C  CA  . ASN A 1 70 ? -0.672  10.187  9.667   1.00   36.55 ? 70   ASN A CA  1 
ATOM   580 C  C   . ASN A 1 70 ? 0.103   9.228   8.749   1.00   36.27 ? 70   ASN A C   1 
ATOM   581 O  O   . ASN A 1 70 ? 0.280   9.502   7.553   1.00   36.05 ? 70   ASN A O   1 
ATOM   582 C  CB  . ASN A 1 70 ? -2.136  9.746   9.754   1.00   36.16 ? 70   ASN A CB  1 
ATOM   583 C  CG  . ASN A 1 70 ? -2.919  10.508  10.798  1.00   36.09 ? 70   ASN A CG  1 
ATOM   584 O  OD1 . ASN A 1 70 ? -3.689  11.413  10.469  1.00   35.56 ? 70   ASN A OD1 1 
ATOM   585 N  ND2 . ASN A 1 70 ? -2.749  10.134  12.068  1.00   33.91 ? 70   ASN A ND2 1 
ATOM   586 N  N   . GLN A 1 71 ? 0.550   8.110   9.332   1.00   35.99 ? 71   GLN A N   1 
ATOM   587 C  CA  . GLN A 1 71 ? 1.264   7.037   8.627   1.00   35.75 ? 71   GLN A CA  1 
ATOM   588 C  C   . GLN A 1 71 ? 1.294   5.758   9.464   1.00   35.66 ? 71   GLN A C   1 
ATOM   589 O  O   . GLN A 1 71 ? 1.057   5.794   10.678  1.00   35.43 ? 71   GLN A O   1 
ATOM   590 C  CB  . GLN A 1 71 ? 2.698   7.459   8.280   1.00   35.62 ? 71   GLN A CB  1 
ATOM   591 C  CG  . GLN A 1 71 ? 3.619   7.552   9.491   1.00   35.80 ? 71   GLN A CG  1 
ATOM   592 C  CD  . GLN A 1 71 ? 5.068   7.733   9.114   1.00   35.51 ? 71   GLN A CD  1 
ATOM   593 O  OE1 . GLN A 1 71 ? 5.840   6.763   9.060   1.00   34.76 ? 71   GLN A OE1 1 
ATOM   594 N  NE2 . GLN A 1 71 ? 5.447   8.969   8.850   1.00   34.52 ? 71   GLN A NE2 1 
ATOM   595 N  N   . TRP A 1 72 ? 1.599   4.638   8.806   1.00   35.66 ? 72   TRP A N   1 
ATOM   596 C  CA  . TRP A 1 72 ? 1.686   3.336   9.457   1.00   35.81 ? 72   TRP A CA  1 
ATOM   597 C  C   . TRP A 1 72 ? 2.616   2.451   8.638   1.00   36.36 ? 72   TRP A C   1 
ATOM   598 O  O   . TRP A 1 72 ? 2.318   2.152   7.477   1.00   36.31 ? 72   TRP A O   1 
ATOM   599 C  CB  . TRP A 1 72 ? 0.303   2.706   9.545   1.00   35.72 ? 72   TRP A CB  1 
ATOM   600 C  CG  . TRP A 1 72 ? 0.187   1.509   10.407  1.00   35.83 ? 72   TRP A CG  1 
ATOM   601 C  CD1 . TRP A 1 72 ? 1.186   0.665   10.809  1.00   35.79 ? 72   TRP A CD1 1 
ATOM   602 C  CD2 . TRP A 1 72 ? -1.026  0.996   10.977  1.00   37.60 ? 72   TRP A CD2 1 
ATOM   603 N  NE1 . TRP A 1 72 ? 0.672   -0.337  11.598  1.00   36.98 ? 72   TRP A NE1 1 
ATOM   604 C  CE2 . TRP A 1 72 ? -0.685  -0.161  11.721  1.00   38.12 ? 72   TRP A CE2 1 
ATOM   605 C  CE3 . TRP A 1 72 ? -2.379  1.402   10.938  1.00   37.93 ? 72   TRP A CE3 1 
ATOM   606 C  CZ2 . TRP A 1 72 ? -1.651  -0.923  12.425  1.00   38.26 ? 72   TRP A CZ2 1 
ATOM   607 C  CZ3 . TRP A 1 72 ? -3.339  0.645   11.635  1.00   38.61 ? 72   TRP A CZ3 1 
ATOM   608 C  CH2 . TRP A 1 72 ? -2.964  -0.502  12.374  1.00   38.54 ? 72   TRP A CH2 1 
ATOM   609 N  N   . PRO A 1 73 ? 3.777   2.094   9.193   1.00   37.10 ? 73   PRO A N   1 
ATOM   610 C  CA  . PRO A 1 73 ? 4.285   2.652   10.455  1.00   37.96 ? 73   PRO A CA  1 
ATOM   611 C  C   . PRO A 1 73 ? 4.466   4.162   10.244  1.00   38.63 ? 73   PRO A C   1 
ATOM   612 O  O   . PRO A 1 73 ? 4.762   4.524   9.110   1.00   38.42 ? 73   PRO A O   1 
ATOM   613 C  CB  . PRO A 1 73 ? 5.628   1.945   10.598  1.00   38.25 ? 73   PRO A CB  1 
ATOM   614 C  CG  . PRO A 1 73 ? 5.445   0.688   9.830   1.00   37.10 ? 73   PRO A CG  1 
ATOM   615 C  CD  . PRO A 1 73 ? 4.732   1.138   8.604   1.00   36.94 ? 73   PRO A CD  1 
ATOM   616 N  N   . GLY A 1 74 ? 4.404   5.026   11.258  1.00   39.83 ? 74   GLY A N   1 
ATOM   617 C  CA  . GLY A 1 74 ? 4.968   4.823   12.577  1.00   40.39 ? 74   GLY A CA  1 
ATOM   618 C  C   . GLY A 1 74 ? 6.273   5.588   12.371  1.00   40.71 ? 74   GLY A C   1 
ATOM   619 O  O   . GLY A 1 74 ? 7.168   5.067   11.716  1.00   40.76 ? 74   GLY A O   1 
ATOM   620 N  N   . PRO A 1 75 ? 6.377   6.832   12.848  1.00   41.18 ? 75   PRO A N   1 
ATOM   621 C  CA  . PRO A 1 75 ? 7.537   7.674   12.503  1.00   41.28 ? 75   PRO A CA  1 
ATOM   622 C  C   . PRO A 1 75 ? 8.845   7.062   12.995  1.00   41.11 ? 75   PRO A C   1 
ATOM   623 O  O   . PRO A 1 75 ? 8.955   6.696   14.168  1.00   41.23 ? 75   PRO A O   1 
ATOM   624 C  CB  . PRO A 1 75 ? 7.248   9.020   13.198  1.00   41.55 ? 75   PRO A CB  1 
ATOM   625 C  CG  . PRO A 1 75 ? 6.181   8.748   14.209  1.00   41.69 ? 75   PRO A CG  1 
ATOM   626 C  CD  . PRO A 1 75 ? 5.425   7.524   13.739  1.00   41.51 ? 75   PRO A CD  1 
ATOM   627 N  N   . GLY A 1 76 ? 9.805   6.927   12.083  1.00   40.76 ? 76   GLY A N   1 
ATOM   628 C  CA  . GLY A 1 76 ? 11.086  6.319   12.381  1.00   40.32 ? 76   GLY A CA  1 
ATOM   629 C  C   . GLY A 1 76 ? 11.196  4.860   11.988  1.00   40.06 ? 76   GLY A C   1 
ATOM   630 O  O   . GLY A 1 76 ? 12.271  4.272   12.087  1.00   40.50 ? 76   GLY A O   1 
ATOM   631 N  N   . GLU A 1 77 ? 10.082  4.277   11.554  1.00   39.47 ? 77   GLU A N   1 
ATOM   632 C  CA  . GLU A 1 77 ? 10.045  2.882   11.116  1.00   38.58 ? 77   GLU A CA  1 
ATOM   633 C  C   . GLU A 1 77 ? 10.311  2.787   9.622   1.00   37.44 ? 77   GLU A C   1 
ATOM   634 O  O   . GLU A 1 77 ? 10.008  3.720   8.873   1.00   37.44 ? 77   GLU A O   1 
ATOM   635 C  CB  . GLU A 1 77 ? 8.698   2.235   11.457  1.00   38.97 ? 77   GLU A CB  1 
ATOM   636 C  CG  . GLU A 1 77 ? 8.294   2.298   12.932  1.00   40.71 ? 77   GLU A CG  1 
ATOM   637 C  CD  . GLU A 1 77 ? 9.198   1.489   13.837  1.00   44.22 ? 77   GLU A CD  1 
ATOM   638 O  OE1 . GLU A 1 77 ? 8.702   0.546   14.499  1.00   46.43 ? 77   GLU A OE1 1 
ATOM   639 O  OE2 . GLU A 1 77 ? 10.409  1.801   13.902  1.00   45.43 ? 77   GLU A OE2 1 
ATOM   640 N  N   . PRO A 1 78 ? 10.893  1.676   9.177   1.00   36.32 ? 78   PRO A N   1 
ATOM   641 C  CA  . PRO A 1 78 ? 11.055  1.440   7.739   1.00   35.16 ? 78   PRO A CA  1 
ATOM   642 C  C   . PRO A 1 78 ? 9.743   0.856   7.198   1.00   33.68 ? 78   PRO A C   1 
ATOM   643 O  O   . PRO A 1 78 ? 8.926   0.402   8.005   1.00   32.85 ? 78   PRO A O   1 
ATOM   644 C  CB  . PRO A 1 78 ? 12.167  0.392   7.690   1.00   35.35 ? 78   PRO A CB  1 
ATOM   645 C  CG  . PRO A 1 78 ? 11.941  -0.442  8.938   1.00   36.19 ? 78   PRO A CG  1 
ATOM   646 C  CD  . PRO A 1 78 ? 11.416  0.555   9.989   1.00   36.46 ? 78   PRO A CD  1 
ATOM   647 N  N   . GLY A 1 79 ? 9.561   0.850   5.875   1.00   32.80 ? 79   GLY A N   1 
ATOM   648 C  CA  . GLY A 1 79 ? 8.379   0.259   5.248   1.00   31.29 ? 79   GLY A CA  1 
ATOM   649 C  C   . GLY A 1 79 ? 8.093   -1.198  5.600   1.00   30.19 ? 79   GLY A C   1 
ATOM   650 O  O   . GLY A 1 79 ? 8.938   -1.896  6.153   1.00   29.61 ? 79   GLY A O   1 
ATOM   651 N  N   . PHE A 1 80 ? 6.873   -1.652  5.324   1.00   29.57 ? 80   PHE A N   1 
ATOM   652 C  CA  . PHE A 1 80 ? 6.561   -3.089  5.391   1.00   28.59 ? 80   PHE A CA  1 
ATOM   653 C  C   . PHE A 1 80 ? 7.104   -3.715  4.119   1.00   27.01 ? 80   PHE A C   1 
ATOM   654 O  O   . PHE A 1 80 ? 6.881   -3.175  3.048   1.00   26.70 ? 80   PHE A O   1 
ATOM   655 C  CB  . PHE A 1 80 ? 5.038   -3.354  5.413   1.00   28.89 ? 80   PHE A CB  1 
ATOM   656 C  CG  . PHE A 1 80 ? 4.345   -3.008  6.706   1.00   29.07 ? 80   PHE A CG  1 
ATOM   657 C  CD1 . PHE A 1 80 ? 4.808   -3.477  7.927   1.00   30.70 ? 80   PHE A CD1 1 
ATOM   658 C  CD2 . PHE A 1 80 ? 3.176   -2.247  6.687   1.00   30.34 ? 80   PHE A CD2 1 
ATOM   659 C  CE1 . PHE A 1 80 ? 4.141   -3.154  9.122   1.00   31.03 ? 80   PHE A CE1 1 
ATOM   660 C  CE2 . PHE A 1 80 ? 2.498   -1.937  7.865   1.00   30.34 ? 80   PHE A CE2 1 
ATOM   661 C  CZ  . PHE A 1 80 ? 2.981   -2.391  9.083   1.00   29.25 ? 80   PHE A CZ  1 
ATOM   662 N  N   . PHE A 1 81 ? 7.803   -4.837  4.226   1.00   25.98 ? 81   PHE A N   1 
ATOM   663 C  CA  . PHE A 1 81 ? 8.249   -5.546  3.025   1.00   25.47 ? 81   PHE A CA  1 
ATOM   664 C  C   . PHE A 1 81 ? 7.173   -6.516  2.558   1.00   24.94 ? 81   PHE A C   1 
ATOM   665 O  O   . PHE A 1 81 ? 6.644   -7.281  3.371   1.00   25.21 ? 81   PHE A O   1 
ATOM   666 C  CB  . PHE A 1 81 ? 9.587   -6.280  3.231   1.00   25.63 ? 81   PHE A CB  1 
ATOM   667 C  CG  . PHE A 1 81 ? 9.973   -7.168  2.068   1.00   26.39 ? 81   PHE A CG  1 
ATOM   668 C  CD1 . PHE A 1 81 ? 10.578  -6.639  0.947   1.00   25.64 ? 81   PHE A CD1 1 
ATOM   669 C  CD2 . PHE A 1 81 ? 9.688   -8.540  2.085   1.00   28.08 ? 81   PHE A CD2 1 
ATOM   670 C  CE1 . PHE A 1 81 ? 10.901  -7.451  -0.132  1.00   27.19 ? 81   PHE A CE1 1 
ATOM   671 C  CE2 . PHE A 1 81 ? 10.012  -9.356  1.007   1.00   25.81 ? 81   PHE A CE2 1 
ATOM   672 C  CZ  . PHE A 1 81 ? 10.617  -8.811  -0.093  1.00   25.48 ? 81   PHE A CZ  1 
ATOM   673 N  N   . ARG A 1 82 ? 6.868   -6.461  1.251   1.00   24.23 ? 82   ARG A N   1 
ATOM   674 C  CA  . ARG A 1 82 ? 5.940   -7.351  0.522   1.00   23.06 ? 82   ARG A CA  1 
ATOM   675 C  C   . ARG A 1 82 ? 6.428   -7.339  -0.938  1.00   22.35 ? 82   ARG A C   1 
ATOM   676 O  O   . ARG A 1 82 ? 6.970   -6.340  -1.321  1.00   23.11 ? 82   ARG A O   1 
ATOM   677 C  CB  . ARG A 1 82 ? 4.579   -6.641  0.441   1.00   23.31 ? 82   ARG A CB  1 
ATOM   678 C  CG  . ARG A 1 82 ? 3.731   -6.559  1.654   1.00   22.72 ? 82   ARG A CG  1 
ATOM   679 C  CD  . ARG A 1 82 ? 2.509   -7.420  1.539   1.00   23.32 ? 82   ARG A CD  1 
ATOM   680 N  NE  . ARG A 1 82 ? 2.512   -8.294  2.685   1.00   22.98 ? 82   ARG A NE  1 
ATOM   681 C  CZ  . ARG A 1 82 ? 1.797   -9.393  2.841   1.00   20.33 ? 82   ARG A CZ  1 
ATOM   682 N  NH1 . ARG A 1 82 ? 1.939   -10.060 3.969   1.00   22.43 ? 82   ARG A NH1 1 
ATOM   683 N  NH2 . ARG A 1 82 ? 0.964   -9.831  1.924   1.00   16.48 ? 82   ARG A NH2 1 
ATOM   684 N  N   . ASP A 1 83 ? 6.282   -8.307  -1.842  1.00   22.12 ? 83   ASP A N   1 
ATOM   685 C  CA  . ASP A 1 83 ? 6.444   -9.764  -1.867  1.00   20.76 ? 83   ASP A CA  1 
ATOM   686 C  C   . ASP A 1 83 ? 5.209   -10.645 -2.153  1.00   19.73 ? 83   ASP A C   1 
ATOM   687 O  O   . ASP A 1 83 ? 5.334   -11.657 -2.821  1.00   19.96 ? 83   ASP A O   1 
ATOM   688 C  CB  . ASP A 1 83 ? 7.555   -10.284 -0.941  1.00   21.14 ? 83   ASP A CB  1 
ATOM   689 C  CG  . ASP A 1 83 ? 7.506   -11.780 -0.711  1.00   20.62 ? 83   ASP A CG  1 
ATOM   690 O  OD1 . ASP A 1 83 ? 8.377   -12.532 -1.231  1.00   16.11 ? 83   ASP A OD1 1 
ATOM   691 O  OD2 . ASP A 1 83 ? 6.647   -12.277 0.040   1.00   21.46 ? 83   ASP A OD2 1 
ATOM   692 N  N   . GLN A 1 84 ? 4.028   -10.200 -1.737  1.00   18.56 ? 84   GLN A N   1 
ATOM   693 C  CA  . GLN A 1 84 ? 2.768   -10.903 -1.956  1.00   18.17 ? 84   GLN A CA  1 
ATOM   694 C  C   . GLN A 1 84 ? 1.602   -9.893  -1.770  1.00   17.76 ? 84   GLN A C   1 
ATOM   695 O  O   . GLN A 1 84 ? 1.744   -8.948  -1.022  1.00   16.96 ? 84   GLN A O   1 
ATOM   696 C  CB  . GLN A 1 84 ? 2.658   -12.073 -0.965  1.00   18.35 ? 84   GLN A CB  1 
ATOM   697 C  CG  . GLN A 1 84 ? 1.496   -13.023 -1.191  1.00   16.92 ? 84   GLN A CG  1 
ATOM   698 C  CD  . GLN A 1 84 ? 1.399   -14.157 -0.144  1.00   16.90 ? 84   GLN A CD  1 
ATOM   699 O  OE1 . GLN A 1 84 ? 0.847   -15.239 -0.435  1.00   18.86 ? 84   GLN A OE1 1 
ATOM   700 N  NE2 . GLN A 1 84 ? 1.886   -13.907 1.053   1.00   15.00 ? 84   GLN A NE2 1 
ATOM   701 N  N   . ASP A 1 85 ? 0.474   -10.073 -2.466  1.00   17.33 ? 85   ASP A N   1 
ATOM   702 C  CA  . ASP A 1 85 ? -0.768  -9.340  -2.116  1.00   17.44 ? 85   ASP A CA  1 
ATOM   703 C  C   . ASP A 1 85 ? -1.195  -9.843  -0.705  1.00   16.90 ? 85   ASP A C   1 
ATOM   704 O  O   . ASP A 1 85 ? -0.694  -10.867 -0.300  1.00   16.52 ? 85   ASP A O   1 
ATOM   705 C  CB  . ASP A 1 85 ? -1.883  -9.645  -3.138  1.00   17.74 ? 85   ASP A CB  1 
ATOM   706 C  CG  . ASP A 1 85 ? -1.409  -9.673  -4.576  1.00   17.80 ? 85   ASP A CG  1 
ATOM   707 O  OD1 . ASP A 1 85 ? -1.859  -10.560 -5.326  1.00   17.52 ? 85   ASP A OD1 1 
ATOM   708 O  OD2 . ASP A 1 85 ? -0.634  -8.850  -5.095  1.00   20.71 ? 85   ASP A OD2 1 
ATOM   709 N  N   . GLY A 1 86 ? -2.004  -9.173  0.131   1.00   17.02 ? 86   GLY A N   1 
ATOM   710 C  CA  . GLY A 1 86 ? -2.265  -7.780  0.169   1.00   16.44 ? 86   GLY A CA  1 
ATOM   711 C  C   . GLY A 1 86 ? -3.332  -7.205  1.108   1.00   14.59 ? 86   GLY A C   1 
ATOM   712 O  O   . GLY A 1 86 ? -3.721  -6.175  0.748   1.00   15.41 ? 86   GLY A O   1 
ATOM   713 N  N   . TRP A 1 87 ? -3.811  -7.786  2.227   1.00   15.22 ? 87   TRP A N   1 
ATOM   714 C  CA  . TRP A 1 87 ? -4.807  -7.077  3.128   1.00   14.84 ? 87   TRP A CA  1 
ATOM   715 C  C   . TRP A 1 87 ? -4.291  -6.756  4.530   1.00   15.88 ? 87   TRP A C   1 
ATOM   716 O  O   . TRP A 1 87 ? -4.102  -7.654  5.353   1.00   16.21 ? 87   TRP A O   1 
ATOM   717 C  CB  . TRP A 1 87 ? -6.175  -7.815  3.307   1.00   14.28 ? 87   TRP A CB  1 
ATOM   718 C  CG  . TRP A 1 87 ? -6.833  -8.207  2.088   1.00   13.80 ? 87   TRP A CG  1 
ATOM   719 C  CD1 . TRP A 1 87 ? -6.358  -9.089  1.166   1.00   14.73 ? 87   TRP A CD1 1 
ATOM   720 C  CD2 . TRP A 1 87 ? -8.097  -7.742  1.591   1.00   11.70 ? 87   TRP A CD2 1 
ATOM   721 N  NE1 . TRP A 1 87 ? -7.244  -9.201  0.121   1.00   15.87 ? 87   TRP A NE1 1 
ATOM   722 C  CE2 . TRP A 1 87 ? -8.324  -8.383  0.361   1.00   15.61 ? 87   TRP A CE2 1 
ATOM   723 C  CE3 . TRP A 1 87 ? -9.068  -6.837  2.069   1.00   14.77 ? 87   TRP A CE3 1 
ATOM   724 C  CZ2 . TRP A 1 87 ? -9.485  -8.155  -0.419  1.00   16.43 ? 87   TRP A CZ2 1 
ATOM   725 C  CZ3 . TRP A 1 87 ? -10.206 -6.593  1.300   1.00   13.58 ? 87   TRP A CZ3 1 
ATOM   726 C  CH2 . TRP A 1 87 ? -10.414 -7.270  0.075   1.00   15.85 ? 87   TRP A CH2 1 
ATOM   727 N  N   . PHE A 1 88 ? -4.107  -5.468  4.832   1.00   16.00 ? 88   PHE A N   1 
ATOM   728 C  CA  . PHE A 1 88 ? -3.613  -5.076  6.150   1.00   15.94 ? 88   PHE A CA  1 
ATOM   729 C  C   . PHE A 1 88 ? -4.657  -4.399  7.066   1.00   15.97 ? 88   PHE A C   1 
ATOM   730 O  O   . PHE A 1 88 ? -5.159  -3.354  6.734   1.00   15.74 ? 88   PHE A O   1 
ATOM   731 C  CB  . PHE A 1 88 ? -2.382  -4.193  5.980   1.00   15.63 ? 88   PHE A CB  1 
ATOM   732 C  CG  . PHE A 1 88 ? -1.750  -3.792  7.274   1.00   16.29 ? 88   PHE A CG  1 
ATOM   733 C  CD1 . PHE A 1 88 ? -0.881  -4.653  7.943   1.00   18.62 ? 88   PHE A CD1 1 
ATOM   734 C  CD2 . PHE A 1 88 ? -2.035  -2.564  7.837   1.00   16.09 ? 88   PHE A CD2 1 
ATOM   735 C  CE1 . PHE A 1 88 ? -0.263  -4.258  9.133   1.00   19.38 ? 88   PHE A CE1 1 
ATOM   736 C  CE2 . PHE A 1 88 ? -1.433  -2.172  9.010   1.00   18.05 ? 88   PHE A CE2 1 
ATOM   737 C  CZ  . PHE A 1 88 ? -0.536  -3.015  9.655   1.00   19.17 ? 88   PHE A CZ  1 
ATOM   738 N  N   . ASP A 1 89 ? -4.967  -5.013  8.213   1.00   16.95 ? 89   ASP A N   1 
ATOM   739 C  CA  . ASP A 1 89 ? -5.847  -4.421  9.224   1.00   18.20 ? 89   ASP A CA  1 
ATOM   740 C  C   . ASP A 1 89 ? -5.177  -4.253  10.596  1.00   19.55 ? 89   ASP A C   1 
ATOM   741 O  O   . ASP A 1 89 ? -5.846  -4.239  11.621  1.00   20.20 ? 89   ASP A O   1 
ATOM   742 C  CB  . ASP A 1 89 ? -7.076  -5.295  9.414   1.00   18.36 ? 89   ASP A CB  1 
ATOM   743 C  CG  . ASP A 1 89 ? -6.751  -6.661  9.979   1.00   18.61 ? 89   ASP A CG  1 
ATOM   744 O  OD1 . ASP A 1 89 ? -7.671  -7.530  9.838   1.00   17.84 ? 89   ASP A OD1 1 
ATOM   745 O  OD2 . ASP A 1 89 ? -5.661  -7.005  10.587  1.00   16.15 ? 89   ASP A OD2 1 
ATOM   746 N  N   . GLY A 1 90 ? -3.854  -4.122  10.619  1.00   20.92 ? 90   GLY A N   1 
ATOM   747 C  CA  . GLY A 1 90 ? -3.094  -4.215  11.850  1.00   21.31 ? 90   GLY A CA  1 
ATOM   748 C  C   . GLY A 1 90 ? -2.305  -5.509  11.817  1.00   21.78 ? 90   GLY A C   1 
ATOM   749 O  O   . GLY A 1 90 ? -1.281  -5.630  12.471  1.00   22.49 ? 90   GLY A O   1 
ATOM   750 N  N   . GLU A 1 91 ? -2.793  -6.482  11.056  1.00   21.61 ? 91   GLU A N   1 
ATOM   751 C  CA  . GLU A 1 91 ? -2.005  -7.665  10.692  1.00   20.58 ? 91   GLU A CA  1 
ATOM   752 C  C   . GLU A 1 91 ? -2.204  -7.890  9.194   1.00   20.68 ? 91   GLU A C   1 
ATOM   753 O  O   . GLU A 1 91 ? -3.194  -7.427  8.622   1.00   19.97 ? 91   GLU A O   1 
ATOM   754 C  CB  . GLU A 1 91 ? -2.442  -8.902  11.484  1.00   21.25 ? 91   GLU A CB  1 
ATOM   755 C  CG  . GLU A 1 91 ? -1.720  -10.199 11.115  1.00   23.01 ? 91   GLU A CG  1 
ATOM   756 C  CD  . GLU A 1 91 ? -0.206  -10.137 11.401  1.00   25.37 ? 91   GLU A CD  1 
ATOM   757 O  OE1 . GLU A 1 91 ? 0.143   -10.282 12.609  1.00   26.42 ? 91   GLU A OE1 1 
ATOM   758 O  OE2 . GLU A 1 91 ? 0.612   -9.930  10.442  1.00   20.04 ? 91   GLU A OE2 1 
ATOM   759 N  N   . TRP A 1 92 ? -1.240  -8.566  8.556   1.00   20.05 ? 92   TRP A N   1 
ATOM   760 C  CA  . TRP A 1 92 ? -1.357  -8.954  7.166   1.00   19.36 ? 92   TRP A CA  1 
ATOM   761 C  C   . TRP A 1 92 ? -2.121  -10.264 6.962   1.00   19.78 ? 92   TRP A C   1 
ATOM   762 O  O   . TRP A 1 92 ? -1.904  -11.259 7.667   1.00   19.51 ? 92   TRP A O   1 
ATOM   763 C  CB  . TRP A 1 92 ? 0.009   -9.033  6.520   1.00   18.64 ? 92   TRP A CB  1 
ATOM   764 C  CG  . TRP A 1 92 ? 0.637   -7.688  6.293   1.00   17.38 ? 92   TRP A CG  1 
ATOM   765 C  CD1 . TRP A 1 92 ? 1.556   -7.084  7.080   1.00   15.19 ? 92   TRP A CD1 1 
ATOM   766 C  CD2 . TRP A 1 92 ? 0.400   -6.793  5.190   1.00   18.65 ? 92   TRP A CD2 1 
ATOM   767 N  NE1 . TRP A 1 92 ? 1.919   -5.864  6.552   1.00   18.52 ? 92   TRP A NE1 1 
ATOM   768 C  CE2 . TRP A 1 92 ? 1.230   -5.661  5.383   1.00   16.60 ? 92   TRP A CE2 1 
ATOM   769 C  CE3 . TRP A 1 92 ? -0.401  -6.843  4.046   1.00   14.37 ? 92   TRP A CE3 1 
ATOM   770 C  CZ2 . TRP A 1 92 ? 1.255   -4.588  4.494   1.00   16.23 ? 92   TRP A CZ2 1 
ATOM   771 C  CZ3 . TRP A 1 92 ? -0.372  -5.788  3.165   1.00   16.98 ? 92   TRP A CZ3 1 
ATOM   772 C  CH2 . TRP A 1 92 ? 0.453   -4.660  3.392   1.00   15.57 ? 92   TRP A CH2 1 
ATOM   773 N  N   . HIS A 1 93 ? -3.030  -10.235 5.991   1.00   20.07 ? 93   HIS A N   1 
ATOM   774 C  CA  . HIS A 1 93 ? -3.766  -11.419 5.543   1.00   20.80 ? 93   HIS A CA  1 
ATOM   775 C  C   . HIS A 1 93 ? -3.650  -11.456 4.032   1.00   21.30 ? 93   HIS A C   1 
ATOM   776 O  O   . HIS A 1 93 ? -3.674  -10.393 3.398   1.00   20.42 ? 93   HIS A O   1 
ATOM   777 C  CB  . HIS A 1 93 ? -5.267  -11.327 5.877   1.00   20.39 ? 93   HIS A CB  1 
ATOM   778 C  CG  . HIS A 1 93 ? -5.572  -11.135 7.325   1.00   22.07 ? 93   HIS A CG  1 
ATOM   779 N  ND1 . HIS A 1 93 ? -5.985  -12.173 8.143   1.00   21.67 ? 93   HIS A ND1 1 
ATOM   780 C  CD2 . HIS A 1 93 ? -5.593  -10.017 8.093   1.00   22.07 ? 93   HIS A CD2 1 
ATOM   781 C  CE1 . HIS A 1 93 ? -6.204  -11.705 9.358   1.00   23.88 ? 93   HIS A CE1 1 
ATOM   782 N  NE2 . HIS A 1 93 ? -5.973  -10.402 9.354   1.00   23.51 ? 93   HIS A NE2 1 
ATOM   783 N  N   . VAL A 1 94 ? -3.555  -12.667 3.461   1.00   22.28 ? 94   VAL A N   1 
ATOM   784 C  CA  . VAL A 1 94 ? -3.553  -12.843 2.002   1.00   23.53 ? 94   VAL A CA  1 
ATOM   785 C  C   . VAL A 1 94 ? -4.912  -12.654 1.347   1.00   24.41 ? 94   VAL A C   1 
ATOM   786 O  O   . VAL A 1 94 ? -4.996  -11.988 0.309   1.00   23.73 ? 94   VAL A O   1 
ATOM   787 C  CB  . VAL A 1 94 ? -2.907  -14.192 1.521   1.00   23.82 ? 94   VAL A CB  1 
ATOM   788 C  CG1 . VAL A 1 94 ? -1.537  -14.359 2.144   1.00   24.42 ? 94   VAL A CG1 1 
ATOM   789 C  CG2 . VAL A 1 94 ? -3.833  -15.422 1.807   1.00   23.71 ? 94   VAL A CG2 1 
ATOM   790 N  N   . ASP A 1 95 ? -5.952  -13.257 1.940   1.00   26.00 ? 95   ASP A N   1 
ATOM   791 C  CA  . ASP A 1 95 ? -7.341  -12.991 1.568   1.00   27.72 ? 95   ASP A CA  1 
ATOM   792 C  C   . ASP A 1 95 ? -8.034  -12.102 2.611   1.00   28.36 ? 95   ASP A C   1 
ATOM   793 O  O   . ASP A 1 95 ? -7.601  -12.025 3.761   1.00   28.05 ? 95   ASP A O   1 
ATOM   794 C  CB  . ASP A 1 95 ? -8.149  -14.287 1.387   1.00   28.43 ? 95   ASP A CB  1 
ATOM   795 C  CG  . ASP A 1 95 ? -7.345  -15.420 0.727   1.00   30.51 ? 95   ASP A CG  1 
ATOM   796 O  OD1 . ASP A 1 95 ? -6.786  -15.222 -0.389  1.00   30.45 ? 95   ASP A OD1 1 
ATOM   797 O  OD2 . ASP A 1 95 ? -7.238  -16.545 1.266   1.00   32.45 ? 95   ASP A OD2 1 
ATOM   798 N  N   . ARG A 1 96 ? -9.126  -11.455 2.201   1.00   29.29 ? 96   ARG A N   1 
ATOM   799 C  CA  . ARG A 1 96 ? -9.945  -10.628 3.083   1.00   30.23 ? 96   ARG A CA  1 
ATOM   800 C  C   . ARG A 1 96 ? -10.239 -11.317 4.431   1.00   31.33 ? 96   ARG A C   1 
ATOM   801 O  O   . ARG A 1 96 ? -10.677 -12.465 4.443   1.00   31.87 ? 96   ARG A O   1 
ATOM   802 C  CB  . ARG A 1 96 ? -11.246 -10.253 2.379   1.00   29.60 ? 96   ARG A CB  1 
ATOM   803 C  CG  . ARG A 1 96 ? -11.972 -9.081  3.013   1.00   29.48 ? 96   ARG A CG  1 
ATOM   804 C  CD  . ARG A 1 96 ? -13.092 -8.547  2.165   1.00   27.35 ? 96   ARG A CD  1 
ATOM   805 N  NE  . ARG A 1 96 ? -13.986 -7.689  2.922   1.00   27.62 ? 96   ARG A NE  1 
ATOM   806 C  CZ  . ARG A 1 96 ? -14.924 -6.929  2.384   1.00   27.93 ? 96   ARG A CZ  1 
ATOM   807 N  NH1 . ARG A 1 96 ? -15.108 -6.902  1.069   1.00   28.10 ? 96   ARG A NH1 1 
ATOM   808 N  NH2 . ARG A 1 96 ? -15.684 -6.187  3.164   1.00   30.17 ? 96   ARG A NH2 1 
ATOM   809 N  N   . PRO A 1 97 ? -9.956  -10.649 5.556   1.00   32.36 ? 97   PRO A N   1 
ATOM   810 C  CA  . PRO A 1 97 ? -10.337 -11.181 6.877   1.00   33.77 ? 97   PRO A CA  1 
ATOM   811 C  C   . PRO A 1 97 ? -11.862 -11.336 7.018   1.00   35.37 ? 97   PRO A C   1 
ATOM   812 O  O   . PRO A 1 97 ? -12.637 -10.523 6.491   1.00   36.19 ? 97   PRO A O   1 
ATOM   813 C  CB  . PRO A 1 97 ? -9.786  -10.142 7.859   1.00   33.13 ? 97   PRO A CB  1 
ATOM   814 C  CG  . PRO A 1 97 ? -8.760  -9.395  7.099   1.00   32.38 ? 97   PRO A CG  1 
ATOM   815 C  CD  . PRO A 1 97 ? -9.189  -9.393  5.669   1.00   32.28 ? 97   PRO A CD  1 
ATOM   816 N  N   . GLY A 1 98 ? -12.283 -12.405 7.686   1.00   36.76 ? 98   GLY A N   1 
ATOM   817 C  CA  . GLY A 1 98 ? -13.699 -12.723 7.809   1.00   38.06 ? 98   GLY A CA  1 
ATOM   818 C  C   . GLY A 1 98 ? -14.086 -14.083 7.248   1.00   38.51 ? 98   GLY A C   1 
ATOM   819 O  O   . GLY A 1 98 ? -15.246 -14.301 6.867   1.00   38.79 ? 98   GLY A O   1 
HETATM 820 CD CD  . CD  B 2 .  ? -15.205 3.581   9.553   1.00   17.44 ? 1099 CD  A CD  1 
HETATM 821 CD CD  . CD  C 2 .  ? -6.785  -9.029  11.058  1.00   23.99 ? 1100 CD  A CD  1 
HETATM 822 CD CD  . CD  D 2 .  ? -4.923  2.905   -7.761  1.00   26.87 ? 1101 CD  A CD  1 
HETATM 823 CD CD  . CD  E 2 .  ? -16.743 2.946   -3.043  1.00   18.53 ? 1102 CD  A CD  1 
HETATM 824 O  O   . HOH F 3 .  ? 4.305   -15.470 -22.575 1.00   28.03 ? 2001 HOH A O   1 
HETATM 825 O  O   . HOH F 3 .  ? -3.843  -15.208 -21.691 1.00   13.77 ? 2002 HOH A O   1 
HETATM 826 O  O   . HOH F 3 .  ? -3.940  -12.621 -22.219 1.00   14.42 ? 2003 HOH A O   1 
HETATM 827 O  O   . HOH F 3 .  ? 4.281   -12.644 -20.671 1.00   25.42 ? 2004 HOH A O   1 
HETATM 828 O  O   . HOH F 3 .  ? -4.514  -4.475  -11.960 1.00   30.19 ? 2005 HOH A O   1 
HETATM 829 O  O   . HOH F 3 .  ? -5.050  -6.947  -11.960 1.00   34.56 ? 2006 HOH A O   1 
HETATM 830 O  O   . HOH F 3 .  ? -8.691  3.734   15.127  1.00   39.83 ? 2007 HOH A O   1 
HETATM 831 O  O   . HOH F 3 .  ? -3.759  12.159  -5.506  1.00   28.00 ? 2008 HOH A O   1 
HETATM 832 O  O   . HOH F 3 .  ? -9.394  -4.398  -6.569  1.00   44.20 ? 2009 HOH A O   1 
HETATM 833 O  O   . HOH F 3 .  ? 16.440  -4.482  -3.431  1.00   31.16 ? 2010 HOH A O   1 
HETATM 834 O  O   . HOH F 3 .  ? -11.302 1.359   10.475  1.00   26.83 ? 2011 HOH A O   1 
HETATM 835 O  O   . HOH F 3 .  ? 5.458   0.718   -14.176 1.00   35.01 ? 2012 HOH A O   1 
HETATM 836 O  O   . HOH F 3 .  ? -14.520 8.701   10.441  1.00   30.26 ? 2013 HOH A O   1 
HETATM 837 O  O   . HOH F 3 .  ? -10.890 2.803   12.815  1.00   27.98 ? 2014 HOH A O   1 
HETATM 838 O  O   . HOH F 3 .  ? -15.923 3.786   11.378  1.00   14.78 ? 2015 HOH A O   1 
HETATM 839 O  O   A HOH F 3 .  ? -9.371  6.218   14.542  0.50   11.41 ? 2016 HOH A O   1 
HETATM 840 O  O   . HOH F 3 .  ? -4.759  9.819   14.280  1.00   40.32 ? 2017 HOH A O   1 
HETATM 841 O  O   B HOH F 3 .  ? -8.366  6.101   14.388  0.50   34.28 ? 2018 HOH A O   1 
HETATM 842 O  O   . HOH F 3 .  ? -10.878 11.547  8.894   1.00   20.44 ? 2019 HOH A O   1 
HETATM 843 O  O   . HOH F 3 .  ? -3.581  6.359   13.173  1.00   35.01 ? 2020 HOH A O   1 
HETATM 844 O  O   . HOH F 3 .  ? -13.382 -2.475  -5.673  1.00   25.67 ? 2021 HOH A O   1 
HETATM 845 O  O   . HOH F 3 .  ? -6.185  13.794  -0.338  1.00   41.90 ? 2022 HOH A O   1 
HETATM 846 O  O   . HOH F 3 .  ? -4.416  12.425  -3.347  1.00   15.80 ? 2023 HOH A O   1 
HETATM 847 O  O   . HOH F 3 .  ? -2.168  -3.485  -12.675 1.00   24.03 ? 2024 HOH A O   1 
HETATM 848 O  O   . HOH F 3 .  ? 0.036   1.639   -12.830 0.50   33.81 ? 2025 HOH A O   1 
HETATM 849 O  O   . HOH F 3 .  ? 10.792  8.573   2.431   1.00   37.64 ? 2026 HOH A O   1 
HETATM 850 O  O   . HOH F 3 .  ? 15.451  -2.208  -5.327  1.00   33.52 ? 2027 HOH A O   1 
HETATM 851 O  O   . HOH F 3 .  ? 14.529  2.497   -3.785  1.00   30.59 ? 2028 HOH A O   1 
HETATM 852 O  O   . HOH F 3 .  ? 14.986  -4.369  -11.738 1.00   35.04 ? 2029 HOH A O   1 
HETATM 853 O  O   . HOH F 3 .  ? 4.478   4.918   -13.842 1.00   30.83 ? 2030 HOH A O   1 
HETATM 854 O  O   . HOH F 3 .  ? 7.924   2.450   -14.248 1.00   31.35 ? 2031 HOH A O   1 
HETATM 855 O  O   . HOH F 3 .  ? 5.703   3.931   -15.775 1.00   43.38 ? 2032 HOH A O   1 
HETATM 856 O  O   . HOH F 3 .  ? 9.963   8.983   -13.253 0.50   15.64 ? 2033 HOH A O   1 
HETATM 857 O  O   . HOH F 3 .  ? -8.758  -13.025 11.384  1.00   29.88 ? 2034 HOH A O   1 
HETATM 858 O  O   . HOH F 3 .  ? -14.028 -12.553 1.859   1.00   36.03 ? 2035 HOH A O   1 
HETATM 859 O  O   . HOH F 3 .  ? -10.988 -14.865 1.169   1.00   41.09 ? 2036 HOH A O   1 
HETATM 860 O  O   . HOH F 3 .  ? 9.801   11.280  -1.457  1.00   46.31 ? 2037 HOH A O   1 
HETATM 861 O  O   . HOH F 3 .  ? 5.141   17.641  -0.351  1.00   38.61 ? 2038 HOH A O   1 
HETATM 862 O  O   . HOH F 3 .  ? 5.234   15.079  -6.151  1.00   46.91 ? 2039 HOH A O   1 
HETATM 863 O  O   . HOH F 3 .  ? -0.664  13.239  -0.643  1.00   55.57 ? 2040 HOH A O   1 
HETATM 864 O  O   . HOH F 3 .  ? -9.807  -0.565  -7.473  1.00   19.70 ? 2041 HOH A O   1 
HETATM 865 O  O   . HOH F 3 .  ? -11.594 -0.568  -5.429  1.00   17.59 ? 2042 HOH A O   1 
HETATM 866 O  O   . HOH F 3 .  ? -5.170  0.687   -8.412  1.00   19.44 ? 2043 HOH A O   1 
HETATM 867 O  O   . HOH F 3 .  ? -14.030 -9.065  -0.906  1.00   26.02 ? 2044 HOH A O   1 
HETATM 868 O  O   . HOH F 3 .  ? -18.722 -6.822  -0.555  1.00   25.08 ? 2045 HOH A O   1 
HETATM 869 O  O   . HOH F 3 .  ? -20.330 -2.309  -1.036  1.00   31.68 ? 2046 HOH A O   1 
HETATM 870 O  O   . HOH F 3 .  ? -15.015 4.098   5.329   1.00   8.42  ? 2047 HOH A O   1 
HETATM 871 O  O   . HOH F 3 .  ? -12.999 -6.435  7.675   1.00   33.14 ? 2048 HOH A O   1 
HETATM 872 O  O   . HOH F 3 .  ? -13.357 5.735   5.285   1.00   25.07 ? 2049 HOH A O   1 
HETATM 873 O  O   . HOH F 3 .  ? -10.775 8.438   3.032   1.00   38.34 ? 2050 HOH A O   1 
HETATM 874 O  O   . HOH F 3 .  ? 1.490   2.486   -8.478  1.00   20.20 ? 2051 HOH A O   1 
HETATM 875 O  O   . HOH F 3 .  ? -6.139  -2.430  -6.400  1.00   18.02 ? 2052 HOH A O   1 
HETATM 876 O  O   . HOH F 3 .  ? 1.496   0.618   -11.014 1.00   29.32 ? 2053 HOH A O   1 
HETATM 877 O  O   . HOH F 3 .  ? 4.489   0.985   -11.203 1.00   19.70 ? 2054 HOH A O   1 
HETATM 878 O  O   . HOH F 3 .  ? -2.667  -2.008  -14.796 1.00   24.93 ? 2055 HOH A O   1 
HETATM 879 O  O   . HOH F 3 .  ? 7.451   -5.870  -14.641 1.00   28.22 ? 2056 HOH A O   1 
HETATM 880 O  O   . HOH F 3 .  ? 3.621   -9.516  -8.512  1.00   23.72 ? 2057 HOH A O   1 
HETATM 881 O  O   . HOH F 3 .  ? 6.996   -9.430  -12.201 1.00   37.60 ? 2058 HOH A O   1 
HETATM 882 O  O   . HOH F 3 .  ? 4.513   -12.270 -10.001 1.00   21.30 ? 2059 HOH A O   1 
HETATM 883 O  O   . HOH F 3 .  ? 12.069  -5.498  -3.141  1.00   30.54 ? 2060 HOH A O   1 
HETATM 884 O  O   . HOH F 3 .  ? 0.999   11.237  -0.380  1.00   35.55 ? 2061 HOH A O   1 
HETATM 885 O  O   . HOH F 3 .  ? 0.136   16.142  2.168   1.00   39.21 ? 2062 HOH A O   1 
HETATM 886 O  O   . HOH F 3 .  ? -2.758  14.517  9.886   1.00   34.80 ? 2063 HOH A O   1 
HETATM 887 O  O   . HOH F 3 .  ? 1.333   11.061  6.085   1.00   22.81 ? 2064 HOH A O   1 
HETATM 888 O  O   . HOH F 3 .  ? -1.325  7.785   12.539  1.00   31.35 ? 2065 HOH A O   1 
HETATM 889 O  O   . HOH F 3 .  ? 14.484  4.865   13.489  1.00   41.72 ? 2066 HOH A O   1 
HETATM 890 O  O   . HOH F 3 .  ? 8.652   5.857   8.777   1.00   25.95 ? 2067 HOH A O   1 
HETATM 891 O  O   . HOH F 3 .  ? 11.593  -3.039  5.355   1.00   36.06 ? 2068 HOH A O   1 
HETATM 892 O  O   . HOH F 3 .  ? 4.628   -8.304  5.501   1.00   20.73 ? 2069 HOH A O   1 
HETATM 893 O  O   . HOH F 3 .  ? 5.897   -13.953 1.273   1.00   11.62 ? 2070 HOH A O   1 
HETATM 894 O  O   . HOH F 3 .  ? 8.196   -15.165 -0.430  1.00   19.29 ? 2071 HOH A O   1 
HETATM 895 O  O   . HOH F 3 .  ? 5.049   -10.376 1.750   1.00   18.69 ? 2072 HOH A O   1 
HETATM 896 O  O   . HOH F 3 .  ? 3.941   -12.603 2.289   1.00   13.42 ? 2073 HOH A O   1 
HETATM 897 O  O   . HOH F 3 .  ? -3.706  -12.043 -4.764  1.00   16.68 ? 2074 HOH A O   1 
HETATM 898 O  O   . HOH F 3 .  ? -10.072 -6.455  10.125  1.00   21.26 ? 2075 HOH A O   1 
HETATM 899 O  O   . HOH F 3 .  ? -8.641  -3.824  12.588  1.00   30.13 ? 2076 HOH A O   1 
HETATM 900 O  O   . HOH F 3 .  ? -0.500  -3.876  14.419  1.00   20.99 ? 2077 HOH A O   1 
HETATM 901 O  O   . HOH F 3 .  ? -8.316  -14.512 8.347   1.00   36.24 ? 2078 HOH A O   1 
HETATM 902 O  O   . HOH F 3 .  ? -8.556  -10.443 11.330  1.00   15.78 ? 2079 HOH A O   1 
HETATM 903 O  O   . HOH F 3 .  ? -2.980  -14.737 5.407   1.00   24.86 ? 2080 HOH A O   1 
HETATM 904 O  O   . HOH F 3 .  ? -5.450  -14.558 -2.581  1.00   30.57 ? 2081 HOH A O   1 
HETATM 905 O  O   . HOH F 3 .  ? -9.541  -12.258 -0.803  1.00   43.85 ? 2082 HOH A O   1 
HETATM 906 O  O   . HOH F 3 .  ? -16.374 -10.078 2.170   1.00   40.94 ? 2083 HOH A O   1 
HETATM 907 O  O   . HOH F 3 .  ? -14.448 -12.128 4.582   1.00   44.92 ? 2084 HOH A O   1 
HETATM 908 O  O   . HOH F 3 .  ? -14.644 -15.666 9.567   1.00   38.28 ? 2085 HOH A O   1 
HETATM 909 O  O   . HOH F 3 .  ? -14.428 -14.835 4.419   1.00   48.64 ? 2086 HOH A O   1 
# 
